data_6EHS
#
_entry.id   6EHS
#
_cell.length_a   99.885
_cell.length_b   100.065
_cell.length_c   168.801
_cell.angle_alpha   90.00
_cell.angle_beta   90.00
_cell.angle_gamma   90.00
#
_symmetry.space_group_name_H-M   'P 21 21 21'
#
loop_
_entity.id
_entity.type
_entity.pdbx_description
1 polymer 'Hydrogenase-2 small chain'
2 polymer 'Hydrogenase-2 large chain'
3 non-polymer 'IRON/SULFUR CLUSTER'
4 non-polymer 'FE3-S4 CLUSTER'
5 non-polymer 'CARBONMONOXIDE-(DICYANO) IRON'
6 non-polymer 'NICKEL (II) ION'
7 non-polymer 'MAGNESIUM ION'
8 non-polymer DITHIONITE
9 water water
#
loop_
_entity_poly.entity_id
_entity_poly.type
_entity_poly.pdbx_seq_one_letter_code
_entity_poly.pdbx_strand_id
1 'polypeptide(L)'
;MEMAESVTNPQRPPVIWIGAQECTGCTESLLRATHPTVENLVLETISLEYHEVLSAAFGHQVEENKHNALEKYKGQYVLV
VDGSIPLKDNGIYCMVAGEPIVDHIRKAAEGAAAIIAIGSCSAWGGVAAAGVNPTGAVSLQEVLPGKTVINIPGCPPNPH
NFLATVAHIITYGKPPKLDDKNRPTFAYGRLIHEHCERRPHFDAGRFAKEFGDEGHREGWCLYHLGCKGPETYGNCSTLQ
FCDVGGVWPVAIGHPCYGCNEEGIGFHKGIHQLANVENQTPRSQKPDVNAKEGGHHHHHH
;
S,T
2 'polypeptide(L)'
;MSQRITIDPVTRIEGHLRIDCEIENGVVSKAWASGTMWRGMEEIVKNRDPRDAWMIVQRICGVCTTTHALSSVRAAESAL
NIDVPVNAQYIRNIILAAHTTHDHIVHFYQLSALDWVDITSALQADPTKASEMLKGVSTWHLNSPEEFTKVQNKIKDLVA
SGQLGIFANGYWGHPAMKLPPEVNLIAVAHYLQALECQRDANRVVALLGGKTPHIQNLAVGGVANPINLDGLGVLNLERL
MYIKSFIDKLSDFVEQVYKVDTAVIAAFYPEWLTRGKGAVNYLSVPEFPTDSKNGSFLFPGGYIENADLSSYRPITSHSD
EYLIKGIQESAKHSWYKDEAPQAPWEGTTIPAYDGWSDDGKYSWVKSPTFYGKTVEVGPLANMLVKLAAGRESTQNKLNE
IVAIYQKLTGNTLEVAQLHSTLGRIIGRTVHCCELQDILQNQYSALITNIGKGDHTTFVKPNIPATGEFKGVGFLEAPRG
MLSHWMVIKDGIISNYQAVVPSTWNSGPRNFNDDVGPYEQSLVGTPVADPNKPLEVVRTIHSFDP(CSO)MACAVH
;
L,M
#
loop_
_chem_comp.id
_chem_comp.type
_chem_comp.name
_chem_comp.formula
DTN non-polymer DITHIONITE 'O4 S2 -2'
F3S non-polymer 'FE3-S4 CLUSTER' 'Fe3 S4'
FCO non-polymer 'CARBONMONOXIDE-(DICYANO) IRON' 'C3 Fe N2 O'
MG non-polymer 'MAGNESIUM ION' 'Mg 2'
NI non-polymer 'NICKEL (II) ION' 'Ni 2'
SF4 non-polymer 'IRON/SULFUR CLUSTER' 'Fe4 S4'
#
# COMPACT_ATOMS: atom_id res chain seq x y z
N GLN A 11 18.76 -18.16 14.91
CA GLN A 11 19.78 -17.14 14.52
C GLN A 11 19.51 -16.60 13.14
N ARG A 12 19.75 -15.31 12.97
CA ARG A 12 19.53 -14.68 11.69
C ARG A 12 20.85 -14.48 10.95
N PRO A 13 20.79 -14.51 9.63
CA PRO A 13 22.02 -14.36 8.86
C PRO A 13 22.64 -12.99 8.95
N PRO A 14 23.96 -12.94 9.18
CA PRO A 14 24.64 -11.68 9.48
C PRO A 14 24.98 -10.91 8.22
N VAL A 15 24.88 -9.58 8.34
CA VAL A 15 25.20 -8.66 7.26
C VAL A 15 26.06 -7.53 7.83
N ILE A 16 27.11 -7.20 7.10
CA ILE A 16 27.99 -6.08 7.40
C ILE A 16 27.86 -5.10 6.23
N TRP A 17 27.49 -3.85 6.50
CA TRP A 17 27.26 -2.84 5.48
C TRP A 17 28.28 -1.74 5.67
N ILE A 18 29.08 -1.48 4.65
CA ILE A 18 30.13 -0.42 4.71
C ILE A 18 29.81 0.60 3.63
N GLY A 19 29.78 1.88 4.02
CA GLY A 19 29.60 2.96 3.09
C GLY A 19 30.93 3.62 2.76
N ALA A 20 31.17 3.78 1.47
CA ALA A 20 32.40 4.39 0.97
C ALA A 20 32.06 5.80 0.52
N GLN A 21 32.21 6.16 -0.75
CA GLN A 21 31.80 7.53 -1.21
C GLN A 21 30.32 7.46 -1.60
N GLU A 22 29.50 7.37 -0.59
CA GLU A 22 28.06 7.17 -0.74
C GLU A 22 27.32 8.47 -0.46
N CYS A 23 26.13 8.60 -1.05
CA CYS A 23 25.27 9.73 -0.71
C CYS A 23 24.19 9.31 0.30
N THR A 24 24.15 8.01 0.66
CA THR A 24 23.22 7.40 1.59
C THR A 24 21.86 7.06 0.94
N GLY A 25 21.70 7.36 -0.34
CA GLY A 25 20.44 7.00 -0.99
C GLY A 25 20.19 5.51 -1.06
N CYS A 26 21.23 4.69 -1.12
CA CYS A 26 21.07 3.27 -1.23
C CYS A 26 20.55 2.70 0.13
N THR A 27 21.05 3.22 1.26
CA THR A 27 20.44 2.90 2.54
C THR A 27 19.02 3.42 2.66
N GLU A 28 18.82 4.67 2.24
CA GLU A 28 17.50 5.23 2.29
C GLU A 28 16.47 4.44 1.49
N SER A 29 16.88 3.77 0.43
CA SER A 29 15.94 2.99 -0.38
C SER A 29 15.28 1.97 0.55
N LEU A 30 16.02 1.45 1.53
CA LEU A 30 15.43 0.45 2.46
C LEU A 30 14.22 0.96 3.24
N LEU A 31 14.21 2.26 3.51
CA LEU A 31 13.11 2.90 4.24
C LEU A 31 11.84 2.96 3.42
N ARG A 32 11.91 2.75 2.12
CA ARG A 32 10.71 2.68 1.25
C ARG A 32 10.23 1.24 1.07
N ALA A 33 11.05 0.29 1.39
CA ALA A 33 10.74 -1.12 1.15
C ALA A 33 9.53 -1.59 1.95
N THR A 34 8.81 -2.54 1.38
CA THR A 34 7.63 -3.11 2.03
C THR A 34 7.67 -4.63 2.17
N HIS A 35 8.62 -5.31 1.54
CA HIS A 35 8.61 -6.80 1.57
C HIS A 35 10.02 -7.37 1.49
N PRO A 36 10.79 -7.23 2.57
CA PRO A 36 10.39 -6.70 3.90
C PRO A 36 10.56 -5.21 4.10
N THR A 37 9.77 -4.70 5.00
CA THR A 37 9.99 -3.36 5.55
C THR A 37 11.32 -3.37 6.30
N VAL A 38 11.93 -2.21 6.43
CA VAL A 38 13.25 -2.16 7.12
C VAL A 38 13.20 -2.69 8.55
N GLU A 39 12.08 -2.50 9.25
CA GLU A 39 11.99 -3.04 10.62
C GLU A 39 11.91 -4.55 10.61
N ASN A 40 11.20 -5.16 9.65
CA ASN A 40 11.20 -6.62 9.57
C ASN A 40 12.51 -7.15 9.04
N LEU A 41 13.19 -6.39 8.19
CA LEU A 41 14.51 -6.79 7.74
C LEU A 41 15.45 -6.98 8.92
N VAL A 42 15.55 -5.96 9.74
CA VAL A 42 16.55 -5.98 10.80
C VAL A 42 16.15 -6.78 12.03
N LEU A 43 14.84 -6.96 12.28
CA LEU A 43 14.41 -7.76 13.44
C LEU A 43 14.15 -9.23 13.11
N GLU A 44 13.78 -9.55 11.86
CA GLU A 44 13.32 -10.89 11.49
C GLU A 44 14.16 -11.58 10.42
N THR A 45 14.60 -10.88 9.40
CA THR A 45 15.22 -11.49 8.23
C THR A 45 16.74 -11.67 8.36
N ILE A 46 17.41 -10.61 8.78
CA ILE A 46 18.87 -10.62 8.91
C ILE A 46 19.27 -10.15 10.28
N SER A 47 20.55 -10.30 10.61
CA SER A 47 21.15 -9.58 11.73
C SER A 47 22.10 -8.58 11.12
N LEU A 48 21.75 -7.30 11.21
CA LEU A 48 22.55 -6.23 10.63
C LEU A 48 23.61 -5.89 11.70
N GLU A 49 24.81 -6.41 11.51
CA GLU A 49 25.87 -6.37 12.52
C GLU A 49 26.67 -5.07 12.52
N TYR A 50 26.67 -4.39 11.40
CA TYR A 50 27.30 -3.09 11.29
C TYR A 50 26.60 -2.29 10.22
N HIS A 51 26.17 -1.08 10.62
CA HIS A 51 25.64 -0.11 9.67
C HIS A 51 25.67 1.23 10.37
N GLU A 52 26.51 2.11 9.87
CA GLU A 52 26.76 3.36 10.57
C GLU A 52 25.58 4.30 10.63
N VAL A 53 24.66 4.21 9.69
CA VAL A 53 23.50 5.12 9.73
C VAL A 53 22.54 4.79 10.88
N LEU A 54 22.42 3.51 11.23
CA LEU A 54 21.43 3.11 12.23
C LEU A 54 21.98 2.65 13.58
N SER A 55 23.29 2.40 13.67
N SER A 55 23.28 2.38 13.65
CA SER A 55 23.89 1.84 14.87
CA SER A 55 23.92 1.83 14.85
C SER A 55 23.73 2.72 16.11
C SER A 55 23.75 2.70 16.11
N ALA A 56 23.31 2.10 17.20
CA ALA A 56 23.29 2.77 18.52
C ALA A 56 24.72 3.16 18.94
N ALA A 57 25.64 2.21 18.78
CA ALA A 57 27.03 2.47 19.13
C ALA A 57 27.70 3.41 18.11
N PHE A 58 28.72 4.15 18.58
CA PHE A 58 29.51 5.03 17.76
C PHE A 58 31.00 4.82 18.05
N GLY A 59 31.84 5.46 17.25
CA GLY A 59 33.28 5.55 17.56
C GLY A 59 33.96 4.23 17.83
N HIS A 60 34.69 4.19 18.93
CA HIS A 60 35.45 2.99 19.32
C HIS A 60 34.51 1.85 19.56
N GLN A 61 33.32 2.14 20.11
CA GLN A 61 32.41 1.01 20.38
C GLN A 61 31.92 0.33 19.08
N VAL A 62 31.56 1.12 18.09
CA VAL A 62 31.04 0.55 16.85
C VAL A 62 32.18 -0.14 16.09
N GLU A 63 33.41 0.39 16.16
CA GLU A 63 34.52 -0.27 15.48
C GLU A 63 34.83 -1.62 16.17
N GLU A 64 34.76 -1.67 17.51
CA GLU A 64 34.82 -2.94 18.29
C GLU A 64 33.69 -3.89 17.83
N ASN A 65 32.47 -3.39 17.68
CA ASN A 65 31.36 -4.23 17.13
C ASN A 65 31.71 -4.87 15.80
N LYS A 66 32.28 -4.08 14.88
CA LYS A 66 32.60 -4.61 13.55
C LYS A 66 33.66 -5.68 13.65
N HIS A 67 34.71 -5.39 14.40
CA HIS A 67 35.82 -6.39 14.56
C HIS A 67 35.31 -7.69 15.15
N ASN A 68 34.47 -7.58 16.16
CA ASN A 68 33.89 -8.79 16.79
C ASN A 68 33.02 -9.60 15.83
N ALA A 69 32.25 -8.90 15.02
CA ALA A 69 31.39 -9.55 14.03
C ALA A 69 32.16 -10.20 12.92
N LEU A 70 33.21 -9.56 12.43
CA LEU A 70 34.04 -10.14 11.38
C LEU A 70 34.66 -11.45 11.84
N GLU A 71 35.00 -11.53 13.13
CA GLU A 71 35.54 -12.77 13.71
C GLU A 71 34.46 -13.82 13.98
N LYS A 72 33.40 -13.43 14.68
CA LYS A 72 32.35 -14.37 15.06
C LYS A 72 31.72 -15.00 13.82
N TYR A 73 31.51 -14.21 12.79
CA TYR A 73 30.75 -14.65 11.61
C TYR A 73 31.63 -14.88 10.38
N LYS A 74 32.93 -15.05 10.60
CA LYS A 74 33.84 -15.33 9.50
C LYS A 74 33.33 -16.48 8.63
N GLY A 75 33.27 -16.26 7.30
CA GLY A 75 32.77 -17.23 6.32
C GLY A 75 31.26 -17.25 6.14
N GLN A 76 30.53 -16.44 6.93
CA GLN A 76 29.07 -16.49 7.00
C GLN A 76 28.33 -15.22 6.60
N TYR A 77 28.98 -14.05 6.71
CA TYR A 77 28.25 -12.78 6.51
C TYR A 77 28.19 -12.34 5.06
N VAL A 78 27.13 -11.60 4.74
CA VAL A 78 27.04 -10.91 3.47
C VAL A 78 27.65 -9.53 3.70
N LEU A 79 28.64 -9.17 2.88
CA LEU A 79 29.19 -7.82 2.88
C LEU A 79 28.47 -7.03 1.81
N VAL A 80 27.96 -5.86 2.19
CA VAL A 80 27.33 -4.92 1.29
C VAL A 80 28.12 -3.63 1.31
N VAL A 81 28.40 -3.06 0.15
CA VAL A 81 29.04 -1.75 0.05
C VAL A 81 28.23 -0.84 -0.87
N ASP A 82 27.97 0.38 -0.38
CA ASP A 82 27.45 1.48 -1.22
C ASP A 82 28.51 2.55 -1.37
N GLY A 83 28.46 3.24 -2.48
CA GLY A 83 29.43 4.26 -2.79
C GLY A 83 30.63 3.72 -3.54
N SER A 84 31.29 4.60 -4.26
CA SER A 84 32.55 4.28 -4.95
C SER A 84 33.73 4.30 -3.98
N ILE A 85 34.85 3.74 -4.42
CA ILE A 85 36.01 3.62 -3.59
C ILE A 85 37.12 4.47 -4.26
N PRO A 86 37.62 5.50 -3.55
CA PRO A 86 38.56 6.43 -4.20
C PRO A 86 40.02 5.96 -4.01
N LEU A 87 40.73 5.76 -5.12
CA LEU A 87 42.09 5.24 -5.04
C LEU A 87 43.17 6.30 -5.12
N LYS A 88 42.81 7.50 -5.59
CA LYS A 88 43.80 8.56 -5.76
C LYS A 88 44.45 8.94 -4.42
N ASP A 89 45.74 9.27 -4.45
CA ASP A 89 46.45 9.76 -3.26
C ASP A 89 46.36 8.78 -2.06
N ASN A 90 46.54 7.50 -2.37
CA ASN A 90 46.62 6.43 -1.37
C ASN A 90 45.40 6.30 -0.50
N GLY A 91 44.23 6.57 -1.07
CA GLY A 91 42.98 6.28 -0.36
C GLY A 91 42.38 7.37 0.53
N ILE A 92 43.03 8.52 0.59
CA ILE A 92 42.68 9.53 1.60
C ILE A 92 41.39 10.33 1.35
N TYR A 93 40.73 10.11 0.22
CA TYR A 93 39.47 10.81 -0.05
C TYR A 93 38.29 10.15 0.68
N CYS A 94 38.48 9.04 1.35
CA CYS A 94 37.45 8.49 2.28
C CYS A 94 38.17 7.79 3.39
N MET A 95 38.26 8.46 4.55
CA MET A 95 38.95 7.91 5.74
C MET A 95 37.94 7.68 6.86
N VAL A 96 37.91 6.47 7.41
CA VAL A 96 37.04 6.17 8.55
C VAL A 96 37.93 5.59 9.64
N ALA A 97 37.77 6.13 10.85
CA ALA A 97 38.60 5.75 11.98
C ALA A 97 40.10 5.86 11.64
N GLY A 98 40.45 6.87 10.84
CA GLY A 98 41.86 7.15 10.49
C GLY A 98 42.50 6.22 9.46
N GLU A 99 41.70 5.40 8.76
CA GLU A 99 42.22 4.45 7.75
C GLU A 99 41.39 4.61 6.45
N PRO A 100 42.04 4.46 5.28
CA PRO A 100 41.33 4.51 4.02
C PRO A 100 40.20 3.43 3.95
N ILE A 101 39.07 3.82 3.40
CA ILE A 101 37.97 2.89 3.34
C ILE A 101 38.32 1.64 2.53
N VAL A 102 39.17 1.77 1.52
CA VAL A 102 39.58 0.60 0.73
C VAL A 102 40.18 -0.46 1.64
N ASP A 103 40.93 -0.05 2.69
CA ASP A 103 41.50 -1.06 3.63
C ASP A 103 40.43 -1.76 4.48
N HIS A 104 39.41 -1.00 4.93
CA HIS A 104 38.30 -1.58 5.68
C HIS A 104 37.52 -2.56 4.81
N ILE A 105 37.29 -2.17 3.55
CA ILE A 105 36.56 -3.04 2.61
C ILE A 105 37.31 -4.33 2.35
N ARG A 106 38.61 -4.23 2.04
CA ARG A 106 39.38 -5.43 1.72
C ARG A 106 39.46 -6.39 2.90
N LYS A 107 39.61 -5.85 4.11
CA LYS A 107 39.58 -6.66 5.33
C LYS A 107 38.25 -7.39 5.48
N ALA A 108 37.14 -6.65 5.33
CA ALA A 108 35.83 -7.26 5.49
C ALA A 108 35.54 -8.29 4.37
N ALA A 109 36.08 -8.08 3.17
CA ALA A 109 35.82 -8.98 2.06
C ALA A 109 36.46 -10.35 2.31
N GLU A 110 37.55 -10.39 3.07
CA GLU A 110 38.28 -11.64 3.29
C GLU A 110 37.43 -12.74 3.86
N GLY A 111 36.57 -12.42 4.83
CA GLY A 111 35.70 -13.41 5.47
C GLY A 111 34.26 -13.49 4.95
N ALA A 112 33.95 -12.81 3.86
CA ALA A 112 32.56 -12.70 3.42
C ALA A 112 32.09 -13.99 2.71
N ALA A 113 30.87 -14.42 3.02
CA ALA A 113 30.17 -15.49 2.26
C ALA A 113 29.68 -15.03 0.90
N ALA A 114 29.23 -13.77 0.83
CA ALA A 114 28.80 -13.17 -0.44
C ALA A 114 29.06 -11.67 -0.34
N ILE A 115 29.30 -11.04 -1.46
CA ILE A 115 29.64 -9.63 -1.50
C ILE A 115 28.74 -8.95 -2.55
N ILE A 116 28.06 -7.87 -2.12
CA ILE A 116 27.09 -7.16 -2.93
C ILE A 116 27.50 -5.66 -3.03
N ALA A 117 27.62 -5.18 -4.26
CA ALA A 117 27.76 -3.75 -4.59
C ALA A 117 26.34 -3.21 -4.86
N ILE A 118 25.79 -2.53 -3.88
CA ILE A 118 24.47 -1.92 -4.02
C ILE A 118 24.63 -0.49 -4.59
N GLY A 119 23.93 -0.21 -5.67
CA GLY A 119 23.96 1.06 -6.34
C GLY A 119 24.99 1.17 -7.44
N SER A 120 24.75 2.10 -8.36
CA SER A 120 25.67 2.37 -9.47
C SER A 120 27.07 2.80 -9.05
N CYS A 121 27.19 3.55 -7.95
CA CYS A 121 28.53 3.95 -7.51
C CYS A 121 29.42 2.76 -7.19
N SER A 122 28.94 1.85 -6.32
CA SER A 122 29.75 0.66 -6.04
C SER A 122 29.78 -0.30 -7.23
N ALA A 123 28.70 -0.41 -8.02
CA ALA A 123 28.66 -1.37 -9.13
C ALA A 123 29.60 -1.03 -10.28
N TRP A 124 29.74 0.24 -10.62
CA TRP A 124 30.58 0.66 -11.77
C TRP A 124 31.23 2.03 -11.63
N GLY A 125 31.17 2.61 -10.41
CA GLY A 125 31.76 3.93 -10.15
C GLY A 125 30.74 5.05 -10.06
N GLY A 126 29.71 4.99 -10.92
CA GLY A 126 28.59 5.88 -10.82
C GLY A 126 28.94 7.33 -10.97
N VAL A 127 28.12 8.17 -10.37
CA VAL A 127 28.29 9.63 -10.48
C VAL A 127 29.64 10.09 -9.94
N ALA A 128 30.10 9.47 -8.87
CA ALA A 128 31.35 9.87 -8.19
C ALA A 128 32.57 9.69 -9.08
N ALA A 129 32.47 8.77 -10.03
CA ALA A 129 33.56 8.48 -10.95
C ALA A 129 33.42 9.15 -12.32
N ALA A 130 32.40 9.99 -12.45
CA ALA A 130 32.11 10.62 -13.70
C ALA A 130 33.02 11.78 -14.03
N GLY A 131 33.00 12.15 -15.30
CA GLY A 131 33.75 13.32 -15.79
C GLY A 131 35.23 13.19 -15.51
N VAL A 132 35.77 14.25 -14.93
CA VAL A 132 37.16 14.26 -14.58
C VAL A 132 37.54 13.30 -13.45
N ASN A 133 36.56 12.75 -12.72
CA ASN A 133 36.83 11.76 -11.66
C ASN A 133 37.86 12.28 -10.64
N PRO A 134 37.47 13.34 -9.91
CA PRO A 134 38.44 14.04 -9.04
C PRO A 134 39.19 13.16 -8.05
N THR A 135 38.58 12.06 -7.60
CA THR A 135 39.16 11.22 -6.51
C THR A 135 39.64 9.85 -6.97
N GLY A 136 39.63 9.59 -8.29
CA GLY A 136 39.98 8.27 -8.78
C GLY A 136 39.06 7.18 -8.22
N ALA A 137 37.77 7.50 -8.16
CA ALA A 137 36.75 6.56 -7.70
C ALA A 137 36.59 5.40 -8.65
N VAL A 138 36.53 4.22 -8.07
CA VAL A 138 36.31 2.97 -8.78
C VAL A 138 35.23 2.12 -8.12
N SER A 139 34.85 1.08 -8.84
CA SER A 139 33.86 0.13 -8.37
C SER A 139 34.40 -0.82 -7.35
N LEU A 140 33.48 -1.48 -6.64
CA LEU A 140 33.83 -2.52 -5.67
C LEU A 140 34.55 -3.68 -6.33
N GLN A 141 34.06 -4.10 -7.49
CA GLN A 141 34.73 -5.18 -8.21
C GLN A 141 36.18 -4.85 -8.54
N GLU A 142 36.47 -3.59 -8.85
CA GLU A 142 37.83 -3.19 -9.16
C GLU A 142 38.77 -3.30 -7.95
N VAL A 143 38.25 -3.07 -6.76
CA VAL A 143 39.10 -3.16 -5.58
C VAL A 143 39.22 -4.58 -5.03
N LEU A 144 38.36 -5.50 -5.51
CA LEU A 144 38.33 -6.90 -5.05
C LEU A 144 38.48 -7.83 -6.27
N PRO A 145 39.62 -7.75 -6.98
CA PRO A 145 39.77 -8.54 -8.22
C PRO A 145 39.61 -10.05 -8.04
N GLY A 146 39.92 -10.60 -6.88
CA GLY A 146 39.77 -12.07 -6.67
C GLY A 146 38.36 -12.56 -6.34
N LYS A 147 37.41 -11.64 -6.19
CA LYS A 147 36.11 -11.95 -5.62
C LYS A 147 35.00 -11.79 -6.66
N THR A 148 33.95 -12.56 -6.49
CA THR A 148 32.75 -12.37 -7.29
C THR A 148 31.85 -11.38 -6.59
N VAL A 149 31.73 -10.19 -7.18
CA VAL A 149 30.86 -9.15 -6.61
C VAL A 149 29.54 -9.14 -7.34
N ILE A 150 28.45 -9.23 -6.58
CA ILE A 150 27.10 -9.17 -7.15
C ILE A 150 26.74 -7.69 -7.26
N ASN A 151 26.46 -7.23 -8.47
CA ASN A 151 26.20 -5.80 -8.74
C ASN A 151 24.69 -5.54 -8.81
N ILE A 152 24.21 -4.57 -8.05
CA ILE A 152 22.77 -4.23 -8.00
C ILE A 152 22.68 -2.73 -8.34
N PRO A 153 22.81 -2.40 -9.63
CA PRO A 153 22.94 -0.98 -9.98
C PRO A 153 21.61 -0.23 -9.99
N GLY A 154 21.74 1.06 -10.19
CA GLY A 154 20.67 2.03 -10.04
C GLY A 154 21.04 3.06 -9.00
N CYS A 155 20.35 4.19 -9.01
CA CYS A 155 20.81 5.34 -8.26
C CYS A 155 19.70 6.01 -7.51
N PRO A 156 19.13 5.33 -6.51
CA PRO A 156 19.44 3.96 -6.08
C PRO A 156 18.53 2.95 -6.75
N PRO A 157 18.89 1.67 -6.68
CA PRO A 157 17.96 0.66 -7.20
C PRO A 157 16.67 0.62 -6.36
N ASN A 158 15.61 0.03 -6.94
CA ASN A 158 14.49 -0.37 -6.12
C ASN A 158 15.04 -1.29 -5.02
N PRO A 159 14.68 -1.04 -3.75
CA PRO A 159 15.34 -1.80 -2.67
C PRO A 159 15.09 -3.29 -2.74
N HIS A 160 13.99 -3.71 -3.40
CA HIS A 160 13.72 -5.13 -3.52
C HIS A 160 14.63 -5.82 -4.53
N ASN A 161 15.32 -5.08 -5.40
CA ASN A 161 16.34 -5.69 -6.24
C ASN A 161 17.46 -6.22 -5.35
N PHE A 162 17.78 -5.49 -4.29
CA PHE A 162 18.70 -5.94 -3.26
C PHE A 162 18.07 -6.98 -2.33
N LEU A 163 16.88 -6.70 -1.78
CA LEU A 163 16.30 -7.57 -0.77
C LEU A 163 15.98 -8.98 -1.30
N ALA A 164 15.50 -9.08 -2.55
CA ALA A 164 15.20 -10.41 -3.13
C ALA A 164 16.49 -11.14 -3.52
N THR A 165 17.59 -10.42 -3.75
CA THR A 165 18.89 -11.05 -3.94
C THR A 165 19.37 -11.67 -2.62
N VAL A 166 19.32 -10.91 -1.54
CA VAL A 166 19.65 -11.43 -0.23
C VAL A 166 18.75 -12.62 0.15
N ALA A 167 17.46 -12.49 -0.11
CA ALA A 167 16.52 -13.58 0.20
C ALA A 167 16.89 -14.86 -0.54
N HIS A 168 17.34 -14.73 -1.78
CA HIS A 168 17.66 -15.89 -2.57
C HIS A 168 18.84 -16.60 -1.89
N ILE A 169 19.89 -15.83 -1.53
CA ILE A 169 21.02 -16.36 -0.78
C ILE A 169 20.55 -17.09 0.50
N ILE A 170 19.73 -16.43 1.31
CA ILE A 170 19.23 -16.99 2.58
C ILE A 170 18.36 -18.25 2.36
N THR A 171 17.38 -18.17 1.46
CA THR A 171 16.37 -19.22 1.35
C THR A 171 16.86 -20.44 0.60
N TYR A 172 17.58 -20.21 -0.49
CA TYR A 172 17.98 -21.29 -1.42
C TYR A 172 19.48 -21.54 -1.39
N GLY A 173 20.17 -20.74 -0.59
CA GLY A 173 21.61 -21.02 -0.37
C GLY A 173 22.60 -20.65 -1.45
N LYS A 174 22.21 -19.88 -2.46
CA LYS A 174 23.16 -19.41 -3.49
C LYS A 174 22.62 -18.07 -4.03
N PRO A 175 23.45 -17.32 -4.79
CA PRO A 175 22.93 -16.10 -5.39
C PRO A 175 21.89 -16.39 -6.45
N PRO A 176 21.06 -15.38 -6.77
CA PRO A 176 20.23 -15.49 -7.95
C PRO A 176 21.08 -15.65 -9.21
N LYS A 177 20.45 -16.06 -10.31
CA LYS A 177 21.13 -16.11 -11.60
C LYS A 177 21.60 -14.70 -11.97
N LEU A 178 22.83 -14.61 -12.48
CA LEU A 178 23.46 -13.35 -12.87
C LEU A 178 23.77 -13.27 -14.35
N ASP A 179 23.73 -12.06 -14.88
CA ASP A 179 24.18 -11.79 -16.24
C ASP A 179 25.72 -11.65 -16.29
N ASP A 180 26.24 -11.26 -17.45
CA ASP A 180 27.71 -11.19 -17.58
C ASP A 180 28.35 -9.99 -16.89
N LYS A 181 27.52 -9.06 -16.38
CA LYS A 181 27.97 -8.00 -15.47
C LYS A 181 27.68 -8.32 -13.99
N ASN A 182 27.38 -9.58 -13.69
CA ASN A 182 27.09 -10.05 -12.34
C ASN A 182 25.87 -9.36 -11.70
N ARG A 183 24.93 -8.98 -12.57
CA ARG A 183 23.67 -8.38 -12.15
C ARG A 183 22.57 -9.46 -12.13
N PRO A 184 21.74 -9.48 -11.06
CA PRO A 184 20.62 -10.46 -11.06
C PRO A 184 19.66 -10.31 -12.25
N THR A 185 19.44 -11.42 -12.95
CA THR A 185 18.61 -11.40 -14.18
C THR A 185 17.16 -11.05 -13.90
N PHE A 186 16.66 -11.34 -12.71
CA PHE A 186 15.24 -11.01 -12.39
C PHE A 186 14.99 -9.53 -12.45
N ALA A 187 16.05 -8.72 -12.20
CA ALA A 187 15.95 -7.28 -12.13
C ALA A 187 16.61 -6.56 -13.30
N TYR A 188 17.65 -7.16 -13.92
CA TYR A 188 18.44 -6.46 -14.92
C TYR A 188 18.58 -7.22 -16.22
N GLY A 189 17.72 -8.25 -16.41
CA GLY A 189 17.88 -9.09 -17.56
C GLY A 189 17.39 -8.59 -18.90
N ARG A 190 16.75 -7.41 -18.93
CA ARG A 190 16.14 -6.90 -20.14
C ARG A 190 16.29 -5.39 -20.19
N LEU A 191 16.46 -4.87 -21.41
CA LEU A 191 16.38 -3.42 -21.64
C LEU A 191 15.03 -2.85 -21.23
N ILE A 192 15.03 -1.66 -20.62
CA ILE A 192 13.80 -1.00 -20.25
C ILE A 192 12.92 -0.85 -21.50
N HIS A 193 13.50 -0.42 -22.62
CA HIS A 193 12.76 -0.24 -23.88
C HIS A 193 12.18 -1.53 -24.45
N GLU A 194 12.71 -2.67 -24.05
CA GLU A 194 12.19 -3.96 -24.48
C GLU A 194 11.07 -4.46 -23.56
N HIS A 195 10.67 -3.63 -22.59
CA HIS A 195 9.49 -3.95 -21.75
C HIS A 195 8.81 -2.67 -21.25
N CYS A 196 8.70 -1.69 -22.14
CA CYS A 196 8.15 -0.37 -21.78
C CYS A 196 6.77 -0.21 -22.38
N GLU A 197 5.82 0.23 -21.54
CA GLU A 197 4.46 0.43 -21.96
C GLU A 197 4.26 1.56 -22.94
N ARG A 198 5.28 2.41 -23.18
CA ARG A 198 5.12 3.44 -24.19
C ARG A 198 5.69 2.99 -25.55
N ARG A 199 6.13 1.74 -25.64
CA ARG A 199 6.65 1.23 -26.92
C ARG A 199 5.65 1.36 -28.10
N PRO A 200 4.35 1.15 -27.87
CA PRO A 200 3.46 1.41 -29.02
C PRO A 200 3.53 2.83 -29.62
N HIS A 201 3.75 3.81 -28.75
CA HIS A 201 3.88 5.17 -29.18
C HIS A 201 5.17 5.36 -29.97
N PHE A 202 6.26 4.84 -29.44
CA PHE A 202 7.54 4.79 -30.15
C PHE A 202 7.32 4.22 -31.58
N ASP A 203 6.67 3.05 -31.63
CA ASP A 203 6.45 2.37 -32.90
C ASP A 203 5.66 3.20 -33.90
N ALA A 204 4.69 3.97 -33.40
CA ALA A 204 3.82 4.80 -34.21
C ALA A 204 4.39 6.19 -34.54
N GLY A 205 5.55 6.53 -34.00
CA GLY A 205 6.08 7.89 -34.18
C GLY A 205 5.34 8.92 -33.37
N ARG A 206 4.72 8.48 -32.26
CA ARG A 206 3.99 9.34 -31.34
C ARG A 206 4.93 9.73 -30.18
N PHE A 207 5.49 10.94 -30.28
CA PHE A 207 6.50 11.41 -29.35
C PHE A 207 6.12 12.71 -28.69
N ALA A 208 6.43 12.81 -27.40
CA ALA A 208 6.50 14.10 -26.74
C ALA A 208 7.71 14.85 -27.31
N LYS A 209 7.54 16.15 -27.57
CA LYS A 209 8.68 16.98 -28.05
C LYS A 209 9.21 17.89 -26.96
N GLU A 210 8.33 18.34 -26.07
CA GLU A 210 8.66 19.19 -24.95
C GLU A 210 7.76 18.80 -23.79
N PHE A 211 8.26 18.91 -22.57
CA PHE A 211 7.38 18.79 -21.42
C PHE A 211 6.19 19.78 -21.54
N GLY A 212 5.00 19.26 -21.23
CA GLY A 212 3.78 20.04 -21.26
C GLY A 212 3.11 20.14 -22.61
N ASP A 213 3.73 19.56 -23.64
CA ASP A 213 3.10 19.60 -24.98
C ASP A 213 1.94 18.58 -25.07
N GLU A 214 1.22 18.63 -26.20
CA GLU A 214 0.03 17.81 -26.34
C GLU A 214 0.35 16.30 -26.24
N GLY A 215 1.43 15.86 -26.87
CA GLY A 215 1.84 14.46 -26.80
C GLY A 215 2.31 13.99 -25.43
N HIS A 216 3.07 14.85 -24.78
CA HIS A 216 3.48 14.61 -23.43
C HIS A 216 2.23 14.42 -22.52
N ARG A 217 1.21 15.28 -22.72
CA ARG A 217 0.00 15.26 -21.90
C ARG A 217 -0.93 14.11 -22.31
N GLU A 218 -0.57 13.36 -23.34
CA GLU A 218 -1.25 12.11 -23.67
C GLU A 218 -0.44 10.84 -23.36
N GLY A 219 0.70 10.99 -22.65
CA GLY A 219 1.48 9.86 -22.23
C GLY A 219 2.25 9.17 -23.34
N TRP A 220 2.69 9.95 -24.34
CA TRP A 220 3.40 9.42 -25.49
C TRP A 220 4.86 9.09 -25.14
N CYS A 221 5.56 8.46 -26.07
CA CYS A 221 6.96 8.02 -25.83
C CYS A 221 7.87 9.24 -25.63
N LEU A 222 8.83 9.04 -24.73
CA LEU A 222 9.78 10.08 -24.37
C LEU A 222 11.15 10.01 -25.05
N TYR A 223 11.24 9.22 -26.11
CA TYR A 223 12.52 9.03 -26.84
C TYR A 223 13.16 10.36 -27.24
N HIS A 224 12.36 11.25 -27.82
CA HIS A 224 12.89 12.54 -28.30
C HIS A 224 13.16 13.56 -27.20
N LEU A 225 12.80 13.22 -25.95
CA LEU A 225 13.25 13.96 -24.79
C LEU A 225 14.57 13.46 -24.22
N GLY A 226 15.16 12.42 -24.83
CA GLY A 226 16.37 11.84 -24.36
C GLY A 226 16.25 10.51 -23.60
N CYS A 227 15.11 9.85 -23.66
CA CYS A 227 14.96 8.61 -22.90
C CYS A 227 16.07 7.62 -23.22
N LYS A 228 16.69 7.13 -22.15
CA LYS A 228 17.75 6.14 -22.25
C LYS A 228 17.29 4.70 -22.12
N GLY A 229 15.99 4.49 -22.09
CA GLY A 229 15.45 3.12 -22.04
C GLY A 229 16.04 2.18 -23.07
N PRO A 230 16.31 2.67 -24.28
CA PRO A 230 16.88 1.77 -25.32
C PRO A 230 18.27 1.21 -25.05
N GLU A 231 18.98 1.81 -24.10
CA GLU A 231 20.32 1.39 -23.77
C GLU A 231 20.58 1.09 -22.32
N THR A 232 19.50 0.91 -21.54
CA THR A 232 19.60 0.71 -20.09
C THR A 232 18.88 -0.57 -19.67
N TYR A 233 19.60 -1.50 -19.03
CA TYR A 233 19.00 -2.73 -18.47
C TYR A 233 18.43 -2.42 -17.10
N GLY A 234 17.25 -2.97 -16.82
CA GLY A 234 16.62 -2.71 -15.55
C GLY A 234 15.20 -3.21 -15.52
N ASN A 235 14.54 -3.02 -14.38
CA ASN A 235 13.16 -3.42 -14.20
C ASN A 235 12.25 -2.24 -13.82
N CYS A 236 12.68 -1.04 -14.17
CA CYS A 236 11.96 0.14 -13.77
C CYS A 236 10.54 0.24 -14.35
N SER A 237 10.33 -0.32 -15.53
CA SER A 237 9.01 -0.25 -16.16
C SER A 237 8.02 -1.31 -15.62
N THR A 238 8.54 -2.36 -14.96
CA THR A 238 7.72 -3.47 -14.49
C THR A 238 7.59 -3.46 -12.97
N LEU A 239 8.71 -3.66 -12.27
CA LEU A 239 8.73 -3.53 -10.83
C LEU A 239 8.41 -2.08 -10.42
N GLN A 240 8.96 -1.12 -11.14
CA GLN A 240 8.70 0.29 -10.86
C GLN A 240 9.23 0.64 -9.47
N PHE A 241 8.62 1.60 -8.79
CA PHE A 241 9.15 2.06 -7.48
C PHE A 241 8.04 2.29 -6.48
N CYS A 242 8.36 2.08 -5.21
CA CYS A 242 7.58 2.45 -4.05
C CYS A 242 6.29 1.62 -3.79
N ASP A 243 6.01 0.62 -4.65
CA ASP A 243 4.93 -0.33 -4.45
C ASP A 243 3.54 0.30 -4.34
N VAL A 244 3.34 1.45 -4.97
CA VAL A 244 2.03 2.12 -4.95
C VAL A 244 1.28 1.92 -6.28
N GLY A 245 2.03 1.56 -7.31
CA GLY A 245 1.52 1.29 -8.62
C GLY A 245 1.64 2.49 -9.52
N GLY A 246 2.28 2.28 -10.68
CA GLY A 246 2.34 3.24 -11.72
C GLY A 246 3.44 4.28 -11.58
N VAL A 247 4.39 4.05 -10.67
CA VAL A 247 5.42 5.02 -10.38
C VAL A 247 6.82 4.60 -10.87
N TRP A 248 7.24 5.22 -11.97
CA TRP A 248 8.64 5.23 -12.39
C TRP A 248 8.85 6.46 -13.19
N PRO A 249 10.09 6.81 -13.50
CA PRO A 249 10.30 8.12 -14.11
C PRO A 249 9.49 8.39 -15.40
N VAL A 250 9.45 7.45 -16.33
CA VAL A 250 8.75 7.61 -17.61
C VAL A 250 7.27 7.71 -17.34
N ALA A 251 6.72 6.89 -16.44
CA ALA A 251 5.27 7.03 -16.18
C ALA A 251 4.90 8.39 -15.58
N ILE A 252 5.84 9.02 -14.83
CA ILE A 252 5.62 10.35 -14.26
C ILE A 252 5.75 11.43 -15.30
N GLY A 253 6.38 11.12 -16.42
CA GLY A 253 6.54 12.06 -17.51
C GLY A 253 7.96 12.45 -17.87
N HIS A 254 8.98 11.83 -17.24
CA HIS A 254 10.37 12.21 -17.52
C HIS A 254 11.14 11.04 -18.13
N PRO A 255 12.00 11.30 -19.13
CA PRO A 255 12.79 10.23 -19.73
C PRO A 255 13.66 9.51 -18.71
N CYS A 256 13.91 8.24 -18.97
CA CYS A 256 15.01 7.52 -18.32
C CYS A 256 16.34 8.24 -18.65
N TYR A 257 17.17 8.39 -17.61
CA TYR A 257 18.51 8.97 -17.72
C TYR A 257 19.62 7.94 -17.85
N GLY A 258 19.28 6.68 -17.66
CA GLY A 258 20.27 5.62 -17.75
C GLY A 258 21.05 5.42 -16.47
N CYS A 259 20.45 5.71 -15.32
CA CYS A 259 21.23 5.69 -14.08
C CYS A 259 21.74 4.31 -13.72
N ASN A 260 21.09 3.25 -14.20
CA ASN A 260 21.59 1.90 -13.97
C ASN A 260 22.89 1.57 -14.70
N GLU A 261 23.12 2.25 -15.83
CA GLU A 261 23.97 1.72 -16.91
C GLU A 261 25.25 2.53 -17.12
N GLU A 262 26.41 1.85 -16.93
CA GLU A 262 27.70 2.50 -17.12
C GLU A 262 27.82 3.06 -18.56
N GLY A 263 28.30 4.30 -18.64
CA GLY A 263 28.45 4.99 -19.89
C GLY A 263 27.22 5.74 -20.35
N ILE A 264 26.11 5.55 -19.63
CA ILE A 264 24.85 6.21 -19.99
C ILE A 264 24.57 7.26 -18.92
N GLY A 265 24.03 6.86 -17.77
CA GLY A 265 23.79 7.78 -16.68
C GLY A 265 25.07 8.51 -16.29
N PHE A 266 24.96 9.83 -16.11
CA PHE A 266 26.04 10.69 -15.63
C PHE A 266 27.08 10.98 -16.67
N HIS A 267 26.92 10.43 -17.87
CA HIS A 267 27.78 10.68 -19.02
C HIS A 267 27.05 11.37 -20.13
N LYS A 268 25.97 10.75 -20.59
CA LYS A 268 25.14 11.37 -21.58
C LYS A 268 24.23 12.44 -21.01
N GLY A 269 24.02 13.51 -21.76
CA GLY A 269 23.13 14.59 -21.36
C GLY A 269 21.71 14.07 -21.28
N ILE A 270 20.89 14.70 -20.46
CA ILE A 270 19.47 14.27 -20.34
C ILE A 270 18.79 14.21 -21.72
N HIS A 271 19.02 15.24 -22.54
CA HIS A 271 18.34 15.37 -23.81
C HIS A 271 19.04 14.68 -24.97
N GLN A 272 20.23 14.14 -24.73
CA GLN A 272 20.95 13.42 -25.77
C GLN A 272 20.19 12.14 -26.13
N LEU A 273 20.08 11.84 -27.43
CA LEU A 273 19.31 10.68 -27.85
C LEU A 273 20.10 9.40 -27.62
N ALA A 274 19.37 8.35 -27.23
CA ALA A 274 19.91 7.01 -27.13
C ALA A 274 20.05 6.35 -28.50
N ASN A 275 21.03 5.45 -28.58
CA ASN A 275 21.14 4.50 -29.71
C ASN A 275 20.11 3.39 -29.51
N VAL A 276 19.34 3.08 -30.55
CA VAL A 276 18.33 2.02 -30.52
C VAL A 276 18.81 0.82 -31.35
N GLU A 277 18.83 -0.36 -30.71
CA GLU A 277 19.17 -1.64 -31.38
C GLU A 277 18.06 -2.17 -32.24
N SER B 2 44.32 17.23 31.26
CA SER B 2 43.65 17.43 29.94
C SER B 2 43.68 16.10 29.21
N GLN B 3 42.60 15.70 28.56
CA GLN B 3 42.56 14.49 27.75
C GLN B 3 41.98 14.82 26.36
N ARG B 4 42.44 14.10 25.34
CA ARG B 4 41.95 14.24 23.98
C ARG B 4 41.22 12.98 23.63
N ILE B 5 40.00 13.13 23.16
CA ILE B 5 39.24 11.99 22.61
C ILE B 5 38.88 12.22 21.17
N THR B 6 38.64 11.10 20.50
CA THR B 6 38.16 11.12 19.13
CA THR B 6 38.20 11.08 19.11
C THR B 6 36.96 10.23 18.98
N ILE B 7 35.96 10.72 18.27
CA ILE B 7 34.76 9.93 17.96
C ILE B 7 34.78 9.82 16.44
N ASP B 8 35.05 8.61 15.94
CA ASP B 8 35.25 8.39 14.51
C ASP B 8 35.04 6.89 14.26
N PRO B 9 33.90 6.49 13.69
CA PRO B 9 32.88 7.34 13.09
C PRO B 9 31.80 7.79 14.06
N VAL B 10 31.28 8.99 13.86
CA VAL B 10 30.03 9.36 14.46
C VAL B 10 28.95 8.62 13.67
N THR B 11 28.12 7.85 14.34
CA THR B 11 27.06 7.08 13.67
C THR B 11 25.74 7.81 13.82
N ARG B 12 24.72 7.30 13.15
CA ARG B 12 23.37 7.90 13.20
C ARG B 12 23.38 9.35 12.72
N ILE B 13 24.19 9.54 11.68
CA ILE B 13 24.20 10.70 10.84
C ILE B 13 24.21 10.21 9.43
N GLU B 14 24.12 11.13 8.48
CA GLU B 14 24.48 10.84 7.11
C GLU B 14 25.98 11.13 6.92
N GLY B 15 26.70 10.14 6.41
CA GLY B 15 28.06 10.36 5.94
C GLY B 15 29.11 10.20 7.01
N HIS B 16 30.28 10.71 6.66
CA HIS B 16 31.50 10.43 7.37
C HIS B 16 31.99 11.65 8.17
N LEU B 17 31.83 11.56 9.48
CA LEU B 17 32.19 12.61 10.44
C LEU B 17 33.10 12.06 11.53
N ARG B 18 34.14 12.85 11.80
CA ARG B 18 35.00 12.67 12.97
C ARG B 18 34.86 13.89 13.85
N ILE B 19 34.71 13.66 15.16
CA ILE B 19 34.68 14.74 16.15
C ILE B 19 35.83 14.48 17.14
N ASP B 20 36.65 15.50 17.40
CA ASP B 20 37.65 15.40 18.44
C ASP B 20 37.33 16.43 19.51
N CYS B 21 37.59 16.09 20.77
CA CYS B 21 37.38 16.98 21.88
C CYS B 21 38.56 16.94 22.84
N GLU B 22 38.96 18.12 23.33
CA GLU B 22 39.82 18.22 24.50
C GLU B 22 38.87 18.29 25.68
N ILE B 23 39.14 17.52 26.72
CA ILE B 23 38.32 17.46 27.90
C ILE B 23 39.20 17.85 29.10
N GLU B 24 38.70 18.79 29.89
CA GLU B 24 39.41 19.29 31.08
C GLU B 24 38.49 19.04 32.25
N ASN B 25 38.90 18.17 33.16
CA ASN B 25 38.09 17.89 34.38
C ASN B 25 36.66 17.50 34.05
N GLY B 26 36.49 16.70 33.01
CA GLY B 26 35.16 16.13 32.67
C GLY B 26 34.25 17.10 31.94
N VAL B 27 34.81 18.17 31.38
CA VAL B 27 34.08 19.14 30.60
C VAL B 27 34.84 19.37 29.28
N VAL B 28 34.13 19.34 28.16
CA VAL B 28 34.76 19.67 26.89
C VAL B 28 35.22 21.12 26.89
N SER B 29 36.51 21.33 26.62
CA SER B 29 37.04 22.71 26.51
C SER B 29 37.25 23.22 25.10
N LYS B 30 37.37 22.29 24.14
CA LYS B 30 37.64 22.63 22.74
C LYS B 30 37.25 21.46 21.88
N ALA B 31 36.73 21.72 20.69
CA ALA B 31 36.35 20.65 19.78
C ALA B 31 36.73 20.96 18.34
N TRP B 32 36.80 19.89 17.56
CA TRP B 32 37.07 19.91 16.15
C TRP B 32 36.07 18.99 15.42
N ALA B 33 35.51 19.51 14.34
CA ALA B 33 34.64 18.73 13.44
C ALA B 33 35.38 18.51 12.15
N SER B 34 35.36 17.26 11.65
CA SER B 34 36.05 16.90 10.41
C SER B 34 35.19 16.03 9.51
N GLY B 35 34.90 16.55 8.33
CA GLY B 35 34.34 15.72 7.26
C GLY B 35 35.45 14.97 6.60
N THR B 36 35.37 13.64 6.59
CA THR B 36 36.49 12.79 6.20
C THR B 36 36.38 12.15 4.81
N MET B 37 35.31 12.51 4.05
CA MET B 37 35.11 12.01 2.69
C MET B 37 34.79 13.13 1.76
N TRP B 38 35.42 13.16 0.58
CA TRP B 38 35.12 14.11 -0.49
C TRP B 38 34.95 13.40 -1.78
N ARG B 39 34.03 13.90 -2.62
CA ARG B 39 33.81 13.37 -3.96
C ARG B 39 34.18 14.37 -5.09
N GLY B 40 34.08 15.67 -4.82
CA GLY B 40 34.28 16.67 -5.87
C GLY B 40 33.11 16.83 -6.82
N MET B 41 31.90 16.86 -6.26
CA MET B 41 30.68 16.96 -7.06
C MET B 41 30.62 18.28 -7.81
N GLU B 42 31.20 19.35 -7.24
CA GLU B 42 31.28 20.64 -7.97
C GLU B 42 32.11 20.54 -9.22
N GLU B 43 33.21 19.78 -9.16
CA GLU B 43 34.06 19.61 -10.32
C GLU B 43 33.42 18.66 -11.35
N ILE B 44 32.70 17.65 -10.86
CA ILE B 44 32.04 16.69 -11.77
C ILE B 44 31.01 17.37 -12.66
N VAL B 45 30.26 18.31 -12.09
CA VAL B 45 29.18 18.94 -12.85
C VAL B 45 29.65 20.03 -13.80
N LYS B 46 30.85 20.55 -13.58
CA LYS B 46 31.42 21.57 -14.45
C LYS B 46 31.50 21.10 -15.94
N ASN B 47 31.37 22.08 -16.84
CA ASN B 47 31.51 21.85 -18.28
C ASN B 47 30.38 21.02 -18.89
N ARG B 48 29.25 21.02 -18.21
CA ARG B 48 28.05 20.39 -18.76
C ARG B 48 27.01 21.41 -19.13
N ASP B 49 25.99 20.92 -19.84
CA ASP B 49 24.82 21.75 -20.13
C ASP B 49 24.13 22.15 -18.80
N PRO B 50 23.76 23.44 -18.63
CA PRO B 50 23.03 23.85 -17.41
C PRO B 50 21.78 23.05 -17.08
N ARG B 51 21.11 22.54 -18.12
CA ARG B 51 19.92 21.71 -17.92
C ARG B 51 20.16 20.38 -17.25
N ASP B 52 21.38 19.87 -17.34
CA ASP B 52 21.73 18.59 -16.81
C ASP B 52 22.17 18.60 -15.35
N ALA B 53 22.52 19.76 -14.83
CA ALA B 53 23.16 19.80 -13.51
C ALA B 53 22.35 19.15 -12.44
N TRP B 54 21.03 19.36 -12.45
CA TRP B 54 20.20 18.95 -11.33
C TRP B 54 20.21 17.42 -11.09
N MET B 55 20.32 16.65 -12.19
CA MET B 55 20.33 15.19 -12.08
C MET B 55 21.62 14.73 -11.45
N ILE B 56 22.71 15.46 -11.71
CA ILE B 56 24.00 15.08 -11.19
C ILE B 56 24.12 15.55 -9.74
N VAL B 57 23.85 16.82 -9.50
CA VAL B 57 24.04 17.32 -8.16
C VAL B 57 22.99 16.88 -7.12
N GLN B 58 21.86 16.32 -7.58
CA GLN B 58 20.95 15.70 -6.63
C GLN B 58 21.66 14.60 -5.84
N ARG B 59 22.63 13.98 -6.51
CA ARG B 59 23.42 12.92 -5.88
C ARG B 59 24.42 13.39 -4.82
N ILE B 60 24.45 14.70 -4.53
CA ILE B 60 25.15 15.14 -3.35
C ILE B 60 24.67 14.37 -2.15
N CYS B 61 23.35 14.13 -2.05
CA CYS B 61 22.85 13.47 -0.84
C CYS B 61 21.51 12.80 -1.14
N GLY B 62 21.37 11.59 -0.60
CA GLY B 62 20.17 10.81 -0.73
C GLY B 62 19.30 10.84 0.50
N VAL B 63 19.79 11.38 1.61
CA VAL B 63 18.97 11.58 2.80
C VAL B 63 18.10 12.79 2.53
N CYS B 64 18.74 13.91 2.20
CA CYS B 64 18.07 15.08 1.73
C CYS B 64 17.99 15.04 0.22
N THR B 65 17.42 13.94 -0.24
CA THR B 65 17.02 13.85 -1.62
C THR B 65 15.97 14.97 -1.89
N THR B 66 15.82 15.31 -3.17
CA THR B 66 15.03 16.43 -3.68
C THR B 66 15.69 17.80 -3.55
N THR B 67 16.43 18.01 -2.46
CA THR B 67 16.83 19.40 -2.13
C THR B 67 17.84 19.99 -3.11
N HIS B 68 18.88 19.24 -3.42
CA HIS B 68 19.91 19.72 -4.36
C HIS B 68 19.36 19.76 -5.78
N ALA B 69 18.41 18.85 -6.10
CA ALA B 69 17.79 18.91 -7.38
C ALA B 69 17.01 20.24 -7.57
N LEU B 70 16.21 20.59 -6.55
CA LEU B 70 15.38 21.79 -6.58
C LEU B 70 16.29 23.04 -6.57
N SER B 71 17.33 23.04 -5.74
CA SER B 71 18.24 24.20 -5.69
C SER B 71 18.96 24.40 -7.01
N SER B 72 19.32 23.31 -7.67
CA SER B 72 20.03 23.38 -8.94
C SER B 72 19.16 23.94 -10.03
N VAL B 73 17.90 23.46 -10.14
CA VAL B 73 17.04 24.04 -11.16
C VAL B 73 16.75 25.51 -10.86
N ARG B 74 16.60 25.85 -9.59
CA ARG B 74 16.40 27.25 -9.22
C ARG B 74 17.62 28.12 -9.62
N ALA B 75 18.82 27.57 -9.50
CA ALA B 75 20.01 28.30 -9.84
C ALA B 75 20.07 28.55 -11.33
N ALA B 76 19.74 27.54 -12.14
CA ALA B 76 19.73 27.73 -13.60
C ALA B 76 18.64 28.73 -14.02
N GLU B 77 17.48 28.61 -13.37
CA GLU B 77 16.35 29.54 -13.65
C GLU B 77 16.70 30.97 -13.27
N SER B 78 17.47 31.12 -12.17
CA SER B 78 18.02 32.40 -11.78
C SER B 78 18.95 32.96 -12.86
N ALA B 79 19.92 32.15 -13.28
CA ALA B 79 20.87 32.59 -14.31
C ALA B 79 20.15 33.01 -15.61
N LEU B 80 19.18 32.20 -15.99
CA LEU B 80 18.49 32.37 -17.28
C LEU B 80 17.33 33.39 -17.24
N ASN B 81 16.94 33.82 -16.03
CA ASN B 81 15.79 34.74 -15.80
C ASN B 81 14.46 34.12 -16.23
N ILE B 82 14.21 32.91 -15.74
CA ILE B 82 13.00 32.17 -16.06
C ILE B 82 12.05 32.29 -14.90
N ASP B 83 10.79 32.58 -15.23
CA ASP B 83 9.69 32.52 -14.27
C ASP B 83 9.00 31.16 -14.33
N VAL B 84 9.04 30.44 -13.23
CA VAL B 84 8.53 29.08 -13.20
C VAL B 84 6.98 29.08 -13.15
N PRO B 85 6.33 28.25 -13.98
CA PRO B 85 4.84 28.17 -13.89
C PRO B 85 4.34 27.83 -12.52
N VAL B 86 3.21 28.41 -12.14
CA VAL B 86 2.74 28.22 -10.78
C VAL B 86 2.40 26.74 -10.48
N ASN B 87 1.88 25.99 -11.45
CA ASN B 87 1.63 24.58 -11.18
C ASN B 87 2.93 23.84 -10.86
N ALA B 88 4.03 24.22 -11.55
CA ALA B 88 5.32 23.60 -11.23
C ALA B 88 5.75 23.95 -9.81
N GLN B 89 5.47 25.18 -9.35
CA GLN B 89 5.76 25.54 -7.96
C GLN B 89 4.94 24.69 -6.96
N TYR B 90 3.66 24.50 -7.23
CA TYR B 90 2.84 23.73 -6.33
C TYR B 90 3.42 22.29 -6.18
N ILE B 91 3.78 21.68 -7.31
CA ILE B 91 4.31 20.34 -7.34
C ILE B 91 5.67 20.24 -6.62
N ARG B 92 6.55 21.18 -6.94
CA ARG B 92 7.86 21.25 -6.24
C ARG B 92 7.66 21.40 -4.74
N ASN B 93 6.68 22.27 -4.35
CA ASN B 93 6.40 22.52 -2.95
C ASN B 93 5.89 21.29 -2.21
N ILE B 94 4.97 20.57 -2.85
CA ILE B 94 4.45 19.34 -2.25
C ILE B 94 5.56 18.31 -2.05
N ILE B 95 6.41 18.15 -3.04
CA ILE B 95 7.54 17.24 -2.90
C ILE B 95 8.46 17.65 -1.74
N LEU B 96 8.85 18.94 -1.71
CA LEU B 96 9.79 19.35 -0.64
C LEU B 96 9.18 19.21 0.75
N ALA B 97 7.89 19.57 0.87
CA ALA B 97 7.24 19.44 2.17
C ALA B 97 7.08 17.98 2.63
N ALA B 98 6.68 17.11 1.72
CA ALA B 98 6.54 15.70 2.03
C ALA B 98 7.88 15.06 2.33
N HIS B 99 8.89 15.38 1.50
CA HIS B 99 10.22 14.88 1.76
C HIS B 99 10.67 15.28 3.18
N THR B 100 10.50 16.56 3.49
CA THR B 100 11.03 17.09 4.77
C THR B 100 10.32 16.46 5.96
N THR B 101 9.03 16.12 5.78
CA THR B 101 8.29 15.37 6.78
C THR B 101 8.96 14.00 7.07
N HIS B 102 9.21 13.25 6.03
CA HIS B 102 9.95 11.97 6.17
C HIS B 102 11.29 12.23 6.88
N ASP B 103 12.00 13.23 6.42
CA ASP B 103 13.39 13.45 6.86
C ASP B 103 13.39 13.75 8.39
N HIS B 104 12.56 14.71 8.82
CA HIS B 104 12.50 15.08 10.23
C HIS B 104 12.07 13.91 11.12
N ILE B 105 11.05 13.16 10.70
CA ILE B 105 10.60 12.01 11.53
C ILE B 105 11.73 10.97 11.70
N VAL B 106 12.42 10.68 10.61
CA VAL B 106 13.52 9.72 10.65
C VAL B 106 14.65 10.27 11.53
N HIS B 107 14.92 11.58 11.44
CA HIS B 107 15.94 12.16 12.31
C HIS B 107 15.63 12.00 13.81
N PHE B 108 14.40 12.34 14.20
CA PHE B 108 14.03 12.27 15.59
C PHE B 108 14.08 10.84 16.16
N TYR B 109 13.56 9.89 15.38
CA TYR B 109 13.44 8.51 15.87
C TYR B 109 14.66 7.65 15.54
N GLN B 110 14.90 7.41 14.28
CA GLN B 110 15.94 6.50 13.83
C GLN B 110 17.33 7.00 14.09
N LEU B 111 17.54 8.30 13.99
CA LEU B 111 18.90 8.84 14.15
C LEU B 111 19.16 9.28 15.57
N SER B 112 18.21 9.94 16.22
CA SER B 112 18.48 10.62 17.47
C SER B 112 18.00 9.94 18.73
N ALA B 113 16.89 9.18 18.65
CA ALA B 113 16.25 8.73 19.87
C ALA B 113 17.17 7.89 20.76
N LEU B 114 18.04 7.09 20.14
CA LEU B 114 18.89 6.20 20.91
C LEU B 114 20.01 6.93 21.67
N ASP B 115 20.09 8.26 21.51
CA ASP B 115 20.93 9.06 22.41
C ASP B 115 20.28 9.28 23.80
N TRP B 116 18.94 9.23 23.85
CA TRP B 116 18.12 9.69 24.97
C TRP B 116 17.33 8.54 25.58
N VAL B 117 17.24 7.41 24.86
CA VAL B 117 16.41 6.24 25.22
C VAL B 117 17.29 5.05 25.45
N ASP B 118 17.00 4.33 26.52
CA ASP B 118 17.76 3.11 26.93
C ASP B 118 16.86 1.91 26.69
N ILE B 119 17.14 1.14 25.62
CA ILE B 119 16.28 0.00 25.21
C ILE B 119 16.26 -1.10 26.27
N THR B 120 17.39 -1.35 26.93
CA THR B 120 17.41 -2.43 27.92
C THR B 120 16.53 -2.06 29.11
N SER B 121 16.46 -0.75 29.43
CA SER B 121 15.59 -0.30 30.52
C SER B 121 14.12 -0.50 30.14
N ALA B 122 13.79 -0.44 28.85
CA ALA B 122 12.42 -0.78 28.40
C ALA B 122 11.92 -2.17 28.77
N LEU B 123 12.84 -3.14 28.89
CA LEU B 123 12.48 -4.47 29.36
C LEU B 123 11.90 -4.52 30.79
N GLN B 124 12.25 -3.55 31.65
CA GLN B 124 11.74 -3.50 33.03
C GLN B 124 10.41 -2.80 33.13
N ALA B 125 9.95 -2.22 32.04
CA ALA B 125 8.71 -1.43 32.04
C ALA B 125 7.45 -2.26 32.26
N ASP B 126 6.47 -1.62 32.89
CA ASP B 126 5.13 -2.14 33.01
C ASP B 126 4.29 -1.51 31.88
N PRO B 127 3.87 -2.29 30.91
CA PRO B 127 3.18 -1.69 29.75
C PRO B 127 1.89 -0.98 30.13
N THR B 128 1.17 -1.47 31.15
CA THR B 128 -0.04 -0.79 31.57
C THR B 128 0.25 0.60 32.19
N LYS B 129 1.25 0.66 33.05
CA LYS B 129 1.66 1.97 33.61
C LYS B 129 2.12 2.90 32.51
N ALA B 130 2.82 2.36 31.50
CA ALA B 130 3.33 3.18 30.37
C ALA B 130 2.17 3.83 29.66
N SER B 131 1.13 3.04 29.36
CA SER B 131 -0.06 3.56 28.69
C SER B 131 -0.80 4.61 29.55
N GLU B 132 -0.92 4.34 30.84
CA GLU B 132 -1.58 5.25 31.75
C GLU B 132 -0.88 6.62 31.80
N MET B 133 0.45 6.64 31.64
CA MET B 133 1.19 7.92 31.66
C MET B 133 0.79 8.86 30.53
N LEU B 134 0.28 8.30 29.43
CA LEU B 134 -0.14 9.11 28.31
C LEU B 134 -1.59 9.61 28.32
N LYS B 135 -2.37 9.20 29.32
CA LYS B 135 -3.79 9.57 29.40
C LYS B 135 -3.86 11.06 29.60
N GLY B 136 -4.61 11.75 28.75
CA GLY B 136 -4.66 13.20 28.71
C GLY B 136 -3.43 13.92 28.21
N VAL B 137 -2.43 13.21 27.72
CA VAL B 137 -1.22 13.81 27.18
C VAL B 137 -1.24 13.69 25.63
N SER B 138 -1.74 12.57 25.11
CA SER B 138 -1.90 12.38 23.69
C SER B 138 -3.23 11.69 23.42
N THR B 139 -3.77 11.95 22.23
CA THR B 139 -4.94 11.26 21.69
C THR B 139 -4.55 10.19 20.68
N TRP B 140 -3.26 9.85 20.55
CA TRP B 140 -2.84 8.85 19.59
C TRP B 140 -3.49 7.50 19.88
N HIS B 141 -3.92 6.86 18.81
CA HIS B 141 -4.68 5.60 18.91
C HIS B 141 -3.86 4.32 19.16
N LEU B 142 -2.51 4.43 19.13
CA LEU B 142 -1.65 3.27 19.32
C LEU B 142 -0.69 3.35 20.52
N ASN B 143 -1.24 3.79 21.63
CA ASN B 143 -0.54 3.86 22.91
C ASN B 143 -1.15 2.91 23.96
N SER B 144 -1.83 1.84 23.50
CA SER B 144 -2.45 0.90 24.41
C SER B 144 -1.40 0.01 25.10
N PRO B 145 -1.76 -0.53 26.29
CA PRO B 145 -0.87 -1.51 26.92
C PRO B 145 -0.59 -2.70 26.01
N GLU B 146 -1.54 -3.06 25.13
CA GLU B 146 -1.37 -4.21 24.25
C GLU B 146 -0.30 -3.94 23.18
N GLU B 147 -0.34 -2.72 22.63
CA GLU B 147 0.70 -2.27 21.69
C GLU B 147 2.08 -2.30 22.36
N PHE B 148 2.14 -1.74 23.56
CA PHE B 148 3.41 -1.69 24.27
C PHE B 148 3.95 -3.06 24.65
N THR B 149 3.06 -3.97 25.02
CA THR B 149 3.47 -5.32 25.34
C THR B 149 4.05 -6.03 24.09
N LYS B 150 3.40 -5.90 22.93
CA LYS B 150 3.90 -6.46 21.66
C LYS B 150 5.31 -5.93 21.34
N VAL B 151 5.50 -4.61 21.55
CA VAL B 151 6.81 -4.03 21.33
C VAL B 151 7.84 -4.55 22.33
N GLN B 152 7.48 -4.60 23.60
CA GLN B 152 8.36 -5.14 24.64
C GLN B 152 8.77 -6.55 24.30
N ASN B 153 7.84 -7.36 23.83
CA ASN B 153 8.17 -8.73 23.41
C ASN B 153 9.13 -8.80 22.21
N LYS B 154 9.01 -7.86 21.29
CA LYS B 154 9.94 -7.76 20.17
C LYS B 154 11.36 -7.49 20.71
N ILE B 155 11.48 -6.63 21.73
CA ILE B 155 12.78 -6.33 22.32
C ILE B 155 13.30 -7.59 23.04
N LYS B 156 12.44 -8.21 23.83
CA LYS B 156 12.78 -9.41 24.59
C LYS B 156 13.28 -10.49 23.63
N ASP B 157 12.57 -10.69 22.51
CA ASP B 157 12.98 -11.72 21.52
C ASP B 157 14.35 -11.38 20.87
N LEU B 158 14.62 -10.09 20.61
CA LEU B 158 15.88 -9.70 20.00
C LEU B 158 17.04 -10.01 20.98
N VAL B 159 16.88 -9.59 22.23
CA VAL B 159 17.88 -9.79 23.28
C VAL B 159 18.13 -11.29 23.50
N ALA B 160 17.04 -12.05 23.64
CA ALA B 160 17.11 -13.51 23.79
C ALA B 160 17.85 -14.21 22.64
N SER B 161 17.82 -13.64 21.42
CA SER B 161 18.54 -14.24 20.29
C SER B 161 20.07 -14.18 20.45
N GLY B 162 20.53 -13.27 21.29
CA GLY B 162 21.94 -12.94 21.40
C GLY B 162 22.55 -12.23 20.22
N GLN B 163 21.73 -11.75 19.28
CA GLN B 163 22.22 -11.05 18.09
C GLN B 163 21.58 -9.68 18.12
N LEU B 164 22.24 -8.74 18.81
CA LEU B 164 21.68 -7.40 18.97
C LEU B 164 21.93 -6.52 17.76
N GLY B 165 22.98 -6.86 16.99
CA GLY B 165 23.34 -6.18 15.77
C GLY B 165 23.51 -4.69 16.01
N ILE B 166 22.77 -3.91 15.25
CA ILE B 166 22.85 -2.43 15.35
C ILE B 166 22.41 -1.88 16.72
N PHE B 167 21.74 -2.68 17.55
CA PHE B 167 21.45 -2.25 18.90
C PHE B 167 22.54 -2.65 19.92
N ALA B 168 23.60 -3.32 19.47
CA ALA B 168 24.71 -3.83 20.35
C ALA B 168 25.67 -2.78 20.80
N ASN B 169 26.18 -2.96 22.03
CA ASN B 169 27.27 -2.18 22.59
C ASN B 169 26.75 -0.74 22.65
N GLY B 170 25.45 -0.59 22.86
CA GLY B 170 24.82 0.72 23.02
C GLY B 170 25.20 1.29 24.38
N TYR B 171 24.63 2.45 24.73
CA TYR B 171 25.03 3.18 25.95
C TYR B 171 24.01 2.87 27.04
N TRP B 172 23.70 1.58 27.20
CA TRP B 172 22.64 1.15 28.14
C TRP B 172 23.16 1.32 29.58
N GLY B 173 22.37 1.90 30.48
CA GLY B 173 22.82 2.18 31.87
C GLY B 173 23.73 3.42 32.08
N HIS B 174 24.04 4.13 31.01
CA HIS B 174 24.85 5.38 31.13
C HIS B 174 24.17 6.38 32.10
N PRO B 175 24.94 7.09 32.92
CA PRO B 175 24.40 8.06 33.90
C PRO B 175 23.58 9.24 33.29
N ALA B 176 23.82 9.54 32.01
CA ALA B 176 23.08 10.57 31.30
C ALA B 176 21.75 10.08 30.76
N MET B 177 21.45 8.81 30.90
CA MET B 177 20.14 8.29 30.52
C MET B 177 19.15 8.45 31.67
N LYS B 178 18.12 9.28 31.49
CA LYS B 178 17.27 9.73 32.56
C LYS B 178 15.81 9.25 32.45
N LEU B 179 15.42 8.59 31.36
CA LEU B 179 14.00 8.20 31.22
C LEU B 179 13.69 7.04 32.11
N PRO B 180 12.49 7.02 32.70
CA PRO B 180 12.07 5.81 33.40
C PRO B 180 11.83 4.63 32.41
N PRO B 181 11.86 3.38 32.89
CA PRO B 181 11.58 2.23 32.01
C PRO B 181 10.36 2.39 31.08
N GLU B 182 9.25 2.83 31.67
CA GLU B 182 8.01 3.02 30.93
C GLU B 182 8.17 3.97 29.72
N VAL B 183 8.92 5.05 29.93
CA VAL B 183 9.09 6.05 28.87
C VAL B 183 10.03 5.52 27.79
N ASN B 184 11.04 4.74 28.18
CA ASN B 184 11.87 4.05 27.21
C ASN B 184 11.05 3.09 26.32
N LEU B 185 10.10 2.37 26.93
CA LEU B 185 9.24 1.46 26.15
C LEU B 185 8.33 2.21 25.17
N ILE B 186 7.72 3.31 25.65
CA ILE B 186 6.90 4.16 24.82
C ILE B 186 7.71 4.64 23.60
N ALA B 187 8.94 5.07 23.87
CA ALA B 187 9.80 5.60 22.79
C ALA B 187 10.11 4.55 21.72
N VAL B 188 10.37 3.30 22.13
CA VAL B 188 10.61 2.23 21.17
C VAL B 188 9.37 1.95 20.34
N ALA B 189 8.20 1.94 20.98
CA ALA B 189 6.98 1.77 20.24
C ALA B 189 6.79 2.88 19.17
N HIS B 190 7.08 4.11 19.55
CA HIS B 190 6.94 5.22 18.64
C HIS B 190 8.00 5.20 17.53
N TYR B 191 9.21 4.71 17.86
CA TYR B 191 10.26 4.53 16.84
C TYR B 191 9.79 3.61 15.71
N LEU B 192 9.13 2.50 16.11
CA LEU B 192 8.60 1.56 15.10
C LEU B 192 7.42 2.14 14.35
N GLN B 193 6.52 2.85 15.06
CA GLN B 193 5.40 3.50 14.39
C GLN B 193 5.83 4.64 13.45
N ALA B 194 6.93 5.31 13.77
CA ALA B 194 7.47 6.36 12.90
C ALA B 194 7.81 5.84 11.51
N LEU B 195 8.23 4.57 11.47
CA LEU B 195 8.59 4.00 10.20
C LEU B 195 7.44 3.94 9.20
N GLU B 196 6.23 3.70 9.72
CA GLU B 196 5.04 3.68 8.84
C GLU B 196 4.73 5.10 8.37
N CYS B 197 4.83 6.09 9.27
CA CYS B 197 4.49 7.45 8.87
C CYS B 197 5.43 7.99 7.80
N GLN B 198 6.74 7.78 7.98
CA GLN B 198 7.68 8.26 7.01
C GLN B 198 7.53 7.58 5.66
N ARG B 199 7.11 6.29 5.68
CA ARG B 199 6.81 5.61 4.42
C ARG B 199 5.66 6.28 3.67
N ASP B 200 4.59 6.69 4.39
CA ASP B 200 3.49 7.42 3.75
C ASP B 200 3.94 8.76 3.17
N ALA B 201 4.84 9.45 3.87
CA ALA B 201 5.33 10.71 3.33
C ALA B 201 6.04 10.53 2.00
N ASN B 202 6.86 9.48 1.93
CA ASN B 202 7.58 9.23 0.69
C ASN B 202 6.73 8.67 -0.43
N ARG B 203 5.55 8.11 -0.09
CA ARG B 203 4.58 7.81 -1.14
C ARG B 203 4.07 9.07 -1.87
N VAL B 204 3.88 10.14 -1.09
CA VAL B 204 3.55 11.45 -1.71
C VAL B 204 4.65 11.85 -2.68
N VAL B 205 5.89 11.87 -2.18
CA VAL B 205 7.03 12.24 -3.00
C VAL B 205 7.12 11.40 -4.25
N ALA B 206 6.99 10.08 -4.11
CA ALA B 206 7.09 9.19 -5.25
C ALA B 206 6.06 9.44 -6.37
N LEU B 207 4.81 9.71 -5.96
CA LEU B 207 3.74 9.90 -6.96
C LEU B 207 3.94 11.12 -7.82
N LEU B 208 4.64 12.14 -7.29
CA LEU B 208 5.02 13.31 -8.07
C LEU B 208 6.45 13.25 -8.66
N GLY B 209 7.36 12.63 -7.91
CA GLY B 209 8.76 12.62 -8.35
C GLY B 209 9.14 11.52 -9.31
N GLY B 210 8.35 10.46 -9.38
CA GLY B 210 8.67 9.29 -10.20
C GLY B 210 9.39 8.12 -9.52
N LYS B 211 9.84 8.40 -8.30
CA LYS B 211 10.52 7.53 -7.36
C LYS B 211 11.09 8.40 -6.22
N THR B 212 11.52 7.75 -5.17
CA THR B 212 12.38 8.35 -4.15
C THR B 212 13.08 7.18 -3.45
N PRO B 213 14.38 7.27 -3.13
CA PRO B 213 15.21 8.44 -3.32
C PRO B 213 15.49 8.86 -4.77
N HIS B 214 15.79 10.12 -4.91
CA HIS B 214 16.25 10.77 -6.16
C HIS B 214 15.11 10.93 -7.12
N ILE B 215 14.39 12.03 -6.93
CA ILE B 215 13.27 12.33 -7.81
C ILE B 215 13.72 12.59 -9.23
N GLN B 216 12.78 12.49 -10.17
CA GLN B 216 13.11 12.61 -11.55
C GLN B 216 12.01 13.35 -12.33
N ASN B 217 11.41 14.37 -11.73
CA ASN B 217 10.33 15.10 -12.40
C ASN B 217 10.64 16.56 -12.61
N LEU B 218 11.85 17.02 -12.35
CA LEU B 218 12.16 18.43 -12.50
C LEU B 218 12.67 18.74 -13.92
N ALA B 219 12.72 20.03 -14.20
CA ALA B 219 13.36 20.56 -15.34
C ALA B 219 13.71 22.02 -15.09
N VAL B 220 14.79 22.50 -15.72
CA VAL B 220 15.02 23.93 -15.78
C VAL B 220 13.86 24.51 -16.63
N GLY B 221 12.99 25.27 -15.96
CA GLY B 221 11.75 25.73 -16.62
C GLY B 221 10.47 25.15 -16.02
N GLY B 222 10.54 24.18 -15.09
CA GLY B 222 9.35 23.72 -14.36
C GLY B 222 9.41 22.28 -13.95
N VAL B 223 8.42 21.50 -14.38
CA VAL B 223 8.37 20.07 -14.04
C VAL B 223 7.98 19.26 -15.26
N ALA B 224 8.24 17.96 -15.17
CA ALA B 224 7.94 16.99 -16.17
C ALA B 224 6.59 16.28 -15.99
N ASN B 225 5.85 16.62 -14.96
CA ASN B 225 4.53 15.99 -14.73
C ASN B 225 3.57 16.58 -15.76
N PRO B 226 2.86 15.75 -16.54
CA PRO B 226 1.88 16.27 -17.51
C PRO B 226 0.52 16.34 -16.88
N ILE B 227 0.02 17.56 -16.64
CA ILE B 227 -1.28 17.72 -16.01
C ILE B 227 -2.37 17.60 -17.07
N ASN B 228 -3.22 16.59 -16.90
CA ASN B 228 -4.39 16.42 -17.78
C ASN B 228 -5.39 15.57 -17.03
N LEU B 229 -6.41 16.21 -16.48
CA LEU B 229 -7.44 15.47 -15.71
C LEU B 229 -8.10 14.39 -16.51
N ASP B 230 -8.13 14.53 -17.84
CA ASP B 230 -8.77 13.59 -18.72
C ASP B 230 -7.87 12.65 -19.47
N GLY B 231 -6.59 12.63 -19.08
CA GLY B 231 -5.61 11.84 -19.78
C GLY B 231 -5.28 10.53 -19.11
N LEU B 232 -5.15 9.51 -19.93
CA LEU B 232 -4.64 8.23 -19.52
C LEU B 232 -3.12 8.27 -19.42
N GLY B 233 -2.58 7.71 -18.32
CA GLY B 233 -1.11 7.58 -18.17
C GLY B 233 -0.39 8.85 -17.76
N VAL B 234 -1.13 9.88 -17.37
CA VAL B 234 -0.52 11.16 -16.97
C VAL B 234 -1.07 11.59 -15.60
N LEU B 235 -0.79 12.82 -15.19
CA LEU B 235 -1.22 13.31 -13.86
C LEU B 235 -2.65 13.76 -14.00
N ASN B 236 -3.55 12.83 -13.69
CA ASN B 236 -5.00 13.02 -13.87
C ASN B 236 -5.67 13.08 -12.49
N LEU B 237 -7.02 13.14 -12.42
CA LEU B 237 -7.64 13.29 -11.15
C LEU B 237 -7.47 12.07 -10.25
N GLU B 238 -7.48 10.88 -10.82
CA GLU B 238 -7.27 9.66 -10.06
C GLU B 238 -5.89 9.70 -9.36
N ARG B 239 -4.86 10.13 -10.11
CA ARG B 239 -3.52 10.21 -9.52
C ARG B 239 -3.47 11.25 -8.40
N LEU B 240 -4.11 12.41 -8.63
CA LEU B 240 -4.14 13.44 -7.60
C LEU B 240 -4.87 12.97 -6.34
N MET B 241 -5.96 12.21 -6.52
CA MET B 241 -6.67 11.63 -5.38
C MET B 241 -5.81 10.66 -4.58
N TYR B 242 -4.99 9.94 -5.31
CA TYR B 242 -4.08 9.00 -4.66
C TYR B 242 -3.05 9.76 -3.83
N ILE B 243 -2.46 10.80 -4.42
CA ILE B 243 -1.52 11.67 -3.66
C ILE B 243 -2.20 12.18 -2.40
N LYS B 244 -3.44 12.69 -2.54
CA LYS B 244 -4.18 13.23 -1.40
C LYS B 244 -4.39 12.19 -0.29
N SER B 245 -4.63 10.93 -0.67
CA SER B 245 -4.84 9.88 0.30
C SER B 245 -3.63 9.67 1.21
N PHE B 246 -2.43 9.89 0.68
CA PHE B 246 -1.20 9.79 1.47
C PHE B 246 -0.93 11.06 2.28
N ILE B 247 -1.17 12.21 1.68
CA ILE B 247 -1.05 13.45 2.45
C ILE B 247 -1.86 13.37 3.76
N ASP B 248 -3.11 12.87 3.64
CA ASP B 248 -4.01 12.84 4.78
C ASP B 248 -3.56 11.86 5.90
N LYS B 249 -2.67 10.91 5.60
CA LYS B 249 -2.24 9.93 6.58
C LYS B 249 -1.11 10.44 7.49
N LEU B 250 -0.55 11.62 7.20
CA LEU B 250 0.66 12.04 7.97
C LEU B 250 0.36 12.74 9.28
N SER B 251 -0.70 13.55 9.32
CA SER B 251 -0.91 14.52 10.40
C SER B 251 -1.02 13.89 11.81
N ASP B 252 -1.77 12.77 11.96
CA ASP B 252 -2.00 12.27 13.28
C ASP B 252 -0.71 11.87 13.97
N PHE B 253 0.17 11.14 13.28
CA PHE B 253 1.41 10.73 13.93
C PHE B 253 2.27 11.98 14.28
N VAL B 254 2.34 12.91 13.34
CA VAL B 254 3.17 14.10 13.57
C VAL B 254 2.68 14.88 14.78
N GLU B 255 1.37 15.10 14.86
CA GLU B 255 0.79 15.88 15.92
C GLU B 255 0.64 15.17 17.26
N GLN B 256 0.28 13.87 17.23
CA GLN B 256 -0.09 13.15 18.45
C GLN B 256 1.05 12.29 18.98
N VAL B 257 2.13 12.15 18.18
CA VAL B 257 3.27 11.32 18.63
C VAL B 257 4.56 12.15 18.61
N TYR B 258 5.00 12.58 17.44
CA TYR B 258 6.26 13.30 17.29
C TYR B 258 6.26 14.60 18.12
N LYS B 259 5.20 15.40 17.96
CA LYS B 259 5.10 16.65 18.70
C LYS B 259 5.14 16.41 20.22
N VAL B 260 4.40 15.39 20.68
CA VAL B 260 4.29 15.09 22.08
C VAL B 260 5.63 14.59 22.63
N ASP B 261 6.24 13.64 21.91
CA ASP B 261 7.56 13.10 22.32
C ASP B 261 8.62 14.17 22.45
N THR B 262 8.55 15.19 21.59
CA THR B 262 9.52 16.29 21.68
C THR B 262 9.38 17.05 23.01
N ALA B 263 8.15 17.34 23.38
CA ALA B 263 7.90 18.01 24.66
C ALA B 263 8.34 17.17 25.83
N VAL B 264 8.10 15.86 25.73
CA VAL B 264 8.45 14.96 26.82
C VAL B 264 9.94 14.82 26.97
N ILE B 265 10.69 14.75 25.88
CA ILE B 265 12.15 14.65 26.00
C ILE B 265 12.66 15.91 26.71
N ALA B 266 12.14 17.07 26.36
CA ALA B 266 12.52 18.31 27.05
C ALA B 266 12.21 18.24 28.53
N ALA B 267 11.03 17.70 28.89
CA ALA B 267 10.62 17.58 30.29
C ALA B 267 11.58 16.74 31.16
N PHE B 268 12.13 15.67 30.60
CA PHE B 268 13.04 14.78 31.31
C PHE B 268 14.52 15.18 31.26
N TYR B 269 14.85 16.04 30.29
CA TYR B 269 16.22 16.47 30.07
C TYR B 269 16.36 18.00 30.07
N PRO B 270 15.82 18.69 31.08
CA PRO B 270 15.77 20.15 31.00
C PRO B 270 17.11 20.85 31.00
N GLU B 271 18.16 20.19 31.50
CA GLU B 271 19.52 20.78 31.45
C GLU B 271 19.99 20.97 30.00
N TRP B 272 19.39 20.25 29.06
CA TRP B 272 19.76 20.37 27.65
C TRP B 272 19.12 21.52 26.91
N LEU B 273 18.35 22.31 27.67
CA LEU B 273 17.94 23.65 27.26
C LEU B 273 18.97 24.75 27.59
N THR B 274 20.05 24.38 28.28
CA THR B 274 21.03 25.29 28.80
C THR B 274 22.42 25.00 28.25
N ARG B 275 22.51 24.11 27.27
CA ARG B 275 23.78 23.81 26.60
C ARG B 275 23.59 23.53 25.14
N GLY B 276 24.69 23.52 24.40
CA GLY B 276 24.65 23.29 22.94
C GLY B 276 24.35 24.49 22.08
N LYS B 277 24.56 25.71 22.61
CA LYS B 277 24.43 26.90 21.80
C LYS B 277 25.59 26.95 20.81
N GLY B 278 25.28 27.05 19.53
CA GLY B 278 26.28 27.04 18.49
C GLY B 278 26.70 28.37 17.90
N ALA B 279 25.81 29.34 17.94
CA ALA B 279 26.03 30.62 17.33
C ALA B 279 25.12 31.67 17.97
N VAL B 280 25.41 32.91 17.65
CA VAL B 280 24.53 34.03 18.03
C VAL B 280 23.87 34.64 16.81
N ASN B 281 24.20 34.18 15.60
CA ASN B 281 23.58 34.68 14.36
C ASN B 281 22.91 33.48 13.68
N TYR B 282 21.76 33.76 13.07
CA TYR B 282 20.92 32.75 12.44
C TYR B 282 20.41 33.25 11.11
N LEU B 283 20.33 32.35 10.15
CA LEU B 283 19.87 32.67 8.80
C LEU B 283 18.95 31.62 8.27
N SER B 284 17.87 32.05 7.64
CA SER B 284 16.98 31.18 6.90
C SER B 284 16.47 31.92 5.66
N VAL B 285 16.10 31.18 4.63
CA VAL B 285 15.51 31.77 3.42
C VAL B 285 14.02 31.45 3.43
N PRO B 286 13.24 32.36 2.82
CA PRO B 286 11.83 32.05 2.65
C PRO B 286 11.67 30.83 1.71
N GLU B 287 10.55 30.15 1.85
CA GLU B 287 10.33 28.90 1.12
C GLU B 287 8.88 28.72 0.72
N PHE B 288 8.67 27.93 -0.33
CA PHE B 288 7.36 27.56 -0.86
C PHE B 288 6.78 28.73 -1.62
N PRO B 289 7.39 29.06 -2.77
CA PRO B 289 6.82 30.14 -3.59
C PRO B 289 5.47 29.73 -4.19
N THR B 290 4.56 30.70 -4.32
CA THR B 290 3.20 30.44 -4.80
C THR B 290 2.71 31.38 -5.91
N ASP B 291 3.57 32.25 -6.45
CA ASP B 291 3.19 33.09 -7.56
C ASP B 291 3.86 32.62 -8.82
N SER B 292 3.64 33.41 -9.88
CA SER B 292 4.11 33.11 -11.21
C SER B 292 5.50 33.70 -11.49
N LYS B 293 6.12 34.30 -10.45
CA LYS B 293 7.36 35.02 -10.57
C LYS B 293 8.36 34.61 -9.50
N ASN B 294 8.34 33.31 -9.12
CA ASN B 294 9.38 32.74 -8.20
C ASN B 294 9.33 33.32 -6.79
N GLY B 295 8.19 33.88 -6.37
CA GLY B 295 8.06 34.44 -5.04
C GLY B 295 6.71 34.19 -4.40
N SER B 296 6.33 35.11 -3.51
CA SER B 296 5.16 34.98 -2.62
C SER B 296 5.26 33.68 -1.81
N PHE B 297 6.24 33.66 -0.93
CA PHE B 297 6.54 32.47 -0.18
C PHE B 297 5.61 32.23 0.98
N LEU B 298 5.24 30.98 1.21
CA LEU B 298 4.43 30.62 2.40
C LEU B 298 5.17 30.72 3.73
N PHE B 299 6.48 30.43 3.75
CA PHE B 299 7.28 30.54 4.95
C PHE B 299 8.25 31.70 4.79
N PRO B 300 8.41 32.51 5.87
CA PRO B 300 9.29 33.67 5.77
C PRO B 300 10.74 33.30 6.05
N GLY B 301 11.65 34.20 5.65
CA GLY B 301 13.06 34.06 5.94
C GLY B 301 13.61 35.35 6.51
N GLY B 302 14.88 35.30 6.89
CA GLY B 302 15.51 36.41 7.54
C GLY B 302 16.84 36.11 8.18
N TYR B 303 17.45 37.19 8.68
CA TYR B 303 18.74 37.14 9.35
C TYR B 303 18.63 37.73 10.73
N ILE B 304 19.03 36.97 11.74
CA ILE B 304 19.07 37.42 13.13
C ILE B 304 20.52 37.55 13.54
N GLU B 305 20.88 38.74 14.05
CA GLU B 305 22.25 39.03 14.48
C GLU B 305 22.26 39.17 16.00
N ASN B 306 23.23 38.53 16.64
CA ASN B 306 23.40 38.56 18.08
C ASN B 306 22.14 38.23 18.86
N ALA B 307 21.41 37.23 18.35
CA ALA B 307 20.20 36.67 18.96
C ALA B 307 19.10 37.68 19.17
N ASP B 308 19.11 38.82 18.47
CA ASP B 308 18.10 39.85 18.72
C ASP B 308 16.97 39.71 17.72
N LEU B 309 15.89 39.08 18.15
CA LEU B 309 14.77 38.87 17.25
C LEU B 309 14.10 40.19 16.90
N SER B 310 14.10 41.16 17.82
CA SER B 310 13.35 42.42 17.59
C SER B 310 13.97 43.26 16.47
N SER B 311 15.23 43.06 16.16
CA SER B 311 15.92 43.83 15.11
C SER B 311 16.34 42.99 13.89
N TYR B 312 15.72 41.82 13.73
CA TYR B 312 16.07 40.98 12.60
C TYR B 312 15.80 41.63 11.25
N ARG B 313 16.47 41.12 10.23
CA ARG B 313 16.32 41.60 8.88
C ARG B 313 15.52 40.60 8.04
N PRO B 314 14.27 40.96 7.66
CA PRO B 314 13.51 40.02 6.82
C PRO B 314 14.13 39.78 5.43
N ILE B 315 13.95 38.56 4.92
CA ILE B 315 14.34 38.24 3.58
C ILE B 315 13.08 37.69 2.93
N THR B 316 12.60 38.33 1.89
CA THR B 316 11.33 37.97 1.26
C THR B 316 11.49 37.52 -0.22
N SER B 317 12.72 37.55 -0.75
CA SER B 317 13.01 37.25 -2.13
C SER B 317 14.26 36.38 -2.23
N HIS B 318 14.26 35.42 -3.15
CA HIS B 318 15.46 34.68 -3.47
C HIS B 318 16.44 35.45 -4.33
N SER B 319 16.09 36.69 -4.74
CA SER B 319 17.01 37.57 -5.51
C SER B 319 17.54 38.70 -4.62
N ASP B 320 17.34 38.60 -3.29
CA ASP B 320 17.77 39.60 -2.32
C ASP B 320 19.29 39.82 -2.40
N GLU B 321 19.71 41.00 -2.86
CA GLU B 321 21.15 41.32 -3.01
C GLU B 321 21.92 41.33 -1.68
N TYR B 322 21.25 41.65 -0.58
CA TYR B 322 21.93 41.68 0.73
C TYR B 322 22.29 40.24 1.12
N LEU B 323 21.37 39.32 0.88
CA LEU B 323 21.65 37.91 1.12
C LEU B 323 22.77 37.43 0.23
N ILE B 324 22.63 37.69 -1.06
CA ILE B 324 23.59 37.20 -2.03
C ILE B 324 25.02 37.68 -1.74
N LYS B 325 25.15 38.98 -1.50
CA LYS B 325 26.49 39.56 -1.35
C LYS B 325 27.20 39.18 -0.06
N GLY B 326 26.45 38.77 0.97
CA GLY B 326 27.05 38.44 2.25
C GLY B 326 27.78 37.09 2.31
N ILE B 327 27.46 36.15 1.41
CA ILE B 327 27.91 34.77 1.58
C ILE B 327 29.30 34.57 1.00
N GLN B 328 30.23 34.07 1.85
CA GLN B 328 31.54 33.67 1.39
C GLN B 328 31.90 32.35 2.08
N GLU B 329 32.91 31.66 1.54
CA GLU B 329 33.47 30.48 2.20
C GLU B 329 35.01 30.56 2.20
N SER B 330 35.59 30.11 3.29
CA SER B 330 37.04 30.03 3.45
C SER B 330 37.51 28.58 3.53
N ALA B 331 38.72 28.32 3.12
CA ALA B 331 39.35 27.02 3.32
C ALA B 331 40.66 27.09 4.15
N LYS B 332 40.79 28.11 4.97
CA LYS B 332 41.99 28.25 5.81
C LYS B 332 42.28 26.98 6.61
N HIS B 333 41.24 26.39 7.25
CA HIS B 333 41.42 25.15 8.00
C HIS B 333 40.79 23.91 7.33
N SER B 334 40.59 24.01 6.02
CA SER B 334 40.03 22.93 5.22
C SER B 334 41.08 22.42 4.24
N TRP B 335 40.91 21.20 3.72
CA TRP B 335 41.86 20.63 2.77
C TRP B 335 41.73 21.10 1.31
N TYR B 336 41.69 22.42 1.12
CA TYR B 336 41.69 23.02 -0.23
C TYR B 336 42.81 24.07 -0.32
N LYS B 337 43.22 24.38 -1.52
CA LYS B 337 44.38 25.27 -1.76
C LYS B 337 44.09 26.74 -1.48
N ASP B 338 43.01 27.27 -2.02
CA ASP B 338 42.75 28.70 -1.87
C ASP B 338 42.05 29.03 -0.57
N GLU B 339 42.67 29.83 0.29
CA GLU B 339 42.22 30.03 1.66
C GLU B 339 41.39 31.31 1.97
N ALA B 340 41.59 32.39 1.20
CA ALA B 340 40.93 33.64 1.49
C ALA B 340 39.44 33.43 1.24
N PRO B 341 38.57 34.11 2.00
CA PRO B 341 37.14 33.96 1.74
C PRO B 341 36.78 34.28 0.31
N GLN B 342 35.93 33.41 -0.27
CA GLN B 342 35.51 33.47 -1.68
C GLN B 342 34.02 33.56 -1.76
N ALA B 343 33.54 34.51 -2.54
CA ALA B 343 32.14 34.50 -2.96
C ALA B 343 31.91 33.29 -3.87
N PRO B 344 30.78 32.58 -3.71
CA PRO B 344 30.71 31.32 -4.43
C PRO B 344 30.70 31.39 -5.97
N TRP B 345 30.27 32.47 -6.58
CA TRP B 345 30.41 32.61 -8.04
C TRP B 345 31.87 32.65 -8.48
N GLU B 346 32.77 33.03 -7.54
CA GLU B 346 34.22 33.05 -7.77
C GLU B 346 34.91 31.91 -7.01
N GLY B 347 34.13 30.94 -6.53
CA GLY B 347 34.72 29.87 -5.71
C GLY B 347 35.59 28.90 -6.47
N THR B 348 36.54 28.33 -5.73
CA THR B 348 37.32 27.19 -6.22
C THR B 348 37.24 26.06 -5.22
N THR B 349 37.54 24.86 -5.70
CA THR B 349 37.55 23.68 -4.85
C THR B 349 38.74 22.80 -5.25
N ILE B 350 39.92 23.27 -4.88
CA ILE B 350 41.15 22.63 -5.32
C ILE B 350 41.67 21.81 -4.18
N PRO B 351 41.62 20.46 -4.28
CA PRO B 351 42.00 19.72 -3.10
C PRO B 351 43.46 19.87 -2.72
N ALA B 352 43.72 19.85 -1.42
CA ALA B 352 45.09 20.07 -0.87
C ALA B 352 45.20 19.33 0.48
N TYR B 353 45.00 18.03 0.44
CA TYR B 353 45.06 17.23 1.66
C TYR B 353 46.48 17.15 2.21
N ASP B 354 46.59 17.39 3.51
CA ASP B 354 47.86 17.24 4.21
C ASP B 354 47.75 16.56 5.58
N GLY B 355 46.68 15.82 5.80
CA GLY B 355 46.45 15.15 7.05
C GLY B 355 45.91 16.06 8.13
N TRP B 356 45.46 15.42 9.18
CA TRP B 356 44.96 16.14 10.34
C TRP B 356 45.98 16.98 11.08
N SER B 357 45.66 18.21 11.36
CA SER B 357 46.48 19.09 12.20
C SER B 357 45.51 19.91 13.10
N ASP B 358 45.73 19.95 14.42
CA ASP B 358 44.89 20.72 15.33
C ASP B 358 44.82 22.19 14.99
N ASP B 359 45.94 22.75 14.51
CA ASP B 359 46.01 24.20 14.30
C ASP B 359 46.06 24.59 12.81
N GLY B 360 45.97 23.60 11.93
CA GLY B 360 46.03 23.82 10.49
C GLY B 360 44.76 23.30 9.85
N LYS B 361 44.94 22.52 8.81
CA LYS B 361 43.81 21.96 8.03
C LYS B 361 43.35 20.64 8.60
N TYR B 362 42.03 20.50 8.80
CA TYR B 362 41.53 19.28 9.44
C TYR B 362 40.19 18.76 8.94
N SER B 363 39.71 19.25 7.80
CA SER B 363 38.38 18.89 7.34
C SER B 363 38.21 19.13 5.84
N TRP B 364 37.38 18.30 5.21
CA TRP B 364 36.95 18.56 3.84
C TRP B 364 35.79 19.56 3.77
N VAL B 365 35.26 19.97 4.91
CA VAL B 365 34.18 21.00 4.91
C VAL B 365 34.83 22.40 4.83
N LYS B 366 34.31 23.26 3.94
CA LYS B 366 34.64 24.69 3.93
C LYS B 366 34.01 25.43 5.11
N SER B 367 34.45 26.69 5.33
CA SER B 367 33.96 27.53 6.40
C SER B 367 33.16 28.70 5.90
N PRO B 368 31.82 28.61 5.89
CA PRO B 368 31.05 29.75 5.35
C PRO B 368 30.83 30.86 6.39
N THR B 369 30.77 32.10 5.90
CA THR B 369 30.43 33.21 6.70
C THR B 369 29.41 34.09 6.00
N PHE B 370 28.69 34.87 6.81
CA PHE B 370 27.74 35.85 6.30
C PHE B 370 28.23 37.22 6.79
N TYR B 371 28.67 38.05 5.85
CA TYR B 371 29.40 39.34 6.17
C TYR B 371 30.43 39.12 7.25
N GLY B 372 31.20 38.07 7.11
CA GLY B 372 32.29 37.78 8.02
C GLY B 372 31.94 37.13 9.34
N LYS B 373 30.68 36.76 9.55
CA LYS B 373 30.29 36.15 10.78
C LYS B 373 29.92 34.68 10.60
N THR B 374 30.13 33.91 11.66
CA THR B 374 29.64 32.53 11.73
C THR B 374 28.15 32.54 12.03
N VAL B 375 27.45 31.61 11.38
CA VAL B 375 25.99 31.59 11.43
C VAL B 375 25.51 30.15 11.52
N GLU B 376 24.51 29.94 12.37
CA GLU B 376 23.82 28.66 12.44
C GLU B 376 22.60 28.71 11.51
N VAL B 377 22.45 27.63 10.74
CA VAL B 377 21.27 27.45 9.89
C VAL B 377 20.51 26.20 10.34
N GLY B 378 19.31 26.04 9.84
CA GLY B 378 18.52 24.87 10.12
C GLY B 378 17.28 25.18 10.91
N PRO B 379 16.59 24.16 11.42
CA PRO B 379 15.25 24.41 11.98
C PRO B 379 15.24 25.37 13.19
N LEU B 380 16.31 25.43 13.97
CA LEU B 380 16.38 26.47 15.06
C LEU B 380 16.36 27.87 14.44
N ALA B 381 17.21 28.05 13.43
CA ALA B 381 17.22 29.35 12.73
C ALA B 381 15.87 29.66 12.12
N ASN B 382 15.28 28.67 11.46
CA ASN B 382 14.02 28.89 10.76
C ASN B 382 12.90 29.21 11.75
N MET B 383 12.91 28.53 12.91
CA MET B 383 11.91 28.82 13.93
C MET B 383 12.11 30.23 14.53
N LEU B 384 13.35 30.59 14.89
CA LEU B 384 13.55 31.91 15.44
C LEU B 384 13.19 33.03 14.48
N VAL B 385 13.49 32.87 13.19
CA VAL B 385 13.13 33.87 12.19
C VAL B 385 11.60 33.97 12.09
N LYS B 386 10.90 32.82 12.10
CA LYS B 386 9.45 32.87 12.04
C LYS B 386 8.85 33.57 13.29
N LEU B 387 9.45 33.32 14.45
CA LEU B 387 9.03 34.02 15.68
C LEU B 387 9.33 35.50 15.56
N ALA B 388 10.50 35.86 15.04
CA ALA B 388 10.83 37.29 14.81
C ALA B 388 9.84 37.96 13.84
N ALA B 389 9.38 37.20 12.86
CA ALA B 389 8.40 37.70 11.89
C ALA B 389 7.01 37.80 12.45
N GLY B 390 6.77 37.28 13.66
CA GLY B 390 5.44 37.22 14.26
C GLY B 390 4.49 36.27 13.53
N ARG B 391 5.03 35.17 12.97
CA ARG B 391 4.19 34.22 12.29
C ARG B 391 3.32 33.48 13.33
N GLU B 392 2.01 33.66 13.28
CA GLU B 392 1.14 33.10 14.30
C GLU B 392 1.16 31.57 14.32
N SER B 393 1.21 30.96 13.15
CA SER B 393 1.27 29.51 13.05
C SER B 393 2.45 28.94 13.86
N THR B 394 3.60 29.58 13.74
CA THR B 394 4.77 29.08 14.45
C THR B 394 4.64 29.33 15.94
N GLN B 395 4.23 30.55 16.32
N GLN B 395 4.23 30.55 16.34
CA GLN B 395 3.99 30.86 17.74
CA GLN B 395 4.06 30.80 17.77
C GLN B 395 3.05 29.84 18.39
C GLN B 395 3.05 29.81 18.39
N ASN B 396 1.92 29.58 17.72
CA ASN B 396 0.91 28.67 18.25
C ASN B 396 1.41 27.24 18.37
N LYS B 397 2.22 26.80 17.39
CA LYS B 397 2.72 25.43 17.43
C LYS B 397 3.75 25.27 18.52
N LEU B 398 4.65 26.22 18.63
CA LEU B 398 5.61 26.22 19.74
C LEU B 398 4.85 26.18 21.10
N ASN B 399 3.83 27.04 21.21
CA ASN B 399 3.06 27.13 22.44
C ASN B 399 2.42 25.79 22.80
N GLU B 400 2.05 24.98 21.80
CA GLU B 400 1.49 23.64 22.08
C GLU B 400 2.52 22.71 22.73
N ILE B 401 3.75 22.78 22.25
CA ILE B 401 4.85 22.02 22.83
C ILE B 401 5.11 22.52 24.23
N VAL B 402 5.20 23.83 24.39
CA VAL B 402 5.44 24.42 25.70
C VAL B 402 4.34 23.99 26.70
N ALA B 403 3.07 23.98 26.27
CA ALA B 403 1.94 23.58 27.12
C ALA B 403 2.10 22.15 27.63
N ILE B 404 2.58 21.26 26.77
CA ILE B 404 2.80 19.86 27.21
C ILE B 404 3.95 19.81 28.23
N TYR B 405 5.02 20.51 27.92
CA TYR B 405 6.14 20.64 28.82
C TYR B 405 5.76 21.21 30.19
N GLN B 406 4.91 22.21 30.18
CA GLN B 406 4.43 22.85 31.41
C GLN B 406 3.53 21.90 32.20
N LYS B 407 2.69 21.12 31.53
CA LYS B 407 1.86 20.13 32.20
C LYS B 407 2.77 19.14 32.96
N LEU B 408 3.89 18.75 32.35
CA LEU B 408 4.76 17.73 32.96
C LEU B 408 5.72 18.25 34.01
N THR B 409 6.14 19.49 33.87
CA THR B 409 7.18 20.08 34.70
C THR B 409 6.73 21.23 35.61
N GLY B 410 5.59 21.90 35.33
CA GLY B 410 5.24 23.17 36.04
C GLY B 410 5.92 24.41 35.47
N ASN B 411 6.83 24.22 34.50
CA ASN B 411 7.63 25.36 33.98
C ASN B 411 7.27 25.73 32.54
N THR B 412 7.63 26.94 32.17
CA THR B 412 7.46 27.35 30.81
C THR B 412 8.83 27.36 30.14
N LEU B 413 8.82 27.67 28.86
CA LEU B 413 10.07 27.85 28.11
C LEU B 413 10.11 29.26 27.61
N GLU B 414 11.22 29.93 27.79
CA GLU B 414 11.42 31.23 27.18
C GLU B 414 12.32 31.08 25.95
N VAL B 415 12.29 32.10 25.09
CA VAL B 415 13.07 32.07 23.87
C VAL B 415 14.56 31.85 24.15
N ALA B 416 15.12 32.41 25.24
CA ALA B 416 16.54 32.20 25.56
C ALA B 416 16.87 30.71 25.67
N GLN B 417 15.90 29.92 26.15
CA GLN B 417 16.13 28.48 26.33
C GLN B 417 16.15 27.70 25.02
N LEU B 418 15.76 28.34 23.93
CA LEU B 418 15.71 27.71 22.65
C LEU B 418 17.07 27.73 21.97
N HIS B 419 18.03 28.52 22.49
CA HIS B 419 19.37 28.59 21.88
C HIS B 419 20.20 27.47 22.50
N SER B 420 19.88 26.27 22.11
CA SER B 420 20.31 25.09 22.80
C SER B 420 20.07 23.82 21.98
N THR B 421 20.67 22.73 22.46
CA THR B 421 20.45 21.41 21.90
C THR B 421 18.97 21.05 21.80
N LEU B 422 18.24 21.21 22.90
CA LEU B 422 16.79 20.91 22.82
C LEU B 422 16.02 21.92 22.03
N GLY B 423 16.43 23.18 22.03
CA GLY B 423 15.79 24.18 21.18
C GLY B 423 15.84 23.83 19.72
N ARG B 424 16.97 23.30 19.29
CA ARG B 424 17.17 22.89 17.96
C ARG B 424 16.23 21.72 17.56
N ILE B 425 16.11 20.76 18.46
CA ILE B 425 15.17 19.63 18.27
C ILE B 425 13.71 20.13 18.22
N ILE B 426 13.35 21.05 19.13
CA ILE B 426 12.02 21.66 19.12
C ILE B 426 11.74 22.39 17.81
N GLY B 427 12.71 23.16 17.33
CA GLY B 427 12.55 23.84 16.05
C GLY B 427 12.22 22.91 14.88
N ARG B 428 12.89 21.75 14.88
CA ARG B 428 12.67 20.74 13.87
C ARG B 428 11.26 20.17 13.95
N THR B 429 10.81 19.89 15.15
CA THR B 429 9.47 19.38 15.35
C THR B 429 8.42 20.39 14.92
N VAL B 430 8.62 21.64 15.33
CA VAL B 430 7.69 22.70 14.89
C VAL B 430 7.60 22.76 13.37
N HIS B 431 8.73 22.68 12.70
CA HIS B 431 8.79 22.70 11.24
C HIS B 431 7.95 21.55 10.68
N CYS B 432 8.20 20.34 11.18
CA CYS B 432 7.47 19.19 10.66
C CYS B 432 5.95 19.39 10.85
N CYS B 433 5.55 19.87 12.01
CA CYS B 433 4.13 20.17 12.25
C CYS B 433 3.59 21.18 11.24
N GLU B 434 4.28 22.31 11.07
CA GLU B 434 3.81 23.37 10.15
C GLU B 434 3.73 22.93 8.69
N LEU B 435 4.61 21.99 8.33
CA LEU B 435 4.64 21.48 6.97
C LEU B 435 3.36 20.73 6.58
N GLN B 436 2.60 20.22 7.56
CA GLN B 436 1.38 19.51 7.21
C GLN B 436 0.35 20.45 6.62
N ASP B 437 0.31 21.67 7.13
CA ASP B 437 -0.58 22.68 6.55
C ASP B 437 -0.07 23.13 5.15
N ILE B 438 1.25 23.19 4.97
CA ILE B 438 1.79 23.52 3.65
C ILE B 438 1.29 22.49 2.63
N LEU B 439 1.36 21.23 3.00
CA LEU B 439 0.86 20.18 2.11
C LEU B 439 -0.62 20.33 1.72
N GLN B 440 -1.46 20.52 2.75
CA GLN B 440 -2.89 20.73 2.48
C GLN B 440 -3.12 21.95 1.60
N ASN B 441 -2.41 23.04 1.92
CA ASN B 441 -2.57 24.32 1.20
C ASN B 441 -2.20 24.16 -0.28
N GLN B 442 -1.04 23.52 -0.53
CA GLN B 442 -0.55 23.41 -1.89
C GLN B 442 -1.28 22.36 -2.73
N TYR B 443 -1.77 21.27 -2.12
CA TYR B 443 -2.65 20.36 -2.81
C TYR B 443 -3.92 21.08 -3.25
N SER B 444 -4.52 21.81 -2.30
CA SER B 444 -5.75 22.56 -2.60
CA SER B 444 -5.76 22.57 -2.60
C SER B 444 -5.52 23.60 -3.71
N ALA B 445 -4.40 24.31 -3.62
CA ALA B 445 -4.03 25.30 -4.65
C ALA B 445 -3.89 24.69 -6.04
N LEU B 446 -3.26 23.52 -6.12
CA LEU B 446 -3.11 22.85 -7.38
C LEU B 446 -4.47 22.43 -7.98
N ILE B 447 -5.32 21.83 -7.17
CA ILE B 447 -6.64 21.35 -7.66
C ILE B 447 -7.43 22.57 -8.14
N THR B 448 -7.40 23.63 -7.35
CA THR B 448 -8.12 24.85 -7.74
C THR B 448 -7.59 25.44 -9.06
N ASN B 449 -6.27 25.50 -9.19
CA ASN B 449 -5.68 26.10 -10.38
C ASN B 449 -5.96 25.28 -11.63
N ILE B 450 -5.90 23.96 -11.53
CA ILE B 450 -6.20 23.11 -12.65
C ILE B 450 -7.69 23.36 -13.09
N GLY B 451 -8.55 23.49 -12.10
CA GLY B 451 -9.99 23.81 -12.29
C GLY B 451 -10.28 25.11 -13.04
N LYS B 452 -9.39 26.08 -12.90
CA LYS B 452 -9.45 27.31 -13.69
C LYS B 452 -8.98 27.15 -15.13
N GLY B 453 -8.48 25.98 -15.50
CA GLY B 453 -8.03 25.76 -16.84
C GLY B 453 -6.54 25.88 -17.06
N ASP B 454 -5.75 26.01 -15.98
CA ASP B 454 -4.31 26.14 -16.12
C ASP B 454 -3.68 24.76 -15.96
N HIS B 455 -3.23 24.19 -17.07
CA HIS B 455 -2.49 22.90 -17.06
C HIS B 455 -1.01 23.09 -17.38
N THR B 456 -0.52 24.36 -17.37
CA THR B 456 0.88 24.61 -17.77
C THR B 456 1.82 24.20 -16.67
N THR B 457 2.91 23.58 -17.08
CA THR B 457 3.91 23.03 -16.15
C THR B 457 5.36 23.35 -16.50
N PHE B 458 5.61 23.86 -17.69
CA PHE B 458 6.98 23.98 -18.22
C PHE B 458 7.12 25.09 -19.22
N VAL B 459 8.18 25.87 -19.08
CA VAL B 459 8.57 26.95 -20.00
C VAL B 459 9.95 26.53 -20.55
N LYS B 460 10.04 26.23 -21.83
CA LYS B 460 11.30 25.80 -22.44
C LYS B 460 12.35 26.93 -22.43
N PRO B 461 13.53 26.68 -21.86
CA PRO B 461 14.59 27.69 -21.82
C PRO B 461 15.32 27.86 -23.12
N ASN B 462 15.86 29.05 -23.34
CA ASN B 462 16.94 29.22 -24.29
C ASN B 462 18.19 29.63 -23.49
N ILE B 463 19.35 29.18 -23.96
CA ILE B 463 20.61 29.41 -23.29
C ILE B 463 21.54 30.06 -24.34
N PRO B 464 21.80 31.37 -24.19
CA PRO B 464 22.70 32.02 -25.16
C PRO B 464 24.03 31.27 -25.27
N ALA B 465 24.54 31.17 -26.50
CA ALA B 465 25.73 30.36 -26.79
C ALA B 465 27.01 31.12 -26.55
N THR B 466 26.92 32.41 -26.29
CA THR B 466 28.02 33.24 -25.86
C THR B 466 27.57 34.05 -24.67
N GLY B 467 28.53 34.76 -24.08
CA GLY B 467 28.28 35.51 -22.88
C GLY B 467 28.53 34.70 -21.64
N GLU B 468 28.64 35.41 -20.53
CA GLU B 468 28.85 34.82 -19.21
C GLU B 468 27.78 35.37 -18.30
N PHE B 469 27.06 34.48 -17.64
CA PHE B 469 26.08 34.92 -16.72
C PHE B 469 25.88 33.96 -15.54
N LYS B 470 25.29 34.48 -14.49
CA LYS B 470 25.40 33.93 -13.12
C LYS B 470 24.02 33.81 -12.51
N GLY B 471 23.80 32.73 -11.78
CA GLY B 471 22.54 32.52 -11.09
C GLY B 471 22.77 31.83 -9.76
N VAL B 472 21.82 31.98 -8.87
CA VAL B 472 21.86 31.35 -7.54
C VAL B 472 20.45 30.86 -7.19
N GLY B 473 20.39 29.63 -6.69
CA GLY B 473 19.13 29.01 -6.27
C GLY B 473 19.21 28.75 -4.77
N PHE B 474 18.30 29.36 -4.03
CA PHE B 474 18.15 29.19 -2.61
C PHE B 474 17.02 28.24 -2.30
N LEU B 475 17.16 27.49 -1.21
CA LEU B 475 16.13 26.59 -0.74
C LEU B 475 16.26 26.38 0.73
N GLU B 476 15.16 26.35 1.45
CA GLU B 476 15.19 26.07 2.88
C GLU B 476 15.00 24.57 3.09
N ALA B 477 16.14 23.89 3.18
CA ALA B 477 16.20 22.45 3.25
C ALA B 477 15.91 21.99 4.66
N PRO B 478 15.78 20.67 4.87
CA PRO B 478 15.53 20.18 6.22
C PRO B 478 16.56 20.59 7.24
N ARG B 479 17.80 20.76 6.78
CA ARG B 479 18.92 21.14 7.70
C ARG B 479 19.29 22.59 7.61
N GLY B 480 18.61 23.36 6.76
CA GLY B 480 18.75 24.82 6.71
C GLY B 480 18.94 25.36 5.31
N MET B 481 19.36 26.61 5.25
CA MET B 481 19.55 27.28 4.01
C MET B 481 20.59 26.59 3.11
N LEU B 482 20.15 26.27 1.91
CA LEU B 482 20.94 25.69 0.83
C LEU B 482 21.03 26.68 -0.31
N SER B 483 22.22 26.82 -0.89
CA SER B 483 22.36 27.58 -2.10
C SER B 483 23.30 26.90 -3.11
N HIS B 484 22.90 26.89 -4.37
CA HIS B 484 23.67 26.44 -5.53
C HIS B 484 23.94 27.64 -6.39
N TRP B 485 25.19 27.79 -6.79
CA TRP B 485 25.68 28.96 -7.50
C TRP B 485 26.30 28.52 -8.80
N MET B 486 25.69 28.94 -9.91
CA MET B 486 26.06 28.49 -11.25
C MET B 486 26.55 29.68 -12.04
N VAL B 487 27.69 29.53 -12.70
CA VAL B 487 28.17 30.47 -13.73
C VAL B 487 28.13 29.71 -15.07
N ILE B 488 27.50 30.33 -16.06
CA ILE B 488 27.41 29.80 -17.42
C ILE B 488 28.27 30.67 -18.33
N LYS B 489 29.11 30.03 -19.14
CA LYS B 489 29.95 30.74 -20.10
C LYS B 489 29.93 29.97 -21.42
N ASP B 490 29.55 30.63 -22.48
CA ASP B 490 29.45 29.97 -23.78
C ASP B 490 28.55 28.75 -23.74
N GLY B 491 27.46 28.89 -22.98
CA GLY B 491 26.42 27.86 -22.93
C GLY B 491 26.64 26.68 -22.04
N ILE B 492 27.78 26.63 -21.37
CA ILE B 492 28.08 25.50 -20.48
C ILE B 492 28.46 26.01 -19.08
N ILE B 493 28.39 25.12 -18.11
CA ILE B 493 28.70 25.46 -16.76
C ILE B 493 30.22 25.70 -16.61
N SER B 494 30.59 26.92 -16.34
CA SER B 494 32.00 27.27 -16.10
C SER B 494 32.40 27.28 -14.63
N ASN B 495 31.44 27.48 -13.74
CA ASN B 495 31.69 27.29 -12.31
C ASN B 495 30.40 26.81 -11.66
N TYR B 496 30.57 25.95 -10.67
CA TYR B 496 29.45 25.48 -9.90
C TYR B 496 29.89 25.33 -8.47
N GLN B 497 29.21 25.97 -7.54
CA GLN B 497 29.54 25.91 -6.13
C GLN B 497 28.25 25.70 -5.34
N ALA B 498 28.28 24.71 -4.47
CA ALA B 498 27.24 24.48 -3.52
C ALA B 498 27.69 24.88 -2.11
N VAL B 499 26.82 25.63 -1.42
CA VAL B 499 27.02 26.03 -0.04
C VAL B 499 25.83 25.45 0.70
N VAL B 500 26.09 24.43 1.47
CA VAL B 500 25.05 23.53 1.95
C VAL B 500 24.82 23.72 3.44
N PRO B 501 23.61 23.46 3.99
CA PRO B 501 23.42 23.85 5.38
C PRO B 501 24.39 23.21 6.35
N SER B 502 24.68 21.92 6.18
CA SER B 502 25.65 21.32 7.11
C SER B 502 27.08 21.87 6.90
N THR B 503 27.36 22.48 5.77
CA THR B 503 28.63 23.26 5.58
C THR B 503 28.70 24.43 6.58
N TRP B 504 27.61 25.21 6.67
CA TRP B 504 27.53 26.33 7.63
C TRP B 504 27.78 25.80 9.04
N ASN B 505 27.09 24.73 9.42
CA ASN B 505 27.09 24.32 10.81
C ASN B 505 28.37 23.51 11.20
N SER B 506 28.84 22.70 10.28
CA SER B 506 29.95 21.77 10.56
C SER B 506 31.30 22.26 10.14
N GLY B 507 31.35 23.39 9.46
CA GLY B 507 32.63 23.87 8.91
C GLY B 507 33.64 24.13 10.03
N PRO B 508 34.91 23.97 9.68
CA PRO B 508 35.97 24.15 10.67
C PRO B 508 36.26 25.64 10.95
N ARG B 509 37.22 25.87 11.83
CA ARG B 509 37.61 27.22 12.13
C ARG B 509 37.85 28.01 10.83
N ASN B 510 37.47 29.29 10.81
CA ASN B 510 37.42 29.98 9.57
C ASN B 510 38.65 30.86 9.32
N PHE B 511 38.56 31.81 8.40
CA PHE B 511 39.78 32.59 8.04
C PHE B 511 40.29 33.40 9.19
N ASN B 512 39.38 33.82 10.07
CA ASN B 512 39.74 34.53 11.30
C ASN B 512 39.84 33.63 12.53
N ASP B 513 39.92 32.32 12.28
CA ASP B 513 40.00 31.27 13.31
C ASP B 513 38.79 31.27 14.24
N ASP B 514 37.66 31.79 13.77
CA ASP B 514 36.41 31.72 14.52
C ASP B 514 35.79 30.31 14.36
N VAL B 515 35.10 29.94 15.41
CA VAL B 515 34.61 28.61 15.60
C VAL B 515 33.18 28.54 15.10
N GLY B 516 32.94 27.53 14.30
CA GLY B 516 31.59 27.26 13.76
C GLY B 516 30.65 26.57 14.72
N PRO B 517 29.37 26.45 14.33
CA PRO B 517 28.36 25.96 15.27
C PRO B 517 28.62 24.60 15.95
N TYR B 518 28.96 23.54 15.21
CA TYR B 518 29.24 22.27 15.90
C TYR B 518 30.30 22.43 16.96
N GLU B 519 31.42 23.03 16.55
CA GLU B 519 32.55 23.17 17.46
C GLU B 519 32.27 24.05 18.66
N GLN B 520 31.53 25.12 18.42
CA GLN B 520 31.16 26.03 19.49
C GLN B 520 30.15 25.39 20.45
N SER B 521 29.24 24.60 19.88
CA SER B 521 28.18 24.00 20.68
C SER B 521 28.68 23.02 21.73
N LEU B 522 29.84 22.43 21.46
CA LEU B 522 30.39 21.41 22.33
C LEU B 522 31.13 21.99 23.53
N VAL B 523 31.55 23.25 23.46
CA VAL B 523 32.26 23.82 24.61
C VAL B 523 31.33 23.78 25.82
N GLY B 524 31.82 23.30 26.95
CA GLY B 524 31.01 23.17 28.15
C GLY B 524 30.24 21.86 28.31
N THR B 525 30.34 20.94 27.38
CA THR B 525 29.57 19.71 27.49
C THR B 525 30.18 18.86 28.58
N PRO B 526 29.38 18.43 29.59
CA PRO B 526 29.84 17.48 30.58
C PRO B 526 30.00 16.10 29.96
N VAL B 527 31.08 15.40 30.29
CA VAL B 527 31.32 14.05 29.79
C VAL B 527 31.59 13.15 30.99
N ALA B 528 30.58 12.34 31.37
CA ALA B 528 30.64 11.52 32.58
C ALA B 528 31.74 10.47 32.43
N ASP B 529 31.87 9.93 31.24
CA ASP B 529 32.78 8.85 30.90
C ASP B 529 33.44 9.18 29.56
N PRO B 530 34.71 9.60 29.59
CA PRO B 530 35.36 10.02 28.35
C PRO B 530 35.53 8.90 27.32
N ASN B 531 35.49 7.65 27.72
CA ASN B 531 35.50 6.49 26.82
C ASN B 531 34.16 6.32 26.07
N LYS B 532 33.07 6.86 26.63
CA LYS B 532 31.72 6.70 26.07
C LYS B 532 31.01 8.07 26.03
N PRO B 533 31.49 8.97 25.14
CA PRO B 533 31.05 10.38 25.21
C PRO B 533 29.65 10.67 24.56
N LEU B 534 28.65 10.03 25.13
CA LEU B 534 27.27 10.15 24.71
C LEU B 534 26.82 11.62 24.68
N GLU B 535 27.30 12.42 25.63
CA GLU B 535 26.85 13.82 25.75
C GLU B 535 27.28 14.61 24.52
N VAL B 536 28.45 14.27 24.00
CA VAL B 536 28.94 14.92 22.80
C VAL B 536 28.05 14.63 21.60
N VAL B 537 27.73 13.36 21.44
CA VAL B 537 26.92 12.90 20.31
C VAL B 537 25.51 13.49 20.41
N ARG B 538 25.00 13.64 21.63
CA ARG B 538 23.65 14.24 21.80
C ARG B 538 23.59 15.63 21.19
N THR B 539 24.62 16.45 21.46
CA THR B 539 24.61 17.79 20.90
C THR B 539 24.85 17.79 19.39
N ILE B 540 25.82 17.00 18.92
CA ILE B 540 26.07 16.96 17.47
C ILE B 540 24.83 16.47 16.69
N HIS B 541 24.17 15.43 17.20
CA HIS B 541 23.01 14.91 16.49
C HIS B 541 21.91 15.95 16.42
N SER B 542 21.84 16.89 17.39
CA SER B 542 20.76 17.88 17.31
C SER B 542 20.79 18.75 16.06
N PHE B 543 21.95 18.90 15.44
CA PHE B 543 22.14 19.62 14.17
C PHE B 543 21.77 18.80 12.94
N ASP B 544 21.48 17.50 13.13
CA ASP B 544 21.17 16.60 12.01
C ASP B 544 22.26 16.62 10.94
N PRO B 545 23.51 16.28 11.34
CA PRO B 545 24.58 16.35 10.38
C PRO B 545 24.39 15.51 9.12
N CSO B 546 24.75 16.09 7.98
CA CSO B 546 24.81 15.34 6.73
CB CSO B 546 23.62 15.77 5.90
SG CSO B 546 23.52 14.79 4.41
C CSO B 546 26.13 15.72 6.10
O CSO B 546 26.30 16.84 5.57
OD CSO B 546 25.10 14.52 3.91
N MET B 547 27.09 14.80 6.17
CA MET B 547 28.44 15.12 5.65
C MET B 547 28.66 14.95 4.17
N ALA B 548 27.83 14.14 3.48
CA ALA B 548 27.82 14.15 2.03
C ALA B 548 27.37 15.54 1.57
N CYS B 549 26.35 16.08 2.24
CA CYS B 549 25.96 17.48 2.00
C CYS B 549 27.08 18.47 2.33
N ALA B 550 27.66 18.31 3.49
CA ALA B 550 28.58 19.35 3.97
C ALA B 550 29.74 19.50 3.04
N VAL B 551 30.23 18.36 2.56
CA VAL B 551 31.45 18.31 1.75
C VAL B 551 31.24 18.22 0.23
N HIS B 552 30.29 17.39 -0.22
CA HIS B 552 30.02 17.22 -1.63
C HIS B 552 31.30 16.93 -2.45
N PRO C 10 -21.36 19.76 7.32
CA PRO C 10 -21.31 19.96 5.86
C PRO C 10 -22.00 18.81 5.11
N GLN C 11 -22.89 19.13 4.15
CA GLN C 11 -23.68 18.08 3.40
C GLN C 11 -22.89 17.40 2.30
N ARG C 12 -23.06 16.10 2.15
CA ARG C 12 -22.33 15.36 1.16
C ARG C 12 -23.24 15.00 0.01
N PRO C 13 -22.66 14.94 -1.19
CA PRO C 13 -23.50 14.70 -2.38
C PRO C 13 -24.16 13.33 -2.31
N PRO C 14 -25.48 13.28 -2.58
CA PRO C 14 -26.22 12.02 -2.46
C PRO C 14 -26.02 11.10 -3.65
N VAL C 15 -25.99 9.79 -3.38
CA VAL C 15 -25.84 8.75 -4.39
C VAL C 15 -26.92 7.68 -4.13
N ILE C 16 -27.55 7.22 -5.21
CA ILE C 16 -28.52 6.13 -5.14
C ILE C 16 -27.97 5.02 -6.02
N TRP C 17 -27.70 3.86 -5.44
CA TRP C 17 -27.16 2.72 -6.18
C TRP C 17 -28.19 1.58 -6.28
N ILE C 18 -28.52 1.18 -7.51
CA ILE C 18 -29.51 0.13 -7.75
C ILE C 18 -28.83 -1.02 -8.50
N GLY C 19 -28.97 -2.24 -7.95
CA GLY C 19 -28.46 -3.42 -8.57
C GLY C 19 -29.54 -4.12 -9.37
N ALA C 20 -29.25 -4.41 -10.64
CA ALA C 20 -30.20 -5.12 -11.50
C ALA C 20 -29.76 -6.59 -11.63
N GLN C 21 -29.39 -7.07 -12.80
CA GLN C 21 -28.88 -8.44 -12.90
C GLN C 21 -27.36 -8.40 -12.67
N GLU C 22 -27.00 -8.14 -11.43
CA GLU C 22 -25.60 -7.95 -11.01
C GLU C 22 -25.08 -9.22 -10.31
N CYS C 23 -23.78 -9.39 -10.33
CA CYS C 23 -23.12 -10.48 -9.58
C CYS C 23 -22.54 -9.92 -8.27
N THR C 24 -22.61 -8.59 -8.09
CA THR C 24 -22.13 -7.83 -6.93
C THR C 24 -20.65 -7.51 -7.02
N GLY C 25 -19.97 -7.98 -8.07
CA GLY C 25 -18.55 -7.68 -8.28
C GLY C 25 -18.28 -6.19 -8.38
N CYS C 26 -19.20 -5.42 -8.94
CA CYS C 26 -19.00 -4.00 -9.07
C CYS C 26 -19.01 -3.27 -7.72
N THR C 27 -19.95 -3.65 -6.84
CA THR C 27 -19.90 -3.19 -5.46
C THR C 27 -18.65 -3.66 -4.76
N GLU C 28 -18.29 -4.94 -4.95
CA GLU C 28 -17.11 -5.49 -4.26
C GLU C 28 -15.83 -4.78 -4.71
N SER C 29 -15.79 -4.25 -5.92
CA SER C 29 -14.59 -3.45 -6.34
C SER C 29 -14.32 -2.33 -5.34
N LEU C 30 -15.37 -1.73 -4.78
CA LEU C 30 -15.18 -0.63 -3.84
C LEU C 30 -14.41 -1.02 -2.59
N LEU C 31 -14.49 -2.30 -2.19
CA LEU C 31 -13.81 -2.81 -0.99
C LEU C 31 -12.31 -2.96 -1.22
N ARG C 32 -11.85 -2.86 -2.46
CA ARG C 32 -10.42 -2.84 -2.82
C ARG C 32 -9.87 -1.43 -2.97
N ALA C 33 -10.75 -0.44 -3.08
CA ALA C 33 -10.32 0.92 -3.33
C ALA C 33 -9.52 1.53 -2.16
N THR C 34 -8.63 2.45 -2.54
CA THR C 34 -7.77 3.10 -1.57
C THR C 34 -7.82 4.62 -1.61
N HIS C 35 -8.48 5.21 -2.60
CA HIS C 35 -8.43 6.64 -2.78
C HIS C 35 -9.68 7.18 -3.46
N PRO C 36 -10.83 7.15 -2.77
CA PRO C 36 -10.97 6.82 -1.35
C PRO C 36 -11.22 5.33 -1.05
N THR C 37 -10.85 4.93 0.17
CA THR C 37 -11.34 3.67 0.71
C THR C 37 -12.88 3.74 0.81
N VAL C 38 -13.54 2.57 0.86
CA VAL C 38 -15.00 2.55 0.96
C VAL C 38 -15.49 3.28 2.22
N GLU C 39 -14.76 3.16 3.31
CA GLU C 39 -15.21 3.85 4.52
C GLU C 39 -15.11 5.38 4.41
N ASN C 40 -14.03 5.85 3.77
CA ASN C 40 -13.96 7.28 3.51
C ASN C 40 -14.98 7.73 2.45
N LEU C 41 -15.27 6.87 1.48
CA LEU C 41 -16.28 7.21 0.49
C LEU C 41 -17.61 7.50 1.19
N VAL C 42 -18.06 6.60 2.01
CA VAL C 42 -19.44 6.69 2.56
C VAL C 42 -19.53 7.65 3.74
N LEU C 43 -18.42 7.95 4.40
CA LEU C 43 -18.46 8.86 5.55
C LEU C 43 -18.05 10.29 5.21
N GLU C 44 -17.20 10.47 4.19
CA GLU C 44 -16.60 11.77 3.84
C GLU C 44 -16.97 12.29 2.48
N THR C 45 -16.95 11.44 1.47
CA THR C 45 -17.06 11.89 0.09
C THR C 45 -18.50 12.03 -0.40
N ILE C 46 -19.33 11.03 -0.15
CA ILE C 46 -20.73 11.02 -0.60
C ILE C 46 -21.64 10.70 0.56
N SER C 47 -22.94 10.86 0.33
CA SER C 47 -23.95 10.25 1.15
C SER C 47 -24.59 9.16 0.33
N LEU C 48 -24.30 7.92 0.72
CA LEU C 48 -24.84 6.77 0.06
C LEU C 48 -26.24 6.54 0.63
N GLU C 49 -27.24 7.04 -0.08
CA GLU C 49 -28.63 7.06 0.39
C GLU C 49 -29.36 5.75 0.23
N TYR C 50 -28.92 4.93 -0.72
CA TYR C 50 -29.47 3.62 -0.96
C TYR C 50 -28.44 2.73 -1.58
N HIS C 51 -28.24 1.60 -0.93
CA HIS C 51 -27.39 0.52 -1.44
C HIS C 51 -27.76 -0.73 -0.66
N GLU C 52 -28.33 -1.70 -1.35
CA GLU C 52 -28.89 -2.89 -0.69
C GLU C 52 -27.85 -3.79 -0.02
N VAL C 53 -26.61 -3.77 -0.50
CA VAL C 53 -25.56 -4.64 0.09
C VAL C 53 -25.13 -4.14 1.46
N LEU C 54 -25.15 -2.83 1.67
CA LEU C 54 -24.63 -2.27 2.92
C LEU C 54 -25.66 -1.71 3.87
N SER C 55 -26.91 -1.50 3.43
CA SER C 55 -27.92 -0.76 4.23
CA SER C 55 -27.96 -0.81 4.20
C SER C 55 -28.32 -1.50 5.51
N ALA C 56 -28.34 -0.76 6.60
CA ALA C 56 -28.87 -1.28 7.89
C ALA C 56 -30.32 -1.69 7.78
N ALA C 57 -31.12 -0.82 7.15
CA ALA C 57 -32.54 -1.07 6.98
C ALA C 57 -32.76 -2.13 5.88
N PHE C 58 -33.88 -2.86 5.99
CA PHE C 58 -34.30 -3.84 5.00
C PHE C 58 -35.78 -3.64 4.67
N GLY C 59 -36.25 -4.37 3.67
CA GLY C 59 -37.66 -4.47 3.39
C GLY C 59 -38.37 -3.14 3.23
N HIS C 60 -39.48 -2.98 3.96
CA HIS C 60 -40.25 -1.75 3.86
C HIS C 60 -39.47 -0.53 4.29
N GLN C 61 -38.64 -0.69 5.33
CA GLN C 61 -37.86 0.43 5.82
C GLN C 61 -36.88 0.94 4.78
N VAL C 62 -36.20 0.05 4.05
CA VAL C 62 -35.23 0.49 3.08
C VAL C 62 -35.92 1.07 1.84
N GLU C 63 -37.08 0.52 1.47
CA GLU C 63 -37.82 1.11 0.35
C GLU C 63 -38.33 2.50 0.71
N GLU C 64 -38.70 2.72 1.98
CA GLU C 64 -39.04 4.07 2.51
C GLU C 64 -37.82 5.00 2.39
N ASN C 65 -36.63 4.53 2.79
CA ASN C 65 -35.37 5.30 2.61
C ASN C 65 -35.24 5.79 1.16
N LYS C 66 -35.47 4.89 0.22
CA LYS C 66 -35.26 5.20 -1.21
C LYS C 66 -36.28 6.24 -1.67
N HIS C 67 -37.57 6.02 -1.38
CA HIS C 67 -38.59 6.97 -1.84
C HIS C 67 -38.33 8.38 -1.22
N ASN C 68 -37.98 8.42 0.06
CA ASN C 68 -37.68 9.69 0.73
C ASN C 68 -36.48 10.41 0.11
N ALA C 69 -35.44 9.66 -0.21
CA ALA C 69 -34.23 10.25 -0.76
C ALA C 69 -34.48 10.72 -2.20
N LEU C 70 -35.27 9.99 -2.98
CA LEU C 70 -35.58 10.41 -4.36
C LEU C 70 -36.33 11.74 -4.37
N GLU C 71 -37.16 11.93 -3.36
CA GLU C 71 -37.92 13.13 -3.20
C GLU C 71 -37.06 14.29 -2.69
N LYS C 72 -36.41 14.06 -1.56
CA LYS C 72 -35.55 15.06 -0.92
C LYS C 72 -34.43 15.60 -1.81
N TYR C 73 -33.82 14.68 -2.56
CA TYR C 73 -32.65 15.01 -3.37
C TYR C 73 -32.99 15.07 -4.86
N LYS C 74 -34.28 15.24 -5.21
CA LYS C 74 -34.66 15.38 -6.61
C LYS C 74 -33.76 16.39 -7.32
N GLY C 75 -33.24 15.98 -8.48
CA GLY C 75 -32.33 16.77 -9.30
C GLY C 75 -30.89 16.83 -8.82
N GLN C 76 -30.53 16.21 -7.70
CA GLN C 76 -29.19 16.39 -7.10
C GLN C 76 -28.38 15.11 -7.00
N TYR C 77 -29.01 13.94 -7.03
CA TYR C 77 -28.27 12.69 -6.73
C TYR C 77 -27.64 12.09 -7.98
N VAL C 78 -26.58 11.33 -7.77
CA VAL C 78 -25.99 10.53 -8.82
C VAL C 78 -26.64 9.14 -8.71
N LEU C 79 -27.17 8.65 -9.81
CA LEU C 79 -27.77 7.31 -9.88
C LEU C 79 -26.69 6.39 -10.47
N VAL C 80 -26.44 5.28 -9.80
CA VAL C 80 -25.49 4.27 -10.25
C VAL C 80 -26.25 2.95 -10.40
N VAL C 81 -26.07 2.27 -11.53
CA VAL C 81 -26.64 0.94 -11.72
C VAL C 81 -25.56 -0.05 -12.11
N ASP C 82 -25.51 -1.17 -11.40
CA ASP C 82 -24.76 -2.33 -11.85
C ASP C 82 -25.71 -3.45 -12.26
N GLY C 83 -25.22 -4.25 -13.17
CA GLY C 83 -26.00 -5.34 -13.74
C GLY C 83 -26.78 -4.92 -14.98
N SER C 84 -27.15 -5.91 -15.79
CA SER C 84 -27.97 -5.69 -16.94
C SER C 84 -29.45 -5.59 -16.51
N ILE C 85 -30.27 -5.05 -17.38
CA ILE C 85 -31.70 -4.88 -17.11
C ILE C 85 -32.50 -5.81 -18.05
N PRO C 86 -33.22 -6.79 -17.48
CA PRO C 86 -33.88 -7.78 -18.33
C PRO C 86 -35.28 -7.28 -18.75
N LEU C 87 -35.51 -7.20 -20.05
CA LEU C 87 -36.79 -6.75 -20.56
C LEU C 87 -37.76 -7.87 -20.94
N LYS C 88 -37.27 -9.10 -21.07
CA LYS C 88 -38.12 -10.20 -21.57
C LYS C 88 -39.28 -10.42 -20.59
N ASP C 89 -40.47 -10.74 -21.14
CA ASP C 89 -41.63 -11.09 -20.32
C ASP C 89 -41.96 -10.00 -19.28
N ASN C 90 -41.96 -8.73 -19.72
CA ASN C 90 -42.42 -7.61 -18.90
C ASN C 90 -41.59 -7.37 -17.68
N GLY C 91 -40.33 -7.78 -17.74
CA GLY C 91 -39.35 -7.40 -16.69
C GLY C 91 -39.27 -8.31 -15.47
N ILE C 92 -39.93 -9.47 -15.52
CA ILE C 92 -40.04 -10.35 -14.33
C ILE C 92 -38.77 -11.14 -13.98
N TYR C 93 -37.73 -11.09 -14.82
CA TYR C 93 -36.47 -11.79 -14.48
C TYR C 93 -35.63 -11.03 -13.43
N CYS C 94 -36.05 -9.84 -13.01
CA CYS C 94 -35.47 -9.21 -11.83
C CYS C 94 -36.54 -8.37 -11.16
N MET C 95 -37.06 -8.88 -10.05
CA MET C 95 -38.18 -8.25 -9.32
C MET C 95 -37.72 -7.89 -7.94
N VAL C 96 -37.90 -6.63 -7.57
CA VAL C 96 -37.57 -6.11 -6.24
C VAL C 96 -38.80 -5.48 -5.63
N ALA C 97 -39.09 -5.83 -4.38
CA ALA C 97 -40.33 -5.34 -3.71
C ALA C 97 -41.54 -5.53 -4.62
N GLY C 98 -41.59 -6.65 -5.34
CA GLY C 98 -42.75 -6.96 -6.18
C GLY C 98 -42.89 -6.15 -7.46
N GLU C 99 -41.83 -5.44 -7.89
CA GLU C 99 -41.89 -4.71 -9.14
C GLU C 99 -40.64 -4.92 -9.96
N PRO C 100 -40.76 -4.89 -11.31
CA PRO C 100 -39.59 -5.10 -12.16
C PRO C 100 -38.52 -4.04 -11.92
N ILE C 101 -37.26 -4.47 -11.92
CA ILE C 101 -36.18 -3.54 -11.69
C ILE C 101 -36.17 -2.43 -12.74
N VAL C 102 -36.60 -2.73 -13.98
CA VAL C 102 -36.62 -1.68 -15.01
C VAL C 102 -37.47 -0.49 -14.56
N ASP C 103 -38.57 -0.77 -13.85
CA ASP C 103 -39.43 0.32 -13.32
C ASP C 103 -38.79 1.14 -12.19
N HIS C 104 -38.11 0.48 -11.25
CA HIS C 104 -37.37 1.17 -10.21
C HIS C 104 -36.30 2.10 -10.84
N ILE C 105 -35.62 1.59 -11.87
CA ILE C 105 -34.52 2.33 -12.50
C ILE C 105 -35.06 3.55 -13.25
N ARG C 106 -36.14 3.36 -14.03
CA ARG C 106 -36.73 4.51 -14.74
C ARG C 106 -37.22 5.57 -13.77
N LYS C 107 -37.85 5.15 -12.64
CA LYS C 107 -38.32 6.14 -11.65
C LYS C 107 -37.13 6.92 -11.04
N ALA C 108 -36.08 6.22 -10.64
CA ALA C 108 -34.88 6.89 -10.11
C ALA C 108 -34.17 7.78 -11.12
N ALA C 109 -34.20 7.39 -12.39
CA ALA C 109 -33.52 8.17 -13.41
C ALA C 109 -34.16 9.55 -13.64
N GLU C 110 -35.44 9.65 -13.37
CA GLU C 110 -36.19 10.90 -13.63
C GLU C 110 -35.63 12.07 -12.87
N GLY C 111 -35.21 11.85 -11.62
CA GLY C 111 -34.65 12.96 -10.84
C GLY C 111 -33.13 12.98 -10.66
N ALA C 112 -32.41 12.19 -11.45
CA ALA C 112 -30.95 12.10 -11.31
C ALA C 112 -30.26 13.30 -11.92
N ALA C 113 -29.21 13.80 -11.24
CA ALA C 113 -28.31 14.82 -11.75
C ALA C 113 -27.29 14.22 -12.72
N ALA C 114 -26.91 12.96 -12.46
CA ALA C 114 -25.98 12.20 -13.32
C ALA C 114 -26.31 10.74 -13.19
N ILE C 115 -26.04 9.99 -14.24
CA ILE C 115 -26.36 8.58 -14.24
C ILE C 115 -25.17 7.81 -14.73
N ILE C 116 -24.76 6.80 -13.94
CA ILE C 116 -23.56 6.00 -14.21
C ILE C 116 -23.91 4.52 -14.31
N ALA C 117 -23.51 3.93 -15.42
CA ALA C 117 -23.52 2.47 -15.62
C ALA C 117 -22.17 1.95 -15.20
N ILE C 118 -22.09 1.33 -14.03
CA ILE C 118 -20.81 0.76 -13.57
C ILE C 118 -20.76 -0.70 -13.98
N GLY C 119 -19.71 -1.08 -14.72
CA GLY C 119 -19.51 -2.43 -15.15
C GLY C 119 -20.02 -2.70 -16.57
N SER C 120 -19.43 -3.69 -17.21
CA SER C 120 -19.82 -4.11 -18.55
C SER C 120 -21.31 -4.50 -18.65
N CYS C 121 -21.87 -5.11 -17.62
CA CYS C 121 -23.29 -5.56 -17.72
C CYS C 121 -24.20 -4.35 -17.92
N SER C 122 -24.09 -3.31 -17.10
CA SER C 122 -24.93 -2.15 -17.28
C SER C 122 -24.46 -1.29 -18.43
N ALA C 123 -23.14 -1.27 -18.71
CA ALA C 123 -22.66 -0.46 -19.82
C ALA C 123 -23.07 -0.95 -21.21
N TRP C 124 -23.07 -2.26 -21.41
CA TRP C 124 -23.40 -2.81 -22.72
C TRP C 124 -24.09 -4.16 -22.73
N GLY C 125 -24.51 -4.63 -21.57
CA GLY C 125 -25.19 -5.94 -21.43
C GLY C 125 -24.32 -7.00 -20.84
N GLY C 126 -23.04 -6.99 -21.17
CA GLY C 126 -22.06 -7.85 -20.54
C GLY C 126 -22.34 -9.33 -20.64
N VAL C 127 -21.85 -10.07 -19.68
CA VAL C 127 -22.00 -11.52 -19.68
C VAL C 127 -23.49 -11.93 -19.65
N ALA C 128 -24.30 -11.19 -18.92
CA ALA C 128 -25.72 -11.52 -18.76
C ALA C 128 -26.50 -11.52 -20.06
N ALA C 129 -26.07 -10.67 -20.98
CA ALA C 129 -26.68 -10.57 -22.32
C ALA C 129 -26.03 -11.45 -23.37
N ALA C 130 -25.03 -12.27 -22.99
CA ALA C 130 -24.24 -13.01 -23.95
C ALA C 130 -24.95 -14.30 -24.39
N GLY C 131 -24.34 -15.02 -25.33
CA GLY C 131 -24.96 -16.24 -25.88
C GLY C 131 -26.37 -15.94 -26.39
N VAL C 132 -27.32 -16.79 -26.01
CA VAL C 132 -28.73 -16.61 -26.43
C VAL C 132 -29.51 -15.56 -25.66
N ASN C 133 -28.88 -14.94 -24.65
CA ASN C 133 -29.51 -13.88 -23.87
C ASN C 133 -30.88 -14.32 -23.37
N PRO C 134 -30.87 -15.29 -22.45
CA PRO C 134 -32.11 -15.86 -21.97
C PRO C 134 -33.14 -14.87 -21.45
N THR C 135 -32.75 -13.73 -20.87
CA THR C 135 -33.70 -12.85 -20.20
C THR C 135 -33.93 -11.51 -20.96
N GLY C 136 -33.44 -11.41 -22.20
CA GLY C 136 -33.50 -10.11 -22.90
C GLY C 136 -32.84 -8.96 -22.14
N ALA C 137 -31.70 -9.28 -21.55
CA ALA C 137 -30.85 -8.33 -20.83
C ALA C 137 -30.33 -7.24 -21.77
N VAL C 138 -30.44 -5.99 -21.32
CA VAL C 138 -29.94 -4.84 -22.06
C VAL C 138 -29.17 -3.90 -21.13
N SER C 139 -28.50 -2.97 -21.77
CA SER C 139 -27.76 -1.93 -21.07
C SER C 139 -28.64 -0.85 -20.46
N LEU C 140 -28.04 -0.11 -19.52
CA LEU C 140 -28.70 1.01 -18.91
C LEU C 140 -29.07 2.07 -19.93
N GLN C 141 -28.18 2.38 -20.86
CA GLN C 141 -28.49 3.40 -21.88
C GLN C 141 -29.69 2.97 -22.71
N GLU C 142 -29.84 1.68 -22.97
CA GLU C 142 -31.00 1.20 -23.72
C GLU C 142 -32.33 1.42 -22.99
N VAL C 143 -32.30 1.33 -21.67
CA VAL C 143 -33.48 1.52 -20.80
C VAL C 143 -33.84 3.01 -20.67
N LEU C 144 -32.83 3.88 -20.86
CA LEU C 144 -32.95 5.33 -20.67
C LEU C 144 -32.55 6.12 -21.93
N PRO C 145 -33.27 5.94 -23.04
CA PRO C 145 -32.86 6.54 -24.31
C PRO C 145 -32.74 8.03 -24.30
N GLY C 146 -33.53 8.71 -23.47
CA GLY C 146 -33.46 10.17 -23.42
C GLY C 146 -32.41 10.78 -22.50
N LYS C 147 -31.57 9.95 -21.86
CA LYS C 147 -30.65 10.41 -20.84
C LYS C 147 -29.22 10.12 -21.29
N THR C 148 -28.28 10.93 -20.82
CA THR C 148 -26.85 10.68 -21.01
C THR C 148 -26.37 9.75 -19.90
N VAL C 149 -26.02 8.52 -20.25
CA VAL C 149 -25.48 7.56 -19.29
C VAL C 149 -23.98 7.49 -19.45
N ILE C 150 -23.28 7.71 -18.33
CA ILE C 150 -21.81 7.55 -18.29
C ILE C 150 -21.48 6.08 -18.09
N ASN C 151 -20.74 5.52 -19.02
CA ASN C 151 -20.38 4.08 -19.01
C ASN C 151 -18.98 3.86 -18.44
N ILE C 152 -18.89 2.99 -17.44
CA ILE C 152 -17.64 2.65 -16.78
C ILE C 152 -17.47 1.14 -16.87
N PRO C 153 -17.06 0.64 -18.08
CA PRO C 153 -17.07 -0.80 -18.29
C PRO C 153 -15.90 -1.50 -17.67
N GLY C 154 -15.96 -2.81 -17.75
CA GLY C 154 -15.03 -3.70 -17.07
C GLY C 154 -15.82 -4.64 -16.19
N CYS C 155 -15.21 -5.78 -15.84
CA CYS C 155 -15.98 -6.83 -15.18
C CYS C 155 -15.24 -7.38 -13.95
N PRO C 156 -15.11 -6.60 -12.87
CA PRO C 156 -15.53 -5.20 -12.77
C PRO C 156 -14.38 -4.24 -13.16
N PRO C 157 -14.69 -2.97 -13.39
CA PRO C 157 -13.60 -1.98 -13.56
C PRO C 157 -12.80 -1.82 -12.29
N ASN C 158 -11.58 -1.31 -12.46
CA ASN C 158 -10.86 -0.74 -11.34
C ASN C 158 -11.82 0.26 -10.68
N PRO C 159 -11.98 0.18 -9.35
CA PRO C 159 -12.99 1.02 -8.73
C PRO C 159 -12.68 2.50 -8.87
N HIS C 160 -11.40 2.85 -9.07
CA HIS C 160 -11.08 4.26 -9.22
C HIS C 160 -11.51 4.85 -10.57
N ASN C 161 -11.81 4.00 -11.56
CA ASN C 161 -12.42 4.48 -12.79
C ASN C 161 -13.79 5.12 -12.50
N PHE C 162 -14.53 4.50 -11.60
CA PHE C 162 -15.76 5.03 -11.06
C PHE C 162 -15.53 6.16 -10.09
N LEU C 163 -14.64 5.98 -9.11
CA LEU C 163 -14.53 6.96 -8.03
C LEU C 163 -13.99 8.32 -8.54
N ALA C 164 -13.05 8.27 -9.47
CA ALA C 164 -12.51 9.53 -10.04
C ALA C 164 -13.53 10.19 -10.98
N THR C 165 -14.44 9.41 -11.55
CA THR C 165 -15.55 10.00 -12.34
C THR C 165 -16.47 10.75 -11.40
N VAL C 166 -16.88 10.12 -10.29
CA VAL C 166 -17.71 10.78 -9.29
C VAL C 166 -17.01 12.03 -8.72
N ALA C 167 -15.72 11.91 -8.42
CA ALA C 167 -14.94 13.01 -7.89
C ALA C 167 -14.95 14.20 -8.87
N HIS C 168 -14.85 13.93 -10.16
CA HIS C 168 -14.83 15.02 -11.15
C HIS C 168 -16.14 15.75 -11.09
N ILE C 169 -17.26 15.00 -11.02
CA ILE C 169 -18.58 15.59 -10.91
C ILE C 169 -18.68 16.48 -9.65
N ILE C 170 -18.32 15.92 -8.51
CA ILE C 170 -18.35 16.65 -7.27
C ILE C 170 -17.40 17.90 -7.25
N THR C 171 -16.14 17.73 -7.62
CA THR C 171 -15.11 18.76 -7.41
C THR C 171 -15.21 19.86 -8.46
N TYR C 172 -15.44 19.47 -9.70
CA TYR C 172 -15.46 20.41 -10.83
C TYR C 172 -16.82 20.65 -11.43
N GLY C 173 -17.84 19.98 -10.92
CA GLY C 173 -19.25 20.24 -11.33
C GLY C 173 -19.75 19.69 -12.66
N LYS C 174 -19.00 18.82 -13.32
CA LYS C 174 -19.47 18.20 -14.55
C LYS C 174 -18.76 16.87 -14.69
N PRO C 175 -19.20 16.03 -15.65
CA PRO C 175 -18.51 14.74 -15.82
C PRO C 175 -17.15 14.93 -16.42
N PRO C 176 -16.30 13.90 -16.29
CA PRO C 176 -15.05 13.95 -17.02
C PRO C 176 -15.31 13.94 -18.52
N LYS C 177 -14.32 14.25 -19.33
CA LYS C 177 -14.45 14.14 -20.75
C LYS C 177 -14.74 12.68 -21.13
N LEU C 178 -15.64 12.48 -22.08
CA LEU C 178 -16.10 11.16 -22.49
C LEU C 178 -15.80 10.91 -23.96
N ASP C 179 -15.62 9.65 -24.31
CA ASP C 179 -15.45 9.24 -25.71
C ASP C 179 -16.85 9.07 -26.36
N ASP C 180 -16.86 8.56 -27.60
CA ASP C 180 -18.12 8.33 -28.36
C ASP C 180 -19.06 7.29 -27.72
N LYS C 181 -18.52 6.43 -26.83
CA LYS C 181 -19.33 5.44 -26.07
C LYS C 181 -19.64 5.92 -24.67
N ASN C 182 -19.43 7.22 -24.44
CA ASN C 182 -19.70 7.87 -23.14
C ASN C 182 -18.86 7.26 -22.01
N ARG C 183 -17.65 6.84 -22.34
CA ARG C 183 -16.70 6.29 -21.37
C ARG C 183 -15.68 7.38 -21.04
N PRO C 184 -15.32 7.53 -19.77
CA PRO C 184 -14.32 8.57 -19.43
C PRO C 184 -12.97 8.37 -20.10
N THR C 185 -12.45 9.40 -20.77
CA THR C 185 -11.23 9.23 -21.53
C THR C 185 -10.00 8.93 -20.68
N PHE C 186 -9.99 9.38 -19.43
CA PHE C 186 -8.79 9.12 -18.58
C PHE C 186 -8.58 7.63 -18.33
N ALA C 187 -9.67 6.84 -18.45
CA ALA C 187 -9.64 5.41 -18.17
C ALA C 187 -9.79 4.54 -19.43
N TYR C 188 -10.49 5.04 -20.46
CA TYR C 188 -10.86 4.24 -21.62
C TYR C 188 -10.47 4.82 -22.93
N GLY C 189 -9.61 5.82 -22.87
CA GLY C 189 -9.24 6.58 -24.05
C GLY C 189 -8.32 5.92 -25.04
N ARG C 190 -7.76 4.75 -24.71
CA ARG C 190 -6.70 4.14 -25.53
C ARG C 190 -6.84 2.61 -25.49
N LEU C 191 -6.51 1.93 -26.59
CA LEU C 191 -6.40 0.46 -26.61
C LEU C 191 -5.35 0.00 -25.62
N ILE C 192 -5.64 -1.09 -24.93
CA ILE C 192 -4.63 -1.68 -24.03
C ILE C 192 -3.33 -1.97 -24.80
N HIS C 193 -3.45 -2.52 -26.03
CA HIS C 193 -2.29 -2.84 -26.85
C HIS C 193 -1.48 -1.61 -27.30
N GLU C 194 -2.09 -0.43 -27.28
CA GLU C 194 -1.38 0.81 -27.61
C GLU C 194 -0.79 1.47 -26.37
N HIS C 195 -0.78 0.74 -25.24
CA HIS C 195 -0.01 1.18 -24.02
C HIS C 195 0.41 -0.01 -23.16
N CYS C 196 0.83 -1.10 -23.82
CA CYS C 196 1.18 -2.36 -23.14
C CYS C 196 2.69 -2.57 -23.13
N GLU C 197 3.18 -2.90 -21.92
CA GLU C 197 4.58 -3.09 -21.73
C GLU C 197 5.15 -4.29 -22.42
N ARG C 198 4.32 -5.19 -22.97
CA ARG C 198 4.82 -6.35 -23.73
C ARG C 198 4.86 -6.08 -25.25
N ARG C 199 4.50 -4.85 -25.65
CA ARG C 199 4.55 -4.48 -27.06
C ARG C 199 5.92 -4.73 -27.70
N PRO C 200 7.05 -4.48 -26.98
CA PRO C 200 8.34 -4.83 -27.62
C PRO C 200 8.46 -6.31 -28.06
N HIS C 201 7.88 -7.20 -27.24
CA HIS C 201 7.90 -8.62 -27.55
C HIS C 201 7.01 -8.93 -28.75
N PHE C 202 5.80 -8.34 -28.76
CA PHE C 202 4.94 -8.43 -29.94
C PHE C 202 5.69 -8.00 -31.20
N ASP C 203 6.35 -6.86 -31.11
CA ASP C 203 7.05 -6.29 -32.26
C ASP C 203 8.17 -7.22 -32.76
N ALA C 204 8.84 -7.89 -31.84
CA ALA C 204 9.94 -8.79 -32.18
C ALA C 204 9.53 -10.22 -32.50
N GLY C 205 8.25 -10.52 -32.41
CA GLY C 205 7.78 -11.89 -32.62
C GLY C 205 8.15 -12.81 -31.49
N ARG C 206 8.31 -12.22 -30.28
CA ARG C 206 8.57 -12.96 -29.07
C ARG C 206 7.25 -13.25 -28.35
N PHE C 207 6.74 -14.45 -28.60
CA PHE C 207 5.42 -14.87 -28.10
C PHE C 207 5.43 -16.08 -27.20
N ALA C 208 4.69 -16.01 -26.09
CA ALA C 208 4.30 -17.25 -25.35
C ALA C 208 3.40 -18.07 -26.23
N LYS C 209 3.64 -19.40 -26.29
CA LYS C 209 2.79 -20.30 -27.07
C LYS C 209 1.84 -21.13 -26.22
N GLU C 210 2.25 -21.41 -24.98
CA GLU C 210 1.45 -22.15 -23.99
C GLU C 210 1.88 -21.61 -22.63
N PHE C 211 0.97 -21.61 -21.68
CA PHE C 211 1.31 -21.28 -20.31
C PHE C 211 2.45 -22.23 -19.85
N GLY C 212 3.43 -21.67 -19.14
CA GLY C 212 4.53 -22.44 -18.58
C GLY C 212 5.70 -22.69 -19.53
N ASP C 213 5.56 -22.31 -20.81
CA ASP C 213 6.66 -22.48 -21.75
C ASP C 213 7.75 -21.43 -21.51
N GLU C 214 8.83 -21.58 -22.24
CA GLU C 214 10.02 -20.74 -22.01
C GLU C 214 9.69 -19.25 -22.23
N GLY C 215 8.98 -18.94 -23.30
CA GLY C 215 8.59 -17.53 -23.59
C GLY C 215 7.67 -16.93 -22.52
N HIS C 216 6.70 -17.72 -22.11
CA HIS C 216 5.76 -17.32 -21.07
C HIS C 216 6.53 -17.00 -19.75
N ARG C 217 7.52 -17.83 -19.43
CA ARG C 217 8.33 -17.70 -18.25
C ARG C 217 9.38 -16.58 -18.35
N GLU C 218 9.45 -15.95 -19.51
CA GLU C 218 10.26 -14.75 -19.71
C GLU C 218 9.40 -13.49 -19.88
N GLY C 219 8.08 -13.60 -19.70
CA GLY C 219 7.20 -12.42 -19.75
C GLY C 219 6.96 -11.86 -21.15
N TRP C 220 6.94 -12.74 -22.15
CA TRP C 220 6.73 -12.35 -23.55
C TRP C 220 5.25 -12.03 -23.83
N CYS C 221 4.99 -11.55 -25.04
CA CYS C 221 3.64 -11.13 -25.41
C CYS C 221 2.69 -12.33 -25.46
N LEU C 222 1.44 -12.06 -25.07
CA LEU C 222 0.39 -13.10 -24.94
C LEU C 222 -0.58 -13.10 -26.11
N TYR C 223 -0.25 -12.44 -27.20
CA TYR C 223 -1.12 -12.36 -28.40
C TYR C 223 -1.55 -13.75 -28.88
N HIS C 224 -0.60 -14.68 -29.00
CA HIS C 224 -0.94 -16.03 -29.48
C HIS C 224 -1.63 -16.94 -28.45
N LEU C 225 -1.78 -16.46 -27.21
CA LEU C 225 -2.64 -17.07 -26.22
C LEU C 225 -4.06 -16.54 -26.30
N GLY C 226 -4.31 -15.60 -27.21
CA GLY C 226 -5.60 -14.97 -27.35
C GLY C 226 -5.82 -13.60 -26.73
N CYS C 227 -4.74 -12.87 -26.46
CA CYS C 227 -4.87 -11.57 -25.84
C CYS C 227 -5.75 -10.63 -26.67
N LYS C 228 -6.76 -10.05 -26.02
CA LYS C 228 -7.66 -9.13 -26.67
C LYS C 228 -7.26 -7.68 -26.48
N GLY C 229 -6.08 -7.44 -25.92
CA GLY C 229 -5.58 -6.05 -25.82
C GLY C 229 -5.65 -5.23 -27.12
N PRO C 230 -5.38 -5.87 -28.29
CA PRO C 230 -5.50 -5.10 -29.55
C PRO C 230 -6.87 -4.58 -29.90
N GLU C 231 -7.92 -5.06 -29.22
CA GLU C 231 -9.30 -4.62 -29.56
C GLU C 231 -10.11 -4.17 -28.34
N THR C 232 -9.41 -3.85 -27.24
CA THR C 232 -10.05 -3.50 -25.98
C THR C 232 -9.52 -2.16 -25.47
N TYR C 233 -10.42 -1.21 -25.30
CA TYR C 233 -10.09 0.07 -24.69
C TYR C 233 -10.11 -0.06 -23.16
N GLY C 234 -9.11 0.53 -22.50
CA GLY C 234 -9.01 0.46 -21.05
C GLY C 234 -7.71 0.98 -20.52
N ASN C 235 -7.57 0.93 -19.19
CA ASN C 235 -6.35 1.39 -18.54
C ASN C 235 -5.71 0.28 -17.72
N CYS C 236 -5.99 -0.96 -18.10
CA CYS C 236 -5.54 -2.09 -17.33
C CYS C 236 -4.00 -2.18 -17.26
N SER C 237 -3.30 -1.76 -18.30
CA SER C 237 -1.83 -1.88 -18.32
C SER C 237 -1.13 -0.75 -17.56
N THR C 238 -1.83 0.38 -17.33
CA THR C 238 -1.26 1.54 -16.66
C THR C 238 -1.76 1.70 -15.22
N LEU C 239 -3.06 1.93 -15.05
CA LEU C 239 -3.63 1.96 -13.72
C LEU C 239 -3.54 0.58 -13.03
N GLN C 240 -3.76 -0.46 -13.81
CA GLN C 240 -3.69 -1.82 -13.31
C GLN C 240 -4.75 -2.00 -12.22
N PHE C 241 -4.49 -2.86 -11.23
CA PHE C 241 -5.49 -3.21 -10.22
C PHE C 241 -4.88 -3.28 -8.82
N CYS C 242 -5.70 -2.94 -7.84
CA CYS C 242 -5.44 -3.16 -6.42
C CYS C 242 -4.37 -2.28 -5.76
N ASP C 243 -3.74 -1.41 -6.56
CA ASP C 243 -2.80 -0.39 -6.04
C ASP C 243 -1.56 -0.96 -5.31
N VAL C 244 -1.17 -2.19 -5.65
CA VAL C 244 0.01 -2.81 -5.05
C VAL C 244 1.23 -2.73 -5.99
N GLY C 245 0.98 -2.50 -7.28
CA GLY C 245 1.99 -2.38 -8.27
C GLY C 245 2.18 -3.67 -9.01
N GLY C 246 2.06 -3.57 -10.34
CA GLY C 246 2.40 -4.67 -11.20
C GLY C 246 1.31 -5.68 -11.44
N VAL C 247 0.07 -5.40 -11.02
CA VAL C 247 -1.00 -6.37 -11.04
C VAL C 247 -2.08 -6.06 -12.08
N TRP C 248 -2.06 -6.83 -13.17
CA TRP C 248 -3.15 -6.87 -14.16
C TRP C 248 -3.04 -8.22 -14.84
N PRO C 249 -4.09 -8.62 -15.59
CA PRO C 249 -4.05 -10.02 -16.04
C PRO C 249 -2.82 -10.40 -16.86
N VAL C 250 -2.41 -9.54 -17.79
CA VAL C 250 -1.24 -9.83 -18.64
C VAL C 250 0.02 -9.91 -17.80
N ALA C 251 0.17 -9.02 -16.84
CA ALA C 251 1.37 -9.05 -16.01
C ALA C 251 1.46 -10.32 -15.20
N ILE C 252 0.31 -10.84 -14.80
CA ILE C 252 0.26 -12.09 -14.04
C ILE C 252 0.54 -13.31 -14.93
N GLY C 253 0.39 -13.16 -16.25
CA GLY C 253 0.62 -14.26 -17.16
C GLY C 253 -0.53 -14.70 -18.03
N HIS C 254 -1.68 -14.01 -17.95
CA HIS C 254 -2.87 -14.43 -18.73
C HIS C 254 -3.28 -13.38 -19.73
N PRO C 255 -3.70 -13.79 -20.93
CA PRO C 255 -4.17 -12.79 -21.90
C PRO C 255 -5.36 -11.99 -21.38
N CYS C 256 -5.47 -10.76 -21.87
CA CYS C 256 -6.71 -9.99 -21.79
C CYS C 256 -7.81 -10.77 -22.56
N TYR C 257 -9.00 -10.83 -21.93
CA TYR C 257 -10.18 -11.48 -22.45
C TYR C 257 -11.11 -10.49 -23.12
N GLY C 258 -10.85 -9.19 -22.96
CA GLY C 258 -11.67 -8.17 -23.57
C GLY C 258 -12.92 -7.87 -22.77
N CYS C 259 -12.86 -8.05 -21.45
CA CYS C 259 -14.07 -7.89 -20.63
C CYS C 259 -14.65 -6.48 -20.65
N ASN C 260 -13.83 -5.45 -20.91
CA ASN C 260 -14.32 -4.08 -21.05
C ASN C 260 -15.22 -3.85 -22.28
N GLU C 261 -15.01 -4.63 -23.33
CA GLU C 261 -15.38 -4.25 -24.68
C GLU C 261 -16.48 -5.16 -25.30
N GLU C 262 -17.56 -4.50 -25.69
CA GLU C 262 -18.71 -5.15 -26.32
C GLU C 262 -18.27 -5.91 -27.58
N GLY C 263 -18.73 -7.16 -27.69
CA GLY C 263 -18.41 -7.98 -28.82
C GLY C 263 -17.09 -8.76 -28.70
N ILE C 264 -16.32 -8.48 -27.64
CA ILE C 264 -15.06 -9.14 -27.39
C ILE C 264 -15.27 -10.07 -26.17
N GLY C 265 -15.23 -9.51 -24.97
CA GLY C 265 -15.43 -10.28 -23.74
C GLY C 265 -16.75 -11.00 -23.78
N PHE C 266 -16.72 -12.28 -23.44
CA PHE C 266 -17.94 -13.17 -23.35
C PHE C 266 -18.50 -13.56 -24.70
N HIS C 267 -17.87 -13.14 -25.79
CA HIS C 267 -18.26 -13.49 -27.15
C HIS C 267 -17.15 -14.32 -27.76
N LYS C 268 -15.92 -13.84 -27.71
CA LYS C 268 -14.78 -14.56 -28.29
C LYS C 268 -14.18 -15.51 -27.27
N GLY C 269 -13.74 -16.66 -27.77
CA GLY C 269 -13.03 -17.64 -26.95
C GLY C 269 -11.76 -17.05 -26.38
N ILE C 270 -11.36 -17.55 -25.21
CA ILE C 270 -10.09 -17.10 -24.58
C ILE C 270 -8.95 -17.15 -25.62
N HIS C 271 -8.85 -18.26 -26.37
CA HIS C 271 -7.70 -18.50 -27.24
C HIS C 271 -7.88 -17.99 -28.67
N GLN C 272 -9.05 -17.46 -28.97
CA GLN C 272 -9.30 -16.87 -30.27
C GLN C 272 -8.48 -15.60 -30.43
N LEU C 273 -7.86 -15.45 -31.60
CA LEU C 273 -6.97 -14.34 -31.82
C LEU C 273 -7.72 -13.03 -32.08
N ALA C 274 -7.16 -11.95 -31.57
CA ALA C 274 -7.67 -10.64 -31.84
C ALA C 274 -7.29 -10.11 -33.20
N ASN C 275 -8.13 -9.25 -33.76
CA ASN C 275 -7.75 -8.44 -34.94
C ASN C 275 -6.83 -7.31 -34.50
N VAL C 276 -5.75 -7.08 -35.23
CA VAL C 276 -4.78 -6.02 -34.90
C VAL C 276 -4.89 -4.90 -35.93
N GLU C 277 -5.08 -3.66 -35.48
CA GLU C 277 -5.05 -2.49 -36.40
C GLU C 277 -3.62 -2.19 -36.88
N SER D 2 -52.48 -13.30 14.34
CA SER D 2 -52.11 -13.99 13.07
C SER D 2 -51.85 -12.99 11.95
N GLN D 3 -50.70 -13.00 11.29
CA GLN D 3 -50.49 -12.19 10.06
C GLN D 3 -49.33 -12.62 9.16
N ARG D 4 -49.38 -12.14 7.93
CA ARG D 4 -48.46 -12.50 6.87
C ARG D 4 -47.57 -11.28 6.62
N ILE D 5 -46.26 -11.46 6.66
CA ILE D 5 -45.32 -10.40 6.31
C ILE D 5 -44.39 -10.80 5.20
N THR D 6 -43.89 -9.77 4.50
CA THR D 6 -42.90 -9.89 3.46
C THR D 6 -41.72 -9.00 3.76
N ILE D 7 -40.52 -9.54 3.56
CA ILE D 7 -39.25 -8.80 3.69
C ILE D 7 -38.64 -8.84 2.30
N ASP D 8 -38.70 -7.70 1.60
CA ASP D 8 -38.33 -7.62 0.19
C ASP D 8 -38.01 -6.17 -0.18
N PRO D 9 -36.73 -5.83 -0.32
CA PRO D 9 -35.57 -6.73 -0.34
C PRO D 9 -35.00 -7.05 1.02
N VAL D 10 -34.45 -8.25 1.17
CA VAL D 10 -33.54 -8.51 2.28
C VAL D 10 -32.21 -7.81 1.90
N THR D 11 -31.71 -6.97 2.78
CA THR D 11 -30.46 -6.25 2.50
C THR D 11 -29.31 -6.93 3.22
N ARG D 12 -28.09 -6.44 2.97
CA ARG D 12 -26.90 -7.01 3.62
C ARG D 12 -26.76 -8.49 3.35
N ILE D 13 -27.03 -8.78 2.09
CA ILE D 13 -26.73 -10.11 1.49
C ILE D 13 -26.21 -9.82 0.10
N GLU D 14 -25.79 -10.82 -0.63
CA GLU D 14 -25.55 -10.62 -2.06
C GLU D 14 -26.84 -11.00 -2.78
N GLY D 15 -27.28 -10.12 -3.65
CA GLY D 15 -28.34 -10.46 -4.57
C GLY D 15 -29.74 -10.14 -4.07
N HIS D 16 -30.68 -10.74 -4.75
CA HIS D 16 -32.08 -10.37 -4.61
C HIS D 16 -32.85 -11.50 -3.92
N LEU D 17 -33.28 -11.24 -2.71
CA LEU D 17 -33.97 -12.22 -1.88
C LEU D 17 -35.23 -11.58 -1.31
N ARG D 18 -36.31 -12.37 -1.34
CA ARG D 18 -37.57 -12.06 -0.68
C ARG D 18 -37.83 -13.16 0.34
N ILE D 19 -38.21 -12.79 1.55
CA ILE D 19 -38.62 -13.74 2.61
C ILE D 19 -40.05 -13.43 3.01
N ASP D 20 -40.91 -14.44 3.07
CA ASP D 20 -42.30 -14.26 3.58
C ASP D 20 -42.43 -15.11 4.79
N CYS D 21 -43.18 -14.61 5.78
CA CYS D 21 -43.42 -15.34 7.00
C CYS D 21 -44.86 -15.19 7.46
N GLU D 22 -45.45 -16.32 7.85
CA GLU D 22 -46.68 -16.33 8.62
C GLU D 22 -46.29 -16.25 10.06
N ILE D 23 -46.88 -15.29 10.75
CA ILE D 23 -46.66 -15.08 12.18
C ILE D 23 -47.99 -15.41 12.90
N GLU D 24 -47.90 -16.28 13.90
CA GLU D 24 -49.05 -16.64 14.74
C GLU D 24 -48.58 -16.57 16.19
N ASN D 25 -49.32 -15.85 17.02
CA ASN D 25 -49.00 -15.76 18.44
C ASN D 25 -47.58 -15.27 18.67
N GLY D 26 -47.16 -14.27 17.90
CA GLY D 26 -45.85 -13.64 18.03
C GLY D 26 -44.62 -14.44 17.59
N VAL D 27 -44.84 -15.54 16.86
CA VAL D 27 -43.75 -16.46 16.45
C VAL D 27 -43.97 -16.82 14.99
N VAL D 28 -42.91 -16.92 14.20
CA VAL D 28 -43.02 -17.40 12.82
C VAL D 28 -43.49 -18.86 12.83
N SER D 29 -44.57 -19.11 12.11
CA SER D 29 -45.09 -20.49 11.96
C SER D 29 -44.77 -21.16 10.64
N LYS D 30 -44.49 -20.37 9.61
CA LYS D 30 -44.20 -20.89 8.30
C LYS D 30 -43.49 -19.80 7.53
N ALA D 31 -42.49 -20.20 6.72
CA ALA D 31 -41.70 -19.23 5.94
C ALA D 31 -41.48 -19.69 4.50
N TRP D 32 -41.27 -18.73 3.63
CA TRP D 32 -40.96 -18.93 2.21
C TRP D 32 -39.71 -18.10 1.86
N ALA D 33 -38.77 -18.71 1.15
CA ALA D 33 -37.58 -17.99 0.68
C ALA D 33 -37.71 -17.96 -0.84
N SER D 34 -37.46 -16.80 -1.44
CA SER D 34 -37.59 -16.60 -2.88
C SER D 34 -36.40 -15.82 -3.46
N GLY D 35 -35.72 -16.44 -4.40
CA GLY D 35 -34.72 -15.75 -5.24
C GLY D 35 -35.47 -15.10 -6.39
N THR D 36 -35.38 -13.77 -6.48
CA THR D 36 -36.24 -13.02 -7.38
C THR D 36 -35.57 -12.51 -8.64
N MET D 37 -34.33 -12.95 -8.89
CA MET D 37 -33.61 -12.58 -10.12
C MET D 37 -32.93 -13.81 -10.73
N TRP D 38 -33.04 -13.93 -12.05
CA TRP D 38 -32.39 -15.01 -12.79
C TRP D 38 -31.69 -14.44 -14.00
N ARG D 39 -30.53 -15.01 -14.31
CA ARG D 39 -29.76 -14.66 -15.52
C ARG D 39 -29.64 -15.78 -16.59
N GLY D 40 -29.70 -17.04 -16.19
CA GLY D 40 -29.51 -18.13 -17.13
C GLY D 40 -28.05 -18.34 -17.52
N MET D 41 -27.18 -18.33 -16.50
CA MET D 41 -25.74 -18.48 -16.76
C MET D 41 -25.42 -19.87 -17.31
N GLU D 42 -26.21 -20.89 -16.90
CA GLU D 42 -25.98 -22.25 -17.38
C GLU D 42 -26.20 -22.35 -18.90
N GLU D 43 -27.20 -21.63 -19.39
CA GLU D 43 -27.51 -21.58 -20.82
C GLU D 43 -26.48 -20.76 -21.57
N ILE D 44 -26.03 -19.66 -20.97
CA ILE D 44 -25.07 -18.79 -21.63
C ILE D 44 -23.77 -19.53 -21.95
N VAL D 45 -23.33 -20.41 -21.04
CA VAL D 45 -22.09 -21.12 -21.25
C VAL D 45 -22.20 -22.33 -22.17
N LYS D 46 -23.43 -22.81 -22.43
CA LYS D 46 -23.62 -23.99 -23.32
C LYS D 46 -23.07 -23.74 -24.74
N ASN D 47 -22.59 -24.82 -25.36
CA ASN D 47 -22.05 -24.82 -26.76
C ASN D 47 -20.72 -24.14 -26.96
N ARG D 48 -20.04 -23.85 -25.85
CA ARG D 48 -18.72 -23.26 -25.94
C ARG D 48 -17.63 -24.29 -25.69
N ASP D 49 -16.41 -23.86 -25.89
CA ASP D 49 -15.23 -24.71 -25.64
C ASP D 49 -15.13 -24.92 -24.14
N PRO D 50 -14.87 -26.15 -23.71
CA PRO D 50 -14.72 -26.40 -22.28
C PRO D 50 -13.67 -25.54 -21.56
N ARG D 51 -12.64 -25.12 -22.30
CA ARG D 51 -11.57 -24.30 -21.75
C ARG D 51 -12.05 -22.89 -21.42
N ASP D 52 -13.13 -22.44 -22.06
CA ASP D 52 -13.63 -21.07 -21.92
C ASP D 52 -14.61 -20.88 -20.76
N ALA D 53 -15.19 -21.98 -20.28
CA ALA D 53 -16.30 -21.88 -19.36
C ALA D 53 -15.99 -21.08 -18.12
N TRP D 54 -14.79 -21.28 -17.57
CA TRP D 54 -14.49 -20.72 -16.29
C TRP D 54 -14.58 -19.18 -16.25
N MET D 55 -14.21 -18.55 -17.37
CA MET D 55 -14.19 -17.05 -17.40
C MET D 55 -15.61 -16.51 -17.42
N ILE D 56 -16.53 -17.28 -18.01
CA ILE D 56 -17.94 -16.91 -18.07
C ILE D 56 -18.63 -17.19 -16.74
N VAL D 57 -18.55 -18.44 -16.25
CA VAL D 57 -19.25 -18.80 -15.04
C VAL D 57 -18.68 -18.23 -13.76
N GLN D 58 -17.44 -17.71 -13.77
CA GLN D 58 -16.95 -16.94 -12.65
C GLN D 58 -17.90 -15.78 -12.33
N ARG D 59 -18.56 -15.25 -13.35
CA ARG D 59 -19.48 -14.14 -13.21
C ARG D 59 -20.83 -14.53 -12.62
N ILE D 60 -21.02 -15.80 -12.26
CA ILE D 60 -22.14 -16.14 -11.39
C ILE D 60 -22.13 -15.23 -10.14
N CYS D 61 -20.94 -14.94 -9.55
CA CYS D 61 -20.91 -14.13 -8.33
C CYS D 61 -19.59 -13.46 -8.14
N GLY D 62 -19.65 -12.20 -7.70
CA GLY D 62 -18.48 -11.38 -7.41
C GLY D 62 -18.17 -11.28 -5.95
N VAL D 63 -19.09 -11.69 -5.08
CA VAL D 63 -18.83 -11.74 -3.66
C VAL D 63 -17.99 -12.93 -3.42
N CYS D 64 -18.47 -14.10 -3.91
CA CYS D 64 -17.65 -15.29 -3.91
C CYS D 64 -16.94 -15.46 -5.22
N THR D 65 -16.24 -14.41 -5.59
CA THR D 65 -15.32 -14.48 -6.73
C THR D 65 -14.27 -15.57 -6.42
N THR D 66 -13.62 -16.05 -7.47
CA THR D 66 -12.73 -17.22 -7.44
C THR D 66 -13.42 -18.58 -7.45
N THR D 67 -14.51 -18.71 -6.72
CA THR D 67 -15.07 -20.03 -6.44
C THR D 67 -15.62 -20.73 -7.68
N HIS D 68 -16.46 -20.04 -8.45
CA HIS D 68 -17.02 -20.63 -9.66
C HIS D 68 -15.95 -20.84 -10.74
N ALA D 69 -14.95 -19.94 -10.79
CA ALA D 69 -13.79 -20.15 -11.67
C ALA D 69 -13.05 -21.47 -11.38
N LEU D 70 -12.73 -21.68 -10.10
CA LEU D 70 -12.04 -22.86 -9.68
C LEU D 70 -12.90 -24.14 -9.88
N SER D 71 -14.17 -24.06 -9.52
CA SER D 71 -15.05 -25.23 -9.68
C SER D 71 -15.19 -25.61 -11.16
N SER D 72 -15.28 -24.60 -12.02
CA SER D 72 -15.38 -24.84 -13.47
C SER D 72 -14.15 -25.50 -14.05
N VAL D 73 -12.97 -24.98 -13.78
CA VAL D 73 -11.77 -25.66 -14.29
C VAL D 73 -11.66 -27.08 -13.70
N ARG D 74 -12.04 -27.23 -12.42
CA ARG D 74 -12.01 -28.60 -11.83
C ARG D 74 -12.99 -29.56 -12.58
N ALA D 75 -14.14 -29.02 -13.00
CA ALA D 75 -15.12 -29.84 -13.72
C ALA D 75 -14.57 -30.28 -15.07
N ALA D 76 -13.92 -29.35 -15.79
CA ALA D 76 -13.33 -29.68 -17.08
C ALA D 76 -12.19 -30.70 -16.90
N GLU D 77 -11.37 -30.47 -15.88
CA GLU D 77 -10.30 -31.39 -15.59
C GLU D 77 -10.79 -32.79 -15.22
N SER D 78 -11.92 -32.84 -14.49
CA SER D 78 -12.57 -34.11 -14.16
C SER D 78 -13.02 -34.84 -15.47
N ALA D 79 -13.70 -34.13 -16.34
CA ALA D 79 -14.22 -34.72 -17.56
C ALA D 79 -13.08 -35.26 -18.43
N LEU D 80 -11.97 -34.51 -18.44
CA LEU D 80 -10.84 -34.76 -19.33
C LEU D 80 -9.77 -35.68 -18.75
N ASN D 81 -9.90 -35.98 -17.47
CA ASN D 81 -8.91 -36.80 -16.74
C ASN D 81 -7.52 -36.14 -16.68
N ILE D 82 -7.54 -34.87 -16.27
CA ILE D 82 -6.28 -34.11 -16.10
C ILE D 82 -5.87 -34.05 -14.65
N ASP D 83 -4.61 -34.34 -14.41
CA ASP D 83 -3.97 -34.18 -13.12
C ASP D 83 -3.31 -32.80 -13.08
N VAL D 84 -3.71 -31.99 -12.14
CA VAL D 84 -3.25 -30.62 -12.05
C VAL D 84 -1.87 -30.59 -11.43
N PRO D 85 -0.92 -29.84 -12.03
CA PRO D 85 0.42 -29.72 -11.37
C PRO D 85 0.35 -29.24 -9.95
N VAL D 86 1.20 -29.77 -9.09
CA VAL D 86 1.13 -29.42 -7.71
C VAL D 86 1.36 -27.91 -7.47
N ASN D 87 2.23 -27.24 -8.22
CA ASN D 87 2.37 -25.78 -8.03
C ASN D 87 1.06 -25.04 -8.33
N ALA D 88 0.32 -25.53 -9.32
CA ALA D 88 -0.96 -24.91 -9.61
C ALA D 88 -1.95 -25.13 -8.46
N GLN D 89 -1.88 -26.29 -7.80
CA GLN D 89 -2.69 -26.50 -6.63
C GLN D 89 -2.33 -25.53 -5.50
N TYR D 90 -1.02 -25.37 -5.24
CA TYR D 90 -0.64 -24.43 -4.20
C TYR D 90 -1.21 -23.00 -4.47
N ILE D 91 -1.07 -22.55 -5.71
CA ILE D 91 -1.53 -21.22 -6.10
C ILE D 91 -3.06 -21.11 -5.98
N ARG D 92 -3.76 -22.11 -6.53
CA ARG D 92 -5.25 -22.13 -6.41
C ARG D 92 -5.68 -22.10 -4.95
N ASN D 93 -4.94 -22.85 -4.11
CA ASN D 93 -5.26 -22.95 -2.69
C ASN D 93 -5.06 -21.64 -1.96
N ILE D 94 -3.92 -20.97 -2.23
CA ILE D 94 -3.67 -19.68 -1.58
C ILE D 94 -4.78 -18.67 -1.95
N ILE D 95 -5.12 -18.63 -3.23
CA ILE D 95 -6.17 -17.75 -3.70
C ILE D 95 -7.48 -18.05 -2.96
N LEU D 96 -7.89 -19.33 -2.94
CA LEU D 96 -9.19 -19.64 -2.31
C LEU D 96 -9.16 -19.30 -0.81
N ALA D 97 -8.05 -19.59 -0.14
CA ALA D 97 -7.97 -19.35 1.31
C ALA D 97 -7.99 -17.83 1.64
N ALA D 98 -7.22 -17.06 0.86
CA ALA D 98 -7.18 -15.61 1.06
C ALA D 98 -8.53 -14.98 0.71
N HIS D 99 -9.13 -15.42 -0.39
CA HIS D 99 -10.44 -14.93 -0.76
C HIS D 99 -11.43 -15.18 0.40
N THR D 100 -11.43 -16.42 0.89
CA THR D 100 -12.41 -16.81 1.90
C THR D 100 -12.22 -16.01 3.18
N THR D 101 -10.96 -15.69 3.50
CA THR D 101 -10.69 -14.82 4.65
C THR D 101 -11.39 -13.43 4.48
N HIS D 102 -11.17 -12.82 3.34
CA HIS D 102 -11.90 -11.56 2.99
C HIS D 102 -13.43 -11.72 3.18
N ASP D 103 -13.91 -12.81 2.63
CA ASP D 103 -15.37 -13.03 2.48
C ASP D 103 -15.99 -13.15 3.88
N HIS D 104 -15.40 -13.99 4.75
CA HIS D 104 -15.97 -14.21 6.08
C HIS D 104 -15.88 -12.97 6.96
N ILE D 105 -14.77 -12.24 6.86
CA ILE D 105 -14.63 -10.99 7.63
C ILE D 105 -15.71 -9.98 7.23
N VAL D 106 -15.88 -9.80 5.94
CA VAL D 106 -16.90 -8.85 5.47
C VAL D 106 -18.30 -9.33 5.88
N HIS D 107 -18.54 -10.64 5.86
CA HIS D 107 -19.86 -11.13 6.29
C HIS D 107 -20.16 -10.80 7.74
N PHE D 108 -19.19 -11.06 8.62
CA PHE D 108 -19.44 -10.88 10.02
C PHE D 108 -19.64 -9.39 10.34
N TYR D 109 -18.81 -8.54 9.75
CA TYR D 109 -18.87 -7.12 10.06
C TYR D 109 -19.83 -6.32 9.16
N GLN D 110 -19.52 -6.20 7.88
CA GLN D 110 -20.28 -5.36 6.99
C GLN D 110 -21.67 -5.86 6.71
N LEU D 111 -21.87 -7.19 6.71
CA LEU D 111 -23.20 -7.72 6.36
C LEU D 111 -24.02 -8.02 7.59
N SER D 112 -23.43 -8.57 8.63
CA SER D 112 -24.21 -9.14 9.75
C SER D 112 -24.25 -8.29 11.03
N ALA D 113 -23.19 -7.51 11.32
CA ALA D 113 -23.07 -6.91 12.65
C ALA D 113 -24.25 -6.00 12.99
N LEU D 114 -24.77 -5.28 12.00
CA LEU D 114 -25.87 -4.35 12.24
C LEU D 114 -27.20 -5.00 12.58
N ASP D 115 -27.26 -6.34 12.52
CA ASP D 115 -28.40 -7.08 13.09
C ASP D 115 -28.35 -7.15 14.64
N TRP D 116 -27.14 -7.03 15.20
CA TRP D 116 -26.87 -7.28 16.57
C TRP D 116 -26.35 -6.05 17.34
N VAL D 117 -25.93 -5.02 16.61
CA VAL D 117 -25.29 -3.82 17.13
C VAL D 117 -26.20 -2.63 16.82
N ASP D 118 -26.38 -1.78 17.81
CA ASP D 118 -27.17 -0.54 17.73
C ASP D 118 -26.20 0.64 17.71
N ILE D 119 -26.03 1.29 16.56
CA ILE D 119 -25.02 2.36 16.47
C ILE D 119 -25.38 3.61 17.29
N THR D 120 -26.68 3.91 17.43
CA THR D 120 -27.11 5.06 18.24
C THR D 120 -26.69 4.88 19.68
N SER D 121 -26.82 3.64 20.18
CA SER D 121 -26.45 3.31 21.55
C SER D 121 -24.96 3.54 21.79
N ALA D 122 -24.15 3.32 20.77
CA ALA D 122 -22.72 3.62 20.87
C ALA D 122 -22.41 5.07 21.24
N LEU D 123 -23.30 6.01 20.94
CA LEU D 123 -23.07 7.39 21.31
C LEU D 123 -23.10 7.63 22.81
N GLN D 124 -23.77 6.76 23.55
CA GLN D 124 -23.87 6.86 25.00
C GLN D 124 -22.71 6.19 25.73
N ALA D 125 -21.83 5.54 24.98
CA ALA D 125 -20.76 4.77 25.55
C ALA D 125 -19.70 5.68 26.16
N ASP D 126 -19.07 5.17 27.20
CA ASP D 126 -17.86 5.73 27.79
C ASP D 126 -16.69 4.94 27.14
N PRO D 127 -15.85 5.61 26.32
CA PRO D 127 -14.75 4.90 25.64
C PRO D 127 -13.74 4.22 26.57
N THR D 128 -13.47 4.84 27.72
CA THR D 128 -12.55 4.23 28.68
C THR D 128 -13.10 2.92 29.27
N LYS D 129 -14.39 2.95 29.69
CA LYS D 129 -15.07 1.71 30.13
C LYS D 129 -15.10 0.64 29.04
N ALA D 130 -15.30 1.05 27.81
CA ALA D 130 -15.29 0.09 26.69
C ALA D 130 -13.95 -0.63 26.56
N SER D 131 -12.87 0.14 26.62
CA SER D 131 -11.55 -0.41 26.54
C SER D 131 -11.25 -1.31 27.74
N GLU D 132 -11.70 -0.88 28.92
CA GLU D 132 -11.46 -1.63 30.14
C GLU D 132 -12.13 -3.02 30.07
N MET D 133 -13.28 -3.11 29.40
CA MET D 133 -13.98 -4.40 29.23
C MET D 133 -13.18 -5.46 28.46
N LEU D 134 -12.20 -5.03 27.66
CA LEU D 134 -11.44 -5.97 26.86
C LEU D 134 -10.14 -6.41 27.49
N LYS D 135 -9.79 -5.88 28.67
CA LYS D 135 -8.54 -6.28 29.35
C LYS D 135 -8.59 -7.77 29.70
N GLY D 136 -7.57 -8.55 29.31
CA GLY D 136 -7.56 -9.99 29.54
C GLY D 136 -8.49 -10.81 28.66
N VAL D 137 -9.20 -10.15 27.73
CA VAL D 137 -10.12 -10.77 26.78
C VAL D 137 -9.49 -10.79 25.39
N SER D 138 -8.77 -9.73 25.05
CA SER D 138 -8.07 -9.68 23.75
C SER D 138 -6.74 -8.97 23.91
N THR D 139 -5.78 -9.37 23.08
CA THR D 139 -4.48 -8.71 23.01
C THR D 139 -4.38 -7.75 21.82
N TRP D 140 -5.49 -7.49 21.12
CA TRP D 140 -5.47 -6.61 19.95
C TRP D 140 -4.95 -5.23 20.32
N HIS D 141 -4.10 -4.69 19.44
CA HIS D 141 -3.44 -3.40 19.72
C HIS D 141 -4.26 -2.14 19.47
N LEU D 142 -5.48 -2.28 18.95
CA LEU D 142 -6.30 -1.11 18.60
C LEU D 142 -7.67 -1.11 19.33
N ASN D 143 -7.63 -1.42 20.62
CA ASN D 143 -8.77 -1.30 21.50
C ASN D 143 -8.60 -0.24 22.57
N SER D 144 -7.82 0.81 22.33
CA SER D 144 -7.62 1.83 23.34
C SER D 144 -8.82 2.78 23.44
N PRO D 145 -8.95 3.49 24.56
CA PRO D 145 -9.98 4.50 24.70
C PRO D 145 -9.85 5.57 23.60
N GLU D 146 -8.62 5.85 23.18
CA GLU D 146 -8.38 6.84 22.13
C GLU D 146 -8.89 6.40 20.79
N GLU D 147 -8.66 5.13 20.43
CA GLU D 147 -9.28 4.58 19.21
C GLU D 147 -10.80 4.67 19.30
N PHE D 148 -11.36 4.25 20.42
CA PHE D 148 -12.83 4.22 20.55
C PHE D 148 -13.44 5.62 20.54
N THR D 149 -12.72 6.59 21.09
CA THR D 149 -13.19 7.98 21.09
C THR D 149 -13.21 8.55 19.67
N LYS D 150 -12.19 8.25 18.87
CA LYS D 150 -12.14 8.69 17.49
C LYS D 150 -13.33 8.10 16.72
N VAL D 151 -13.57 6.80 16.92
CA VAL D 151 -14.68 6.12 16.26
C VAL D 151 -16.01 6.74 16.71
N GLN D 152 -16.16 6.97 18.01
CA GLN D 152 -17.40 7.58 18.51
C GLN D 152 -17.65 8.95 17.86
N ASN D 153 -16.57 9.72 17.66
CA ASN D 153 -16.68 11.04 17.02
C ASN D 153 -17.04 10.95 15.55
N LYS D 154 -16.61 9.90 14.85
CA LYS D 154 -17.07 9.69 13.46
C LYS D 154 -18.58 9.46 13.50
N ILE D 155 -19.07 8.66 14.44
CA ILE D 155 -20.52 8.40 14.54
C ILE D 155 -21.29 9.71 14.82
N LYS D 156 -20.82 10.45 15.81
CA LYS D 156 -21.39 11.72 16.22
C LYS D 156 -21.47 12.66 15.03
N ASP D 157 -20.40 12.75 14.24
CA ASP D 157 -20.36 13.65 13.06
C ASP D 157 -21.35 13.23 11.97
N LEU D 158 -21.45 11.92 11.72
CA LEU D 158 -22.42 11.42 10.76
C LEU D 158 -23.83 11.77 11.22
N VAL D 159 -24.12 11.49 12.48
CA VAL D 159 -25.44 11.80 13.03
C VAL D 159 -25.71 13.31 12.99
N ALA D 160 -24.73 14.12 13.37
CA ALA D 160 -24.88 15.58 13.34
C ALA D 160 -25.15 16.14 11.92
N SER D 161 -24.65 15.49 10.86
CA SER D 161 -24.87 15.97 9.49
C SER D 161 -26.32 15.81 9.02
N GLY D 162 -27.11 14.99 9.70
CA GLY D 162 -28.47 14.66 9.27
C GLY D 162 -28.56 13.77 8.04
N GLN D 163 -27.43 13.27 7.53
CA GLN D 163 -27.41 12.37 6.39
C GLN D 163 -26.87 11.05 6.85
N LEU D 164 -27.76 10.19 7.29
CA LEU D 164 -27.34 8.90 7.81
C LEU D 164 -27.09 7.87 6.69
N GLY D 165 -27.69 8.12 5.52
CA GLY D 165 -27.55 7.27 4.32
C GLY D 165 -27.86 5.83 4.62
N ILE D 166 -26.92 4.96 4.37
CA ILE D 166 -27.10 3.54 4.67
C ILE D 166 -27.26 3.13 6.15
N PHE D 167 -26.99 4.05 7.06
CA PHE D 167 -27.28 3.79 8.47
C PHE D 167 -28.66 4.28 8.91
N ALA D 168 -29.41 4.84 7.97
CA ALA D 168 -30.72 5.43 8.31
C ALA D 168 -31.80 4.40 8.50
N ASN D 169 -32.70 4.70 9.44
CA ASN D 169 -33.99 4.00 9.60
C ASN D 169 -33.71 2.53 9.94
N GLY D 170 -32.62 2.30 10.67
CA GLY D 170 -32.19 0.97 11.12
C GLY D 170 -32.92 0.70 12.40
N TYR D 171 -32.51 -0.34 13.13
CA TYR D 171 -33.38 -0.97 14.16
C TYR D 171 -32.93 -0.53 15.53
N TRP D 172 -32.71 0.79 15.64
CA TRP D 172 -32.03 1.37 16.79
C TRP D 172 -33.07 1.35 17.93
N GLY D 173 -32.70 0.84 19.11
CA GLY D 173 -33.65 0.71 20.25
C GLY D 173 -34.65 -0.44 20.17
N HIS D 174 -34.52 -1.31 19.18
CA HIS D 174 -35.40 -2.47 19.04
C HIS D 174 -35.20 -3.34 20.27
N PRO D 175 -36.26 -3.95 20.79
CA PRO D 175 -36.13 -4.75 22.02
C PRO D 175 -35.21 -5.98 21.93
N ALA D 176 -34.97 -6.47 20.73
CA ALA D 176 -34.01 -7.56 20.50
C ALA D 176 -32.55 -7.13 20.47
N MET D 177 -32.27 -5.82 20.54
CA MET D 177 -30.89 -5.32 20.62
C MET D 177 -30.50 -5.36 22.09
N LYS D 178 -29.50 -6.15 22.44
CA LYS D 178 -29.14 -6.42 23.84
C LYS D 178 -27.76 -5.94 24.27
N LEU D 179 -26.96 -5.37 23.37
CA LEU D 179 -25.59 -5.01 23.75
C LEU D 179 -25.60 -3.72 24.54
N PRO D 180 -24.77 -3.64 25.59
CA PRO D 180 -24.54 -2.34 26.26
C PRO D 180 -23.91 -1.32 25.31
N PRO D 181 -24.11 0.00 25.57
CA PRO D 181 -23.50 1.09 24.78
C PRO D 181 -22.01 0.88 24.42
N GLU D 182 -21.24 0.49 25.45
CA GLU D 182 -19.81 0.25 25.29
C GLU D 182 -19.52 -0.83 24.25
N VAL D 183 -20.30 -1.89 24.27
CA VAL D 183 -20.09 -3.00 23.36
C VAL D 183 -20.49 -2.64 21.94
N ASN D 184 -21.54 -1.84 21.82
CA ASN D 184 -21.90 -1.32 20.51
C ASN D 184 -20.74 -0.48 19.94
N LEU D 185 -20.13 0.35 20.78
CA LEU D 185 -19.00 1.17 20.32
C LEU D 185 -17.82 0.32 19.87
N ILE D 186 -17.51 -0.70 20.67
CA ILE D 186 -16.44 -1.61 20.31
C ILE D 186 -16.67 -2.24 18.94
N ALA D 187 -17.90 -2.72 18.75
CA ALA D 187 -18.27 -3.34 17.49
C ALA D 187 -18.09 -2.40 16.27
N VAL D 188 -18.49 -1.13 16.41
CA VAL D 188 -18.33 -0.20 15.30
C VAL D 188 -16.84 0.01 15.02
N ALA D 189 -16.03 0.15 16.07
CA ALA D 189 -14.56 0.29 15.84
C ALA D 189 -14.00 -0.95 15.07
N HIS D 190 -14.44 -2.16 15.47
CA HIS D 190 -13.99 -3.34 14.81
C HIS D 190 -14.53 -3.45 13.38
N TYR D 191 -15.76 -2.97 13.15
CA TYR D 191 -16.31 -2.89 11.80
C TYR D 191 -15.38 -2.11 10.84
N LEU D 192 -14.92 -0.95 11.31
CA LEU D 192 -14.01 -0.14 10.50
C LEU D 192 -12.63 -0.82 10.32
N GLN D 193 -12.10 -1.40 11.40
CA GLN D 193 -10.81 -2.11 11.37
C GLN D 193 -10.85 -3.31 10.43
N ALA D 194 -12.01 -3.97 10.39
CA ALA D 194 -12.19 -5.10 9.48
C ALA D 194 -11.92 -4.77 8.03
N LEU D 195 -12.31 -3.57 7.62
CA LEU D 195 -12.09 -3.13 6.27
C LEU D 195 -10.61 -3.14 5.82
N GLU D 196 -9.70 -2.82 6.75
CA GLU D 196 -8.27 -2.89 6.49
C GLU D 196 -7.82 -4.33 6.32
N CYS D 197 -8.27 -5.22 7.20
CA CYS D 197 -7.87 -6.61 7.12
C CYS D 197 -8.33 -7.27 5.85
N GLN D 198 -9.60 -7.06 5.49
CA GLN D 198 -10.11 -7.66 4.25
C GLN D 198 -9.41 -7.15 3.01
N ARG D 199 -8.96 -5.87 3.05
CA ARG D 199 -8.19 -5.33 1.92
C ARG D 199 -6.83 -6.04 1.78
N ASP D 200 -6.16 -6.34 2.91
CA ASP D 200 -4.92 -7.14 2.88
C ASP D 200 -5.11 -8.54 2.30
N ALA D 201 -6.22 -9.16 2.67
CA ALA D 201 -6.49 -10.50 2.13
C ALA D 201 -6.66 -10.46 0.61
N ASN D 202 -7.32 -9.42 0.12
CA ASN D 202 -7.50 -9.32 -1.30
C ASN D 202 -6.26 -8.93 -2.07
N ARG D 203 -5.29 -8.33 -1.36
CA ARG D 203 -3.99 -8.08 -2.01
C ARG D 203 -3.24 -9.42 -2.31
N VAL D 204 -3.40 -10.41 -1.42
CA VAL D 204 -2.86 -11.75 -1.67
C VAL D 204 -3.49 -12.31 -2.93
N VAL D 205 -4.83 -12.21 -2.97
CA VAL D 205 -5.56 -12.74 -4.11
C VAL D 205 -5.11 -12.06 -5.42
N ALA D 206 -5.00 -10.73 -5.39
CA ALA D 206 -4.65 -9.96 -6.60
C ALA D 206 -3.28 -10.34 -7.15
N LEU D 207 -2.30 -10.51 -6.24
CA LEU D 207 -0.96 -10.79 -6.71
C LEU D 207 -0.82 -12.12 -7.44
N LEU D 208 -1.70 -13.09 -7.12
CA LEU D 208 -1.73 -14.36 -7.87
C LEU D 208 -2.79 -14.41 -8.95
N GLY D 209 -3.91 -13.71 -8.73
CA GLY D 209 -5.03 -13.78 -9.66
C GLY D 209 -5.01 -12.77 -10.81
N GLY D 210 -4.25 -11.69 -10.66
CA GLY D 210 -4.14 -10.67 -11.67
C GLY D 210 -5.04 -9.47 -11.46
N LYS D 211 -5.93 -9.61 -10.48
CA LYS D 211 -6.94 -8.65 -10.04
C LYS D 211 -7.94 -9.39 -9.16
N THR D 212 -8.73 -8.62 -8.44
CA THR D 212 -9.93 -9.13 -7.77
C THR D 212 -10.82 -7.92 -7.55
N PRO D 213 -12.14 -8.04 -7.72
CA PRO D 213 -12.87 -9.27 -8.12
C PRO D 213 -12.56 -9.82 -9.50
N HIS D 214 -12.82 -11.12 -9.63
CA HIS D 214 -12.75 -11.90 -10.86
C HIS D 214 -11.30 -12.13 -11.27
N ILE D 215 -10.73 -13.17 -10.68
CA ILE D 215 -9.36 -13.54 -10.99
C ILE D 215 -9.22 -13.97 -12.43
N GLN D 216 -8.00 -13.98 -12.91
CA GLN D 216 -7.74 -14.25 -14.32
C GLN D 216 -6.46 -15.02 -14.51
N ASN D 217 -6.18 -15.98 -13.61
CA ASN D 217 -4.92 -16.74 -13.71
C ASN D 217 -5.15 -18.24 -13.83
N LEU D 218 -6.39 -18.66 -14.03
CA LEU D 218 -6.66 -20.09 -14.10
C LEU D 218 -6.58 -20.59 -15.53
N ALA D 219 -6.54 -21.93 -15.65
CA ALA D 219 -6.66 -22.58 -16.90
C ALA D 219 -7.11 -23.99 -16.66
N VAL D 220 -7.84 -24.55 -17.62
CA VAL D 220 -8.05 -26.00 -17.61
C VAL D 220 -6.66 -26.62 -17.89
N GLY D 221 -6.13 -27.27 -16.85
CA GLY D 221 -4.73 -27.75 -16.90
C GLY D 221 -3.75 -27.13 -15.90
N GLY D 222 -4.18 -26.08 -15.20
CA GLY D 222 -3.35 -25.51 -14.11
C GLY D 222 -3.59 -24.03 -13.92
N VAL D 223 -2.51 -23.28 -13.99
CA VAL D 223 -2.57 -21.80 -13.82
C VAL D 223 -1.68 -21.12 -14.88
N ALA D 224 -1.93 -19.84 -15.06
CA ALA D 224 -1.24 -18.97 -15.99
C ALA D 224 -0.08 -18.22 -15.35
N ASN D 225 0.15 -18.39 -14.06
CA ASN D 225 1.31 -17.71 -13.40
C ASN D 225 2.58 -18.40 -13.90
N PRO D 226 3.57 -17.66 -14.43
CA PRO D 226 4.80 -18.31 -14.88
C PRO D 226 5.80 -18.27 -13.69
N ILE D 227 6.19 -19.42 -13.17
CA ILE D 227 7.12 -19.47 -12.05
C ILE D 227 8.54 -19.43 -12.59
N ASN D 228 9.29 -18.41 -12.15
CA ASN D 228 10.68 -18.31 -12.58
C ASN D 228 11.34 -17.34 -11.62
N LEU D 229 12.03 -17.88 -10.64
CA LEU D 229 12.68 -17.02 -9.63
C LEU D 229 13.64 -16.00 -10.19
N ASP D 230 14.19 -16.32 -11.36
CA ASP D 230 15.17 -15.48 -12.02
C ASP D 230 14.65 -14.66 -13.18
N GLY D 231 13.32 -14.63 -13.32
CA GLY D 231 12.71 -13.97 -14.45
C GLY D 231 12.16 -12.59 -14.15
N LEU D 232 12.41 -11.68 -15.07
CA LEU D 232 11.83 -10.36 -15.04
C LEU D 232 10.38 -10.43 -15.51
N GLY D 233 9.47 -9.77 -14.80
CA GLY D 233 8.08 -9.66 -15.24
C GLY D 233 7.21 -10.86 -15.04
N VAL D 234 7.71 -11.85 -14.29
CA VAL D 234 6.94 -13.08 -13.98
C VAL D 234 6.89 -13.34 -12.47
N LEU D 235 6.45 -14.53 -12.04
CA LEU D 235 6.30 -14.85 -10.63
C LEU D 235 7.66 -15.26 -10.13
N ASN D 236 8.38 -14.27 -9.62
CA ASN D 236 9.76 -14.47 -9.19
C ASN D 236 9.83 -14.37 -7.68
N LEU D 237 11.03 -14.34 -7.08
CA LEU D 237 11.10 -14.39 -5.63
C LEU D 237 10.62 -13.08 -5.00
N GLU D 238 10.91 -11.96 -5.64
CA GLU D 238 10.41 -10.66 -5.15
C GLU D 238 8.86 -10.65 -5.06
N ARG D 239 8.22 -11.16 -6.12
CA ARG D 239 6.74 -11.20 -6.12
C ARG D 239 6.21 -12.11 -5.03
N LEU D 240 6.89 -13.24 -4.84
CA LEU D 240 6.52 -14.20 -3.77
C LEU D 240 6.68 -13.56 -2.38
N MET D 241 7.79 -12.86 -2.16
CA MET D 241 7.98 -12.12 -0.90
C MET D 241 6.86 -11.08 -0.66
N TYR D 242 6.41 -10.46 -1.75
CA TYR D 242 5.34 -9.47 -1.64
C TYR D 242 4.04 -10.15 -1.18
N ILE D 243 3.73 -11.27 -1.81
CA ILE D 243 2.57 -12.07 -1.39
C ILE D 243 2.65 -12.42 0.11
N LYS D 244 3.82 -12.91 0.52
CA LYS D 244 4.00 -13.30 1.92
C LYS D 244 3.77 -12.13 2.90
N SER D 245 4.24 -10.92 2.49
CA SER D 245 4.06 -9.75 3.34
C SER D 245 2.56 -9.48 3.64
N PHE D 246 1.69 -9.78 2.69
CA PHE D 246 0.27 -9.62 2.94
C PHE D 246 -0.35 -10.79 3.70
N ILE D 247 0.10 -12.03 3.40
CA ILE D 247 -0.39 -13.16 4.18
C ILE D 247 -0.14 -12.93 5.68
N ASP D 248 1.05 -12.41 6.00
CA ASP D 248 1.44 -12.22 7.41
C ASP D 248 0.61 -11.15 8.15
N LYS D 249 -0.07 -10.28 7.43
CA LYS D 249 -0.84 -9.19 8.02
C LYS D 249 -2.26 -9.58 8.46
N LEU D 250 -2.70 -10.80 8.14
CA LEU D 250 -4.12 -11.18 8.37
C LEU D 250 -4.40 -11.75 9.74
N SER D 251 -3.45 -12.51 10.30
CA SER D 251 -3.72 -13.34 11.47
C SER D 251 -4.16 -12.54 12.70
N ASP D 252 -3.49 -11.41 13.01
CA ASP D 252 -3.77 -10.73 14.29
C ASP D 252 -5.23 -10.31 14.37
N PHE D 253 -5.75 -9.67 13.30
CA PHE D 253 -7.17 -9.26 13.31
C PHE D 253 -8.10 -10.47 13.45
N VAL D 254 -7.84 -11.49 12.66
CA VAL D 254 -8.70 -12.65 12.68
C VAL D 254 -8.74 -13.30 14.08
N GLU D 255 -7.57 -13.44 14.72
CA GLU D 255 -7.48 -14.12 15.99
C GLU D 255 -7.87 -13.25 17.21
N GLN D 256 -7.54 -11.97 17.17
CA GLN D 256 -7.66 -11.07 18.32
C GLN D 256 -8.87 -10.17 18.25
N VAL D 257 -9.56 -10.13 17.11
CA VAL D 257 -10.75 -9.31 16.96
C VAL D 257 -11.93 -10.19 16.53
N TYR D 258 -11.87 -10.76 15.35
CA TYR D 258 -13.00 -11.52 14.78
C TYR D 258 -13.35 -12.70 15.68
N LYS D 259 -12.37 -13.51 16.05
CA LYS D 259 -12.62 -14.66 16.91
C LYS D 259 -13.21 -14.27 18.26
N VAL D 260 -12.68 -13.20 18.85
CA VAL D 260 -13.17 -12.71 20.14
C VAL D 260 -14.60 -12.15 20.03
N ASP D 261 -14.87 -11.32 19.01
CA ASP D 261 -16.20 -10.75 18.84
C ASP D 261 -17.26 -11.83 18.69
N THR D 262 -16.90 -12.91 18.01
CA THR D 262 -17.79 -14.04 17.82
C THR D 262 -18.21 -14.63 19.19
N ALA D 263 -17.23 -14.87 20.06
CA ALA D 263 -17.54 -15.37 21.40
C ALA D 263 -18.37 -14.38 22.20
N VAL D 264 -18.11 -13.08 22.05
CA VAL D 264 -18.84 -12.02 22.78
C VAL D 264 -20.31 -11.92 22.31
N ILE D 265 -20.57 -12.03 21.00
CA ILE D 265 -21.95 -11.93 20.53
C ILE D 265 -22.74 -13.09 21.14
N ALA D 266 -22.13 -14.27 21.19
CA ALA D 266 -22.80 -15.43 21.81
C ALA D 266 -23.09 -15.20 23.30
N ALA D 267 -22.14 -14.58 23.99
CA ALA D 267 -22.30 -14.32 25.41
C ALA D 267 -23.48 -13.41 25.71
N PHE D 268 -23.71 -12.41 24.86
CA PHE D 268 -24.81 -11.47 25.02
C PHE D 268 -26.15 -11.93 24.44
N TYR D 269 -26.14 -12.91 23.55
CA TYR D 269 -27.33 -13.37 22.86
C TYR D 269 -27.47 -14.89 22.95
N PRO D 270 -27.38 -15.47 24.17
CA PRO D 270 -27.31 -16.91 24.30
C PRO D 270 -28.58 -17.68 23.85
N GLU D 271 -29.74 -17.04 23.84
CA GLU D 271 -30.96 -17.64 23.30
C GLU D 271 -30.81 -17.97 21.81
N TRP D 272 -29.87 -17.32 21.11
CA TRP D 272 -29.66 -17.58 19.67
C TRP D 272 -28.81 -18.85 19.42
N LEU D 273 -28.40 -19.52 20.49
CA LEU D 273 -27.84 -20.86 20.44
C LEU D 273 -28.92 -21.96 20.41
N THR D 274 -30.17 -21.56 20.64
CA THR D 274 -31.29 -22.51 20.77
C THR D 274 -32.37 -22.25 19.70
N ARG D 275 -32.07 -21.44 18.70
CA ARG D 275 -32.98 -21.28 17.55
C ARG D 275 -32.17 -21.18 16.25
N GLY D 276 -32.89 -21.26 15.15
CA GLY D 276 -32.33 -21.23 13.80
C GLY D 276 -31.74 -22.50 13.24
N LYS D 277 -32.11 -23.65 13.81
CA LYS D 277 -31.72 -24.93 13.22
C LYS D 277 -32.41 -25.12 11.87
N GLY D 278 -31.61 -25.37 10.83
CA GLY D 278 -32.09 -25.43 9.43
C GLY D 278 -32.31 -26.83 8.91
N ALA D 279 -31.57 -27.79 9.46
CA ALA D 279 -31.55 -29.15 8.97
C ALA D 279 -30.98 -30.10 10.03
N VAL D 280 -31.15 -31.39 9.77
CA VAL D 280 -30.49 -32.42 10.58
C VAL D 280 -29.45 -33.17 9.78
N ASN D 281 -29.26 -32.82 8.52
CA ASN D 281 -28.22 -33.45 7.67
C ASN D 281 -27.28 -32.36 7.17
N TYR D 282 -25.99 -32.69 7.08
CA TYR D 282 -24.96 -31.74 6.75
C TYR D 282 -23.98 -32.35 5.77
N LEU D 283 -23.51 -31.56 4.81
CA LEU D 283 -22.56 -32.02 3.79
C LEU D 283 -21.45 -31.00 3.56
N SER D 284 -20.21 -31.47 3.47
CA SER D 284 -19.08 -30.67 3.05
C SER D 284 -18.16 -31.55 2.23
N VAL D 285 -17.39 -30.93 1.36
CA VAL D 285 -16.40 -31.65 0.57
C VAL D 285 -15.00 -31.29 1.10
N PRO D 286 -14.06 -32.23 0.94
CA PRO D 286 -12.68 -31.92 1.34
C PRO D 286 -12.12 -30.81 0.43
N GLU D 287 -11.14 -30.06 0.94
CA GLU D 287 -10.64 -28.91 0.19
C GLU D 287 -9.13 -28.74 0.41
N PHE D 288 -8.51 -28.05 -0.55
CA PHE D 288 -7.08 -27.72 -0.57
C PHE D 288 -6.25 -28.97 -0.90
N PRO D 289 -6.37 -29.46 -2.16
CA PRO D 289 -5.57 -30.61 -2.59
C PRO D 289 -4.08 -30.26 -2.66
N THR D 290 -3.22 -31.23 -2.30
CA THR D 290 -1.79 -30.96 -2.19
C THR D 290 -0.88 -31.99 -2.87
N ASP D 291 -1.46 -32.94 -3.58
CA ASP D 291 -0.68 -33.95 -4.29
C ASP D 291 -0.79 -33.67 -5.79
N SER D 292 -0.16 -34.54 -6.58
CA SER D 292 -0.08 -34.41 -8.00
C SER D 292 -1.26 -35.02 -8.75
N LYS D 293 -2.26 -35.54 -8.04
CA LYS D 293 -3.40 -36.26 -8.63
C LYS D 293 -4.71 -35.75 -8.06
N ASN D 294 -4.79 -34.44 -7.81
CA ASN D 294 -6.04 -33.77 -7.44
C ASN D 294 -6.63 -34.18 -6.08
N GLY D 295 -5.77 -34.65 -5.19
CA GLY D 295 -6.18 -35.09 -3.89
C GLY D 295 -5.23 -34.72 -2.78
N SER D 296 -5.28 -35.46 -1.68
CA SER D 296 -4.53 -35.21 -0.46
C SER D 296 -4.88 -33.86 0.13
N PHE D 297 -6.15 -33.77 0.49
CA PHE D 297 -6.73 -32.52 0.89
C PHE D 297 -6.31 -32.13 2.31
N LEU D 298 -6.07 -30.84 2.54
CA LEU D 298 -5.75 -30.37 3.88
C LEU D 298 -6.98 -30.32 4.83
N PHE D 299 -8.16 -30.06 4.29
CA PHE D 299 -9.38 -30.05 5.07
C PHE D 299 -10.26 -31.25 4.65
N PRO D 300 -10.86 -31.92 5.64
CA PRO D 300 -11.68 -33.12 5.38
C PRO D 300 -13.11 -32.77 5.02
N GLY D 301 -13.78 -33.73 4.41
CA GLY D 301 -15.19 -33.58 4.04
C GLY D 301 -15.98 -34.79 4.53
N GLY D 302 -17.28 -34.71 4.36
CA GLY D 302 -18.16 -35.80 4.76
C GLY D 302 -19.61 -35.47 4.78
N TYR D 303 -20.40 -36.47 5.14
CA TYR D 303 -21.84 -36.36 5.27
C TYR D 303 -22.28 -36.82 6.65
N ILE D 304 -23.07 -35.98 7.30
CA ILE D 304 -23.64 -36.24 8.59
C ILE D 304 -25.15 -36.37 8.40
N GLU D 305 -25.70 -37.49 8.83
CA GLU D 305 -27.15 -37.75 8.76
C GLU D 305 -27.74 -37.71 10.19
N ASN D 306 -28.86 -37.01 10.34
CA ASN D 306 -29.58 -36.86 11.60
C ASN D 306 -28.69 -36.41 12.76
N ALA D 307 -27.81 -35.44 12.48
CA ALA D 307 -26.92 -34.81 13.46
C ALA D 307 -25.96 -35.77 14.18
N ASP D 308 -25.74 -36.96 13.62
CA ASP D 308 -24.94 -37.98 14.30
C ASP D 308 -23.49 -37.98 13.81
N LEU D 309 -22.63 -37.32 14.56
CA LEU D 309 -21.24 -37.17 14.17
C LEU D 309 -20.50 -38.51 14.20
N SER D 310 -20.88 -39.40 15.14
CA SER D 310 -20.16 -40.67 15.33
C SER D 310 -20.31 -41.62 14.15
N SER D 311 -21.42 -41.51 13.45
CA SER D 311 -21.66 -42.39 12.30
C SER D 311 -21.61 -41.68 10.93
N TYR D 312 -20.99 -40.51 10.89
CA TYR D 312 -20.79 -39.82 9.62
C TYR D 312 -19.99 -40.62 8.59
N ARG D 313 -20.19 -40.25 7.33
CA ARG D 313 -19.51 -40.85 6.22
C ARG D 313 -18.43 -39.90 5.71
N PRO D 314 -17.15 -40.24 5.90
CA PRO D 314 -16.10 -39.41 5.33
C PRO D 314 -16.12 -39.38 3.80
N ILE D 315 -15.68 -38.22 3.26
CA ILE D 315 -15.47 -38.02 1.85
C ILE D 315 -14.05 -37.47 1.74
N THR D 316 -13.20 -38.23 1.07
CA THR D 316 -11.79 -37.93 0.92
C THR D 316 -11.36 -37.67 -0.51
N SER D 317 -12.28 -37.79 -1.47
CA SER D 317 -11.97 -37.65 -2.85
C SER D 317 -13.08 -36.85 -3.57
N HIS D 318 -12.67 -35.99 -4.48
CA HIS D 318 -13.65 -35.31 -5.34
C HIS D 318 -14.22 -36.21 -6.46
N SER D 319 -13.76 -37.45 -6.55
CA SER D 319 -14.28 -38.45 -7.48
C SER D 319 -15.16 -39.49 -6.79
N ASP D 320 -15.48 -39.27 -5.53
CA ASP D 320 -16.29 -40.18 -4.73
C ASP D 320 -17.68 -40.41 -5.34
N GLU D 321 -17.94 -41.65 -5.81
CA GLU D 321 -19.18 -41.94 -6.51
C GLU D 321 -20.39 -41.85 -5.57
N TYR D 322 -20.21 -42.06 -4.27
CA TYR D 322 -21.29 -41.91 -3.30
C TYR D 322 -21.80 -40.48 -3.28
N LEU D 323 -20.84 -39.55 -3.28
CA LEU D 323 -21.17 -38.12 -3.28
C LEU D 323 -21.86 -37.78 -4.61
N ILE D 324 -21.24 -38.20 -5.70
CA ILE D 324 -21.71 -37.84 -7.01
C ILE D 324 -23.14 -38.33 -7.27
N LYS D 325 -23.42 -39.58 -6.94
CA LYS D 325 -24.71 -40.19 -7.27
C LYS D 325 -25.86 -39.67 -6.42
N GLY D 326 -25.56 -39.07 -5.28
CA GLY D 326 -26.59 -38.64 -4.35
C GLY D 326 -27.31 -37.34 -4.75
N ILE D 327 -26.65 -36.51 -5.56
CA ILE D 327 -27.07 -35.13 -5.74
C ILE D 327 -28.10 -35.04 -6.86
N GLN D 328 -29.25 -34.46 -6.53
CA GLN D 328 -30.28 -34.13 -7.50
C GLN D 328 -30.88 -32.76 -7.15
N GLU D 329 -31.57 -32.18 -8.11
CA GLU D 329 -32.32 -30.95 -7.91
C GLU D 329 -33.72 -31.05 -8.49
N SER D 330 -34.69 -30.41 -7.82
CA SER D 330 -36.09 -30.39 -8.28
C SER D 330 -36.54 -28.97 -8.47
N ALA D 331 -37.48 -28.78 -9.38
CA ALA D 331 -38.09 -27.48 -9.59
C ALA D 331 -39.61 -27.49 -9.38
N LYS D 332 -40.13 -28.39 -8.54
CA LYS D 332 -41.59 -28.41 -8.29
C LYS D 332 -42.11 -27.07 -7.82
N HIS D 333 -41.38 -26.41 -6.90
CA HIS D 333 -41.78 -25.14 -6.34
C HIS D 333 -40.89 -23.99 -6.83
N SER D 334 -40.26 -24.20 -7.97
CA SER D 334 -39.38 -23.22 -8.61
C SER D 334 -39.94 -22.89 -9.99
N TRP D 335 -39.53 -21.75 -10.51
CA TRP D 335 -39.98 -21.24 -11.81
C TRP D 335 -39.28 -21.87 -13.00
N TYR D 336 -39.21 -23.20 -13.02
CA TYR D 336 -38.74 -23.94 -14.16
C TYR D 336 -39.74 -25.03 -14.54
N LYS D 337 -39.59 -25.52 -15.75
CA LYS D 337 -40.59 -26.41 -16.36
C LYS D 337 -40.48 -27.83 -15.85
N ASP D 338 -39.28 -28.41 -15.81
CA ASP D 338 -39.14 -29.83 -15.49
C ASP D 338 -39.01 -29.99 -14.01
N GLU D 339 -39.94 -30.69 -13.37
CA GLU D 339 -40.08 -30.66 -11.90
C GLU D 339 -39.51 -31.85 -11.16
N ALA D 340 -39.42 -33.00 -11.80
CA ALA D 340 -38.95 -34.20 -11.12
C ALA D 340 -37.47 -34.06 -10.78
N PRO D 341 -37.00 -34.72 -9.70
CA PRO D 341 -35.57 -34.54 -9.35
C PRO D 341 -34.66 -34.99 -10.50
N GLN D 342 -33.64 -34.17 -10.79
CA GLN D 342 -32.70 -34.35 -11.88
C GLN D 342 -31.28 -34.40 -11.34
N ALA D 343 -30.56 -35.44 -11.74
CA ALA D 343 -29.10 -35.46 -11.55
C ALA D 343 -28.51 -34.36 -12.43
N PRO D 344 -27.53 -33.60 -11.94
CA PRO D 344 -27.15 -32.40 -12.72
C PRO D 344 -26.53 -32.67 -14.12
N TRP D 345 -25.91 -33.83 -14.36
CA TRP D 345 -25.44 -34.11 -15.71
C TRP D 345 -26.64 -34.21 -16.72
N GLU D 346 -27.83 -34.49 -16.19
CA GLU D 346 -29.06 -34.56 -17.00
C GLU D 346 -30.00 -33.40 -16.69
N GLY D 347 -29.49 -32.36 -16.03
CA GLY D 347 -30.31 -31.24 -15.60
C GLY D 347 -30.75 -30.34 -16.74
N THR D 348 -31.92 -29.72 -16.55
CA THR D 348 -32.43 -28.68 -17.47
C THR D 348 -32.72 -27.46 -16.62
N THR D 349 -32.76 -26.32 -17.29
CA THR D 349 -33.08 -25.03 -16.66
C THR D 349 -33.95 -24.28 -17.64
N ILE D 350 -35.19 -24.74 -17.78
CA ILE D 350 -36.16 -24.12 -18.67
C ILE D 350 -37.11 -23.17 -17.89
N PRO D 351 -36.99 -21.84 -18.08
CA PRO D 351 -37.77 -20.92 -17.28
C PRO D 351 -39.26 -21.08 -17.47
N ALA D 352 -39.99 -20.97 -16.38
CA ALA D 352 -41.46 -21.14 -16.41
C ALA D 352 -42.08 -20.27 -15.32
N TYR D 353 -41.83 -18.96 -15.43
CA TYR D 353 -42.36 -18.00 -14.45
C TYR D 353 -43.88 -17.92 -14.50
N ASP D 354 -44.51 -17.96 -13.32
CA ASP D 354 -45.96 -17.82 -13.22
C ASP D 354 -46.42 -17.00 -12.02
N GLY D 355 -45.49 -16.21 -11.45
CA GLY D 355 -45.76 -15.40 -10.30
C GLY D 355 -45.70 -16.18 -9.00
N TRP D 356 -45.73 -15.45 -7.92
CA TRP D 356 -45.73 -16.02 -6.60
C TRP D 356 -46.98 -16.84 -6.28
N SER D 357 -46.79 -18.02 -5.73
CA SER D 357 -47.92 -18.85 -5.23
C SER D 357 -47.41 -19.51 -3.96
N ASP D 358 -48.10 -19.33 -2.85
CA ASP D 358 -47.78 -19.99 -1.58
C ASP D 358 -47.62 -21.48 -1.69
N ASP D 359 -48.46 -22.12 -2.48
CA ASP D 359 -48.44 -23.57 -2.57
C ASP D 359 -47.90 -24.10 -3.89
N GLY D 360 -47.49 -23.22 -4.79
CA GLY D 360 -46.97 -23.63 -6.09
C GLY D 360 -45.52 -23.15 -6.23
N LYS D 361 -45.26 -22.49 -7.35
CA LYS D 361 -43.89 -22.02 -7.64
C LYS D 361 -43.69 -20.63 -7.07
N TYR D 362 -42.56 -20.44 -6.38
CA TYR D 362 -42.33 -19.15 -5.71
C TYR D 362 -40.86 -18.69 -5.65
N SER D 363 -40.01 -19.26 -6.47
CA SER D 363 -38.57 -18.94 -6.43
C SER D 363 -37.85 -19.34 -7.71
N TRP D 364 -36.79 -18.59 -8.06
CA TRP D 364 -35.85 -18.98 -9.12
C TRP D 364 -34.79 -19.98 -8.62
N VAL D 365 -34.77 -20.28 -7.32
CA VAL D 365 -33.83 -21.24 -6.75
C VAL D 365 -34.41 -22.63 -6.92
N LYS D 366 -33.61 -23.57 -7.41
CA LYS D 366 -33.96 -25.00 -7.43
C LYS D 366 -33.83 -25.60 -6.02
N SER D 367 -34.33 -26.83 -5.85
CA SER D 367 -34.34 -27.51 -4.57
C SER D 367 -33.44 -28.73 -4.58
N PRO D 368 -32.24 -28.60 -4.05
CA PRO D 368 -31.32 -29.78 -4.10
C PRO D 368 -31.56 -30.74 -2.93
N THR D 369 -31.32 -32.02 -3.18
CA THR D 369 -31.36 -33.07 -2.19
C THR D 369 -30.18 -33.98 -2.36
N PHE D 370 -29.88 -34.68 -1.27
CA PHE D 370 -28.84 -35.69 -1.25
C PHE D 370 -29.50 -37.01 -0.85
N TYR D 371 -29.51 -37.96 -1.78
CA TYR D 371 -30.31 -39.21 -1.63
C TYR D 371 -31.71 -38.92 -1.08
N GLY D 372 -32.34 -37.87 -1.65
CA GLY D 372 -33.70 -37.55 -1.30
C GLY D 372 -33.92 -36.74 -0.05
N LYS D 373 -32.83 -36.31 0.63
CA LYS D 373 -32.92 -35.55 1.87
C LYS D 373 -32.50 -34.10 1.70
N THR D 374 -33.09 -33.22 2.51
CA THR D 374 -32.63 -31.82 2.57
C THR D 374 -31.38 -31.74 3.44
N VAL D 375 -30.45 -30.89 3.04
CA VAL D 375 -29.14 -30.82 3.67
C VAL D 375 -28.72 -29.38 3.80
N GLU D 376 -28.11 -29.04 4.95
CA GLU D 376 -27.46 -27.75 5.15
C GLU D 376 -26.00 -27.90 4.74
N VAL D 377 -25.51 -26.90 4.04
CA VAL D 377 -24.11 -26.77 3.63
C VAL D 377 -23.57 -25.48 4.25
N GLY D 378 -22.25 -25.34 4.22
CA GLY D 378 -21.59 -24.13 4.68
C GLY D 378 -20.81 -24.33 5.95
N PRO D 379 -20.40 -23.19 6.57
CA PRO D 379 -19.44 -23.35 7.64
C PRO D 379 -19.90 -24.20 8.83
N LEU D 380 -21.19 -24.21 9.15
CA LEU D 380 -21.67 -25.10 10.21
C LEU D 380 -21.48 -26.55 9.82
N ALA D 381 -21.86 -26.87 8.60
CA ALA D 381 -21.60 -28.21 8.08
C ALA D 381 -20.12 -28.56 8.09
N ASN D 382 -19.28 -27.60 7.61
CA ASN D 382 -17.88 -27.90 7.51
C ASN D 382 -17.23 -28.09 8.89
N MET D 383 -17.65 -27.30 9.88
CA MET D 383 -17.16 -27.46 11.24
C MET D 383 -17.60 -28.79 11.83
N LEU D 384 -18.90 -29.10 11.69
CA LEU D 384 -19.38 -30.37 12.25
C LEU D 384 -18.68 -31.58 11.64
N VAL D 385 -18.43 -31.54 10.33
CA VAL D 385 -17.70 -32.62 9.68
C VAL D 385 -16.27 -32.72 10.22
N LYS D 386 -15.61 -31.58 10.42
CA LYS D 386 -14.26 -31.60 10.94
C LYS D 386 -14.21 -32.14 12.37
N LEU D 387 -15.20 -31.80 13.17
CA LEU D 387 -15.33 -32.36 14.52
C LEU D 387 -15.58 -33.87 14.47
N ALA D 388 -16.43 -34.28 13.54
CA ALA D 388 -16.67 -35.72 13.35
C ALA D 388 -15.42 -36.48 12.93
N ALA D 389 -14.58 -35.86 12.10
CA ALA D 389 -13.30 -36.40 11.67
C ALA D 389 -12.22 -36.40 12.77
N GLY D 390 -12.51 -35.76 13.90
CA GLY D 390 -11.54 -35.64 14.99
C GLY D 390 -10.38 -34.70 14.66
N ARG D 391 -10.63 -33.70 13.81
CA ARG D 391 -9.57 -32.76 13.42
C ARG D 391 -9.22 -31.92 14.63
N GLU D 392 -7.98 -32.07 15.11
CA GLU D 392 -7.51 -31.37 16.31
C GLU D 392 -7.50 -29.87 16.19
N SER D 393 -7.11 -29.36 15.01
CA SER D 393 -7.08 -27.91 14.77
C SER D 393 -8.46 -27.28 14.99
N THR D 394 -9.48 -27.96 14.51
CA THR D 394 -10.84 -27.49 14.61
C THR D 394 -11.33 -27.55 16.04
N GLN D 395 -11.16 -28.71 16.69
CA GLN D 395 -11.48 -28.86 18.10
C GLN D 395 -10.83 -27.74 18.95
N ASN D 396 -9.55 -27.50 18.72
CA ASN D 396 -8.79 -26.55 19.53
C ASN D 396 -9.26 -25.12 19.29
N LYS D 397 -9.60 -24.81 18.05
CA LYS D 397 -10.05 -23.44 17.71
C LYS D 397 -11.44 -23.18 18.28
N LEU D 398 -12.32 -24.18 18.15
CA LEU D 398 -13.65 -24.07 18.73
C LEU D 398 -13.53 -23.90 20.24
N ASN D 399 -12.65 -24.67 20.86
CA ASN D 399 -12.44 -24.61 22.29
C ASN D 399 -11.98 -23.21 22.72
N GLU D 400 -11.22 -22.50 21.88
CA GLU D 400 -10.83 -21.12 22.24
C GLU D 400 -12.01 -20.17 22.33
N ILE D 401 -12.93 -20.30 21.38
CA ILE D 401 -14.13 -19.51 21.39
C ILE D 401 -15.00 -19.89 22.62
N VAL D 402 -15.11 -21.19 22.88
CA VAL D 402 -15.89 -21.64 24.02
C VAL D 402 -15.30 -21.09 25.33
N ALA D 403 -13.98 -21.07 25.45
CA ALA D 403 -13.32 -20.60 26.66
C ALA D 403 -13.63 -19.13 26.91
N ILE D 404 -13.64 -18.32 25.86
CA ILE D 404 -13.97 -16.89 26.03
C ILE D 404 -15.42 -16.76 26.49
N TYR D 405 -16.30 -17.51 25.83
CA TYR D 405 -17.72 -17.57 26.21
C TYR D 405 -17.90 -17.98 27.69
N GLN D 406 -17.14 -18.98 28.09
CA GLN D 406 -17.17 -19.47 29.48
C GLN D 406 -16.75 -18.39 30.44
N LYS D 407 -15.64 -17.71 30.14
CA LYS D 407 -15.10 -16.64 30.97
C LYS D 407 -16.14 -15.53 31.11
N LEU D 408 -16.84 -15.19 30.04
CA LEU D 408 -17.81 -14.10 30.11
C LEU D 408 -19.11 -14.46 30.81
N THR D 409 -19.55 -15.71 30.73
CA THR D 409 -20.92 -16.12 31.17
C THR D 409 -20.98 -17.11 32.33
N GLY D 410 -19.89 -17.82 32.62
CA GLY D 410 -19.92 -18.91 33.57
C GLY D 410 -20.56 -20.17 33.06
N ASN D 411 -20.88 -20.23 31.75
CA ASN D 411 -21.56 -21.38 31.12
C ASN D 411 -20.71 -21.96 30.02
N THR D 412 -20.96 -23.20 29.68
CA THR D 412 -20.26 -23.75 28.55
C THR D 412 -21.18 -23.89 27.34
N LEU D 413 -20.55 -24.23 26.23
CA LEU D 413 -21.22 -24.46 24.96
C LEU D 413 -20.99 -25.89 24.62
N GLU D 414 -22.07 -26.63 24.40
CA GLU D 414 -21.98 -28.00 23.92
C GLU D 414 -22.34 -28.09 22.45
N VAL D 415 -21.98 -29.20 21.82
CA VAL D 415 -22.15 -29.41 20.36
C VAL D 415 -23.61 -29.27 19.94
N ALA D 416 -24.55 -29.66 20.81
CA ALA D 416 -25.98 -29.49 20.48
C ALA D 416 -26.35 -28.02 20.27
N GLN D 417 -25.67 -27.11 20.97
CA GLN D 417 -25.95 -25.69 20.84
C GLN D 417 -25.38 -25.09 19.52
N LEU D 418 -24.57 -25.86 18.80
CA LEU D 418 -24.04 -25.40 17.52
C LEU D 418 -25.04 -25.51 16.38
N HIS D 419 -26.14 -26.26 16.57
CA HIS D 419 -27.12 -26.41 15.56
C HIS D 419 -28.10 -25.25 15.65
N SER D 420 -27.63 -24.06 15.29
CA SER D 420 -28.30 -22.84 15.63
C SER D 420 -27.78 -21.69 14.82
N THR D 421 -28.50 -20.57 14.89
CA THR D 421 -28.04 -19.33 14.28
C THR D 421 -26.61 -18.98 14.71
N LEU D 422 -26.36 -18.94 16.02
CA LEU D 422 -25.01 -18.63 16.50
C LEU D 422 -24.00 -19.72 16.21
N GLY D 423 -24.42 -20.97 16.16
CA GLY D 423 -23.51 -22.04 15.82
C GLY D 423 -22.95 -21.89 14.40
N ARG D 424 -23.82 -21.44 13.51
CA ARG D 424 -23.48 -21.20 12.14
C ARG D 424 -22.42 -20.10 12.00
N ILE D 425 -22.63 -19.04 12.77
CA ILE D 425 -21.69 -17.91 12.85
C ILE D 425 -20.34 -18.39 13.41
N ILE D 426 -20.39 -19.18 14.48
CA ILE D 426 -19.22 -19.74 15.08
C ILE D 426 -18.44 -20.63 14.08
N GLY D 427 -19.14 -21.47 13.34
CA GLY D 427 -18.48 -22.28 12.29
C GLY D 427 -17.70 -21.45 11.28
N ARG D 428 -18.30 -20.33 10.91
CA ARG D 428 -17.67 -19.44 9.95
C ARG D 428 -16.39 -18.81 10.51
N THR D 429 -16.45 -18.36 11.74
CA THR D 429 -15.27 -17.82 12.41
C THR D 429 -14.18 -18.86 12.57
N VAL D 430 -14.55 -20.06 12.99
CA VAL D 430 -13.58 -21.14 13.10
C VAL D 430 -12.88 -21.36 11.74
N HIS D 431 -13.67 -21.43 10.66
CA HIS D 431 -13.13 -21.61 9.33
C HIS D 431 -12.10 -20.52 9.03
N CYS D 432 -12.49 -19.26 9.26
CA CYS D 432 -11.59 -18.13 8.94
C CYS D 432 -10.26 -18.29 9.70
N CYS D 433 -10.33 -18.63 10.98
CA CYS D 433 -9.14 -18.85 11.80
C CYS D 433 -8.27 -19.98 11.24
N GLU D 434 -8.88 -21.12 10.94
CA GLU D 434 -8.13 -22.23 10.39
C GLU D 434 -7.46 -21.97 9.04
N LEU D 435 -8.09 -21.12 8.23
CA LEU D 435 -7.55 -20.74 6.95
C LEU D 435 -6.20 -20.02 7.00
N GLN D 436 -5.90 -19.39 8.13
CA GLN D 436 -4.60 -18.67 8.20
C GLN D 436 -3.47 -19.67 8.22
N ASP D 437 -3.69 -20.84 8.82
CA ASP D 437 -2.67 -21.91 8.78
C ASP D 437 -2.57 -22.52 7.40
N ILE D 438 -3.70 -22.60 6.68
CA ILE D 438 -3.68 -23.07 5.28
C ILE D 438 -2.78 -22.17 4.45
N LEU D 439 -2.95 -20.83 4.62
CA LEU D 439 -2.13 -19.89 3.87
C LEU D 439 -0.64 -20.05 4.15
N GLN D 440 -0.29 -20.16 5.42
CA GLN D 440 1.12 -20.37 5.79
C GLN D 440 1.68 -21.68 5.23
N ASN D 441 0.87 -22.75 5.32
CA ASN D 441 1.28 -24.08 4.88
C ASN D 441 1.52 -24.09 3.39
N GLN D 442 0.59 -23.49 2.63
CA GLN D 442 0.71 -23.55 1.17
C GLN D 442 1.77 -22.62 0.60
N TYR D 443 1.94 -21.43 1.21
CA TYR D 443 3.03 -20.56 0.82
C TYR D 443 4.37 -21.32 1.00
N SER D 444 4.54 -21.91 2.17
CA SER D 444 5.78 -22.65 2.46
C SER D 444 5.99 -23.84 1.49
N ALA D 445 4.91 -24.57 1.22
CA ALA D 445 4.97 -25.68 0.25
C ALA D 445 5.42 -25.23 -1.13
N LEU D 446 4.90 -24.09 -1.58
CA LEU D 446 5.26 -23.54 -2.88
C LEU D 446 6.76 -23.16 -2.93
N ILE D 447 7.22 -22.41 -1.93
CA ILE D 447 8.62 -22.07 -1.81
C ILE D 447 9.55 -23.28 -1.84
N THR D 448 9.17 -24.30 -1.08
CA THR D 448 9.95 -25.52 -0.98
C THR D 448 9.96 -26.23 -2.32
N ASN D 449 8.81 -26.35 -2.93
CA ASN D 449 8.74 -27.06 -4.22
C ASN D 449 9.50 -26.38 -5.33
N ILE D 450 9.40 -25.04 -5.42
CA ILE D 450 10.20 -24.29 -6.41
C ILE D 450 11.69 -24.56 -6.17
N GLY D 451 12.06 -24.64 -4.90
CA GLY D 451 13.43 -24.95 -4.52
C GLY D 451 13.97 -26.30 -4.93
N LYS D 452 13.09 -27.27 -5.14
CA LYS D 452 13.45 -28.60 -5.65
C LYS D 452 13.63 -28.59 -7.14
N GLY D 453 13.31 -27.46 -7.80
CA GLY D 453 13.51 -27.30 -9.23
C GLY D 453 12.21 -27.50 -9.99
N ASP D 454 11.06 -27.56 -9.30
CA ASP D 454 9.79 -27.72 -10.00
C ASP D 454 9.14 -26.35 -10.26
N HIS D 455 9.16 -25.93 -11.49
CA HIS D 455 8.51 -24.68 -11.89
C HIS D 455 7.27 -24.94 -12.74
N THR D 456 6.83 -26.20 -12.80
CA THR D 456 5.69 -26.57 -13.68
C THR D 456 4.37 -26.02 -13.09
N THR D 457 3.57 -25.46 -13.97
CA THR D 457 2.31 -24.80 -13.61
C THR D 457 1.15 -25.21 -14.47
N PHE D 458 1.40 -25.82 -15.60
CA PHE D 458 0.32 -26.05 -16.58
C PHE D 458 0.63 -27.26 -17.46
N VAL D 459 -0.39 -28.06 -17.70
CA VAL D 459 -0.34 -29.15 -18.67
C VAL D 459 -1.46 -28.90 -19.69
N LYS D 460 -1.07 -28.74 -20.95
CA LYS D 460 -1.99 -28.44 -22.03
C LYS D 460 -2.96 -29.58 -22.26
N PRO D 461 -4.25 -29.30 -22.19
CA PRO D 461 -5.21 -30.38 -22.45
C PRO D 461 -5.45 -30.68 -23.91
N ASN D 462 -5.89 -31.93 -24.15
CA ASN D 462 -6.52 -32.27 -25.42
C ASN D 462 -7.98 -32.64 -25.16
N ILE D 463 -8.82 -32.32 -26.12
CA ILE D 463 -10.26 -32.59 -26.02
C ILE D 463 -10.70 -33.37 -27.24
N PRO D 464 -10.99 -34.67 -27.07
CA PRO D 464 -11.47 -35.46 -28.23
C PRO D 464 -12.65 -34.80 -28.94
N ALA D 465 -12.65 -34.87 -30.26
CA ALA D 465 -13.68 -34.22 -31.07
C ALA D 465 -14.93 -35.09 -31.19
N THR D 466 -14.87 -36.34 -30.74
CA THR D 466 -16.03 -37.24 -30.64
C THR D 466 -16.12 -37.78 -29.23
N GLY D 467 -17.21 -38.44 -28.93
CA GLY D 467 -17.40 -38.99 -27.61
C GLY D 467 -18.14 -38.00 -26.72
N GLU D 468 -18.73 -38.51 -25.66
CA GLU D 468 -19.39 -37.73 -24.64
C GLU D 468 -18.71 -38.03 -23.30
N PHE D 469 -18.28 -36.98 -22.62
CA PHE D 469 -17.45 -37.01 -21.40
C PHE D 469 -18.18 -36.18 -20.37
N LYS D 470 -18.26 -36.68 -19.15
CA LYS D 470 -18.97 -36.00 -18.07
C LYS D 470 -17.93 -35.72 -16.97
N GLY D 471 -17.95 -34.51 -16.43
CA GLY D 471 -17.04 -34.14 -15.34
C GLY D 471 -17.77 -33.33 -14.29
N VAL D 472 -17.27 -33.41 -13.05
CA VAL D 472 -17.78 -32.62 -11.97
C VAL D 472 -16.62 -32.04 -11.16
N GLY D 473 -16.74 -30.76 -10.86
CA GLY D 473 -15.79 -30.03 -10.04
C GLY D 473 -16.41 -29.63 -8.74
N PHE D 474 -15.88 -30.16 -7.65
CA PHE D 474 -16.29 -29.83 -6.27
C PHE D 474 -15.35 -28.82 -5.65
N LEU D 475 -15.91 -27.97 -4.81
CA LEU D 475 -15.12 -26.97 -4.09
C LEU D 475 -15.84 -26.61 -2.81
N GLU D 476 -15.10 -26.49 -1.70
CA GLU D 476 -15.70 -26.02 -0.44
C GLU D 476 -15.60 -24.50 -0.39
N ALA D 477 -16.66 -23.85 -0.84
CA ALA D 477 -16.72 -22.39 -0.98
C ALA D 477 -16.99 -21.76 0.40
N PRO D 478 -16.92 -20.41 0.48
CA PRO D 478 -17.21 -19.78 1.78
C PRO D 478 -18.59 -20.13 2.35
N ARG D 479 -19.53 -20.36 1.46
CA ARG D 479 -20.91 -20.64 1.85
C ARG D 479 -21.25 -22.11 1.81
N GLY D 480 -20.30 -22.95 1.44
CA GLY D 480 -20.45 -24.42 1.49
C GLY D 480 -20.12 -25.12 0.20
N MET D 481 -20.49 -26.39 0.13
CA MET D 481 -20.14 -27.21 -1.04
C MET D 481 -20.75 -26.66 -2.34
N LEU D 482 -19.86 -26.44 -3.30
CA LEU D 482 -20.17 -26.00 -4.65
C LEU D 482 -19.82 -27.12 -5.60
N SER D 483 -20.64 -27.30 -6.64
CA SER D 483 -20.31 -28.25 -7.70
C SER D 483 -20.77 -27.72 -9.05
N HIS D 484 -19.89 -27.83 -10.03
CA HIS D 484 -20.15 -27.55 -11.42
C HIS D 484 -20.08 -28.86 -12.16
N TRP D 485 -21.06 -29.06 -13.07
CA TRP D 485 -21.26 -30.34 -13.75
C TRP D 485 -21.26 -30.06 -15.26
N MET D 486 -20.27 -30.57 -15.95
CA MET D 486 -20.04 -30.30 -17.40
C MET D 486 -20.21 -31.60 -18.17
N VAL D 487 -20.99 -31.57 -19.23
CA VAL D 487 -21.03 -32.64 -20.17
C VAL D 487 -20.44 -32.08 -21.46
N ILE D 488 -19.47 -32.80 -22.01
CA ILE D 488 -18.84 -32.47 -23.27
C ILE D 488 -19.26 -33.49 -24.33
N LYS D 489 -19.70 -32.99 -25.50
CA LYS D 489 -20.10 -33.87 -26.61
C LYS D 489 -19.59 -33.22 -27.88
N ASP D 490 -18.88 -33.99 -28.66
CA ASP D 490 -18.28 -33.50 -29.89
C ASP D 490 -17.46 -32.22 -29.69
N GLY D 491 -16.70 -32.22 -28.59
CA GLY D 491 -15.73 -31.13 -28.35
C GLY D 491 -16.30 -29.91 -27.66
N ILE D 492 -17.63 -29.79 -27.48
CA ILE D 492 -18.22 -28.60 -26.90
C ILE D 492 -19.10 -28.93 -25.72
N ILE D 493 -19.43 -27.91 -24.93
CA ILE D 493 -20.24 -28.12 -23.75
C ILE D 493 -21.68 -28.39 -24.21
N SER D 494 -22.18 -29.58 -23.94
CA SER D 494 -23.55 -29.92 -24.28
C SER D 494 -24.50 -29.74 -23.11
N ASN D 495 -24.00 -29.78 -21.88
CA ASN D 495 -24.80 -29.42 -20.72
C ASN D 495 -23.89 -28.83 -19.69
N TYR D 496 -24.40 -27.85 -18.97
CA TYR D 496 -23.64 -27.26 -17.85
C TYR D 496 -24.64 -26.95 -16.74
N GLN D 497 -24.39 -27.47 -15.54
CA GLN D 497 -25.26 -27.25 -14.38
C GLN D 497 -24.40 -26.91 -13.18
N ALA D 498 -24.73 -25.82 -12.54
CA ALA D 498 -24.12 -25.43 -11.27
C ALA D 498 -25.10 -25.70 -10.15
N VAL D 499 -24.62 -26.36 -9.12
CA VAL D 499 -25.40 -26.55 -7.89
C VAL D 499 -24.59 -25.85 -6.79
N VAL D 500 -25.12 -24.78 -6.25
CA VAL D 500 -24.31 -23.80 -5.54
C VAL D 500 -24.72 -23.84 -4.06
N PRO D 501 -23.83 -23.50 -3.11
CA PRO D 501 -24.22 -23.76 -1.73
C PRO D 501 -25.47 -23.03 -1.29
N SER D 502 -25.65 -21.78 -1.72
CA SER D 502 -26.87 -21.08 -1.38
C SER D 502 -28.10 -21.71 -2.01
N THR D 503 -27.93 -22.46 -3.10
CA THR D 503 -29.05 -23.25 -3.65
C THR D 503 -29.51 -24.28 -2.63
N TRP D 504 -28.58 -25.02 -2.06
CA TRP D 504 -28.92 -26.01 -1.03
C TRP D 504 -29.68 -25.36 0.11
N ASN D 505 -29.20 -24.22 0.62
CA ASN D 505 -29.75 -23.66 1.84
C ASN D 505 -31.02 -22.84 1.59
N SER D 506 -31.09 -22.13 0.46
CA SER D 506 -32.19 -21.18 0.19
C SER D 506 -33.29 -21.78 -0.68
N GLY D 507 -33.08 -23.00 -1.19
CA GLY D 507 -34.02 -23.57 -2.15
C GLY D 507 -35.39 -23.74 -1.52
N PRO D 508 -36.44 -23.62 -2.34
CA PRO D 508 -37.82 -23.69 -1.84
C PRO D 508 -38.24 -25.13 -1.54
N ARG D 509 -39.48 -25.28 -1.13
CA ARG D 509 -39.97 -26.62 -0.83
C ARG D 509 -39.71 -27.57 -2.01
N ASN D 510 -39.36 -28.82 -1.74
CA ASN D 510 -38.84 -29.69 -2.76
C ASN D 510 -39.92 -30.60 -3.36
N PHE D 511 -39.51 -31.58 -4.14
CA PHE D 511 -40.46 -32.46 -4.82
C PHE D 511 -41.45 -33.16 -3.87
N ASN D 512 -40.98 -33.44 -2.66
CA ASN D 512 -41.81 -34.02 -1.58
C ASN D 512 -42.39 -32.99 -0.60
N ASP D 513 -42.35 -31.73 -1.02
CA ASP D 513 -42.76 -30.56 -0.26
C ASP D 513 -42.01 -30.38 1.06
N ASP D 514 -40.82 -30.99 1.20
CA ASP D 514 -39.95 -30.82 2.37
C ASP D 514 -39.28 -29.44 2.32
N VAL D 515 -39.05 -28.91 3.50
CA VAL D 515 -38.67 -27.55 3.69
C VAL D 515 -37.17 -27.50 3.74
N GLY D 516 -36.58 -26.57 2.99
CA GLY D 516 -35.12 -26.34 2.97
C GLY D 516 -34.61 -25.56 4.18
N PRO D 517 -33.28 -25.43 4.34
CA PRO D 517 -32.74 -24.86 5.57
C PRO D 517 -33.18 -23.44 5.93
N TYR D 518 -33.24 -22.46 5.01
CA TYR D 518 -33.68 -21.12 5.41
C TYR D 518 -35.10 -21.19 5.96
N GLU D 519 -35.96 -21.88 5.24
CA GLU D 519 -37.40 -21.94 5.60
C GLU D 519 -37.62 -22.63 6.93
N GLN D 520 -36.88 -23.71 7.14
CA GLN D 520 -36.94 -24.48 8.39
C GLN D 520 -36.40 -23.69 9.55
N SER D 521 -35.29 -23.00 9.32
CA SER D 521 -34.61 -22.27 10.39
C SER D 521 -35.47 -21.17 11.03
N LEU D 522 -36.45 -20.66 10.29
CA LEU D 522 -37.25 -19.56 10.73
C LEU D 522 -38.44 -20.01 11.58
N VAL D 523 -38.80 -21.28 11.55
CA VAL D 523 -39.97 -21.75 12.30
C VAL D 523 -39.63 -21.55 13.77
N GLY D 524 -40.55 -20.91 14.49
CA GLY D 524 -40.30 -20.64 15.91
C GLY D 524 -39.60 -19.34 16.23
N THR D 525 -39.26 -18.53 15.22
CA THR D 525 -38.57 -17.28 15.49
C THR D 525 -39.51 -16.30 16.16
N PRO D 526 -39.14 -15.78 17.32
CA PRO D 526 -40.02 -14.75 17.88
C PRO D 526 -39.88 -13.45 17.12
N VAL D 527 -40.98 -12.73 16.97
CA VAL D 527 -40.99 -11.46 16.28
C VAL D 527 -41.77 -10.46 17.14
N ALA D 528 -41.05 -9.54 17.76
CA ALA D 528 -41.63 -8.58 18.71
C ALA D 528 -42.48 -7.56 17.94
N ASP D 529 -41.98 -7.20 16.73
CA ASP D 529 -42.69 -6.15 15.97
C ASP D 529 -42.73 -6.67 14.55
N PRO D 530 -43.91 -7.15 14.11
CA PRO D 530 -43.99 -7.68 12.73
C PRO D 530 -43.70 -6.66 11.60
N ASN D 531 -43.84 -5.37 11.85
CA ASN D 531 -43.44 -4.35 10.88
C ASN D 531 -41.90 -4.23 10.70
N LYS D 532 -41.14 -4.61 11.74
CA LYS D 532 -39.66 -4.53 11.77
C LYS D 532 -39.05 -5.86 12.25
N PRO D 533 -39.12 -6.89 11.41
CA PRO D 533 -38.82 -8.29 11.79
C PRO D 533 -37.32 -8.61 11.79
N LEU D 534 -36.62 -7.91 12.66
CA LEU D 534 -35.19 -8.00 12.81
C LEU D 534 -34.74 -9.45 13.12
N GLU D 535 -35.54 -10.14 13.93
CA GLU D 535 -35.22 -11.51 14.33
C GLU D 535 -35.15 -12.46 13.14
N VAL D 536 -35.98 -12.21 12.14
CA VAL D 536 -36.00 -13.04 10.94
C VAL D 536 -34.68 -12.87 10.16
N VAL D 537 -34.33 -11.60 9.95
CA VAL D 537 -33.12 -11.25 9.23
C VAL D 537 -31.87 -11.76 9.95
N ARG D 538 -31.86 -11.72 11.30
CA ARG D 538 -30.75 -12.33 12.07
C ARG D 538 -30.46 -13.79 11.70
N THR D 539 -31.51 -14.62 11.66
CA THR D 539 -31.32 -16.00 11.28
C THR D 539 -30.93 -16.16 9.82
N ILE D 540 -31.61 -15.45 8.94
CA ILE D 540 -31.30 -15.60 7.52
C ILE D 540 -29.84 -15.18 7.21
N HIS D 541 -29.42 -14.04 7.77
CA HIS D 541 -28.03 -13.58 7.58
C HIS D 541 -27.02 -14.61 8.04
N SER D 542 -27.37 -15.44 9.04
CA SER D 542 -26.39 -16.42 9.57
C SER D 542 -25.91 -17.41 8.53
N PHE D 543 -26.75 -17.65 7.51
CA PHE D 543 -26.40 -18.51 6.38
C PHE D 543 -25.57 -17.85 5.30
N ASP D 544 -25.36 -16.53 5.41
CA ASP D 544 -24.60 -15.73 4.42
C ASP D 544 -25.17 -15.87 3.01
N PRO D 545 -26.46 -15.51 2.82
CA PRO D 545 -27.06 -15.75 1.53
C PRO D 545 -26.38 -15.07 0.37
N CSO D 546 -26.26 -15.79 -0.74
CA CSO D 546 -25.81 -15.21 -1.98
CB CSO D 546 -24.40 -15.62 -2.22
SG CSO D 546 -23.70 -14.84 -3.66
C CSO D 546 -26.76 -15.68 -3.04
O CSO D 546 -26.75 -16.83 -3.44
OD CSO D 546 -24.87 -14.56 -4.84
N MET D 547 -27.65 -14.78 -3.47
CA MET D 547 -28.68 -15.18 -4.41
C MET D 547 -28.28 -15.18 -5.87
N ALA D 548 -27.26 -14.40 -6.26
CA ALA D 548 -26.66 -14.59 -7.59
C ALA D 548 -26.10 -16.02 -7.69
N CYS D 549 -25.45 -16.45 -6.63
CA CYS D 549 -25.00 -17.84 -6.53
C CYS D 549 -26.19 -18.83 -6.53
N ALA D 550 -27.19 -18.56 -5.72
CA ALA D 550 -28.28 -19.55 -5.54
C ALA D 550 -28.98 -19.83 -6.86
N VAL D 551 -29.19 -18.77 -7.66
CA VAL D 551 -30.00 -18.84 -8.88
C VAL D 551 -29.21 -18.96 -10.17
N HIS D 552 -28.15 -18.14 -10.29
CA HIS D 552 -27.32 -18.09 -11.47
C HIS D 552 -28.16 -17.96 -12.75
FE1 SF4 E . 9.88 5.41 -25.45
FE2 SF4 E . 11.76 5.36 -23.41
FE3 SF4 E . 11.57 3.30 -25.21
FE4 SF4 E . 9.65 3.67 -23.35
S1 SF4 E . 11.89 3.13 -22.95
S2 SF4 E . 9.29 3.22 -25.60
S3 SF4 E . 9.52 5.93 -23.24
S4 SF4 E . 12.20 5.42 -25.68
FE1 F3S F . 17.38 5.02 -13.42
FE3 F3S F . 15.30 3.42 -13.93
FE4 F3S F . 16.19 5.04 -15.87
S1 F3S F . 15.71 4.56 -12.05
S2 F3S F . 17.17 6.84 -14.77
S3 F3S F . 17.34 3.30 -14.94
S4 F3S F . 14.09 4.70 -15.30
FE1 SF4 G . 23.89 7.62 -3.88
FE2 SF4 G . 25.71 6.32 -5.47
FE3 SF4 G . 23.28 6.77 -6.30
FE4 SF4 G . 23.47 4.99 -4.23
S1 SF4 G . 24.31 4.77 -6.38
S2 SF4 G . 21.90 6.62 -4.51
S3 SF4 G . 25.35 6.00 -3.18
S4 SF4 G . 24.83 8.37 -5.74
FE FCO H . 21.32 18.24 3.07
C1 FCO H . 22.38 19.11 4.32
N1 FCO H . 23.03 19.67 5.11
C2 FCO H . 19.77 18.73 3.94
N2 FCO H . 18.81 19.05 4.49
C3 FCO H . 21.09 19.70 2.07
O3 FCO H . 20.96 20.62 1.43
NI NI I . 22.09 15.55 3.06
MG MG J . 30.77 23.82 -1.84
S1 DTN K . 3.25 0.37 5.72
O1 DTN K . 3.93 0.18 7.35
O2 DTN K . 4.16 1.74 5.17
S2 DTN K . 4.05 -1.22 4.77
O3 DTN K . 3.33 -2.62 5.57
O4 DTN K . 3.16 -1.04 3.27
S1 DTN L . 0.28 27.35 5.38
O1 DTN L . 0.76 27.33 7.07
O2 DTN L . -1.49 27.24 5.44
S2 DTN L . 0.23 29.32 5.51
O3 DTN L . 1.79 30.14 5.15
O4 DTN L . -0.75 29.87 4.10
FE1 SF4 M . 0.87 -8.53 -26.51
FE2 SF4 M . -1.66 -8.32 -25.39
FE3 SF4 M . -0.72 -6.46 -27.19
FE4 SF4 M . 0.28 -6.59 -24.70
S1 SF4 M . -1.90 -6.06 -25.27
S2 SF4 M . 1.50 -6.35 -26.60
S3 SF4 M . 0.30 -8.83 -24.29
S4 SF4 M . -1.15 -8.67 -27.63
FE1 F3S N . -10.75 -7.01 -18.57
FE3 F3S N . -8.60 -5.44 -18.39
FE4 F3S N . -8.70 -7.28 -20.30
S1 F3S N . -9.76 -6.37 -16.72
S2 F3S N . -10.07 -8.96 -19.48
S3 F3S N . -10.07 -5.46 -20.14
S4 F3S N . -6.99 -6.85 -19.02
FE1 SF4 O . -19.01 -8.10 -14.22
FE2 SF4 O . -20.57 -8.67 -12.17
FE3 SF4 O . -21.58 -7.60 -14.47
FE4 SF4 O . -19.99 -6.11 -12.62
S1 SF4 O . -22.13 -6.99 -12.32
S2 SF4 O . -19.89 -6.15 -14.94
S3 SF4 O . -18.49 -7.71 -12.06
S4 SF4 O . -20.67 -9.65 -14.19
FE FCO P . -21.23 -18.37 -3.62
C1 FCO P . -22.71 -19.11 -2.84
N1 FCO P . -23.64 -19.59 -2.33
C2 FCO P . -20.18 -18.76 -2.18
N2 FCO P . -19.50 -19.01 -1.22
C3 FCO P . -20.65 -19.94 -4.27
O3 FCO P . -20.29 -20.93 -4.67
NI NI Q . -21.87 -15.73 -4.27
MG MG R . -28.07 -24.68 -11.23
S1 DTN S . -5.24 0.37 3.89
O1 DTN S . -6.50 0.43 5.15
O2 DTN S . -5.86 -1.15 3.26
S2 DTN S . -5.64 1.65 2.46
O3 DTN S . -5.42 3.25 3.19
O4 DTN S . -4.18 1.32 1.53
S1 DTN T . -2.97 -26.59 7.92
O1 DTN T . -4.27 -26.64 9.09
O2 DTN T . -1.45 -26.63 8.87
S2 DTN T . -3.04 -28.47 7.52
O3 DTN T . -1.59 -29.17 8.30
O4 DTN T . -4.32 -29.17 8.54
#